data_6U4Y
#
_entry.id   6U4Y
#
_cell.length_a   181.632
_cell.length_b   114.721
_cell.length_c   131.524
_cell.angle_alpha   90.000
_cell.angle_beta   90.000
_cell.angle_gamma   90.000
#
_symmetry.space_group_name_H-M   'P 2 2 21'
#
loop_
_entity.id
_entity.type
_entity.pdbx_description
1 polymer 'Histone-lysine N-methyltransferase EZH2'
2 polymer 'Polycomb protein EED'
#
loop_
_entity_poly.entity_id
_entity_poly.type
_entity_poly.pdbx_seq_one_letter_code
_entity_poly.pdbx_strand_id
1 'polypeptide(L)'
;SGQTGKKSEKGPVCWRKRVKSEYMRLRQLKRFRRADEVKSMFSSNRQKILERTEILNQEWKQRRIQPVHILSSVSSLRGT
RECSVTSDLDFPTQVIPLKTLNAVASVPIMYSWSPLQQNFMVEDETVLHNIPYMGDEVLDQDGTFIEELIKNYDGKVHGD
RECGFINDEIFVELVNALGQYNGSSGSDKIFEAISSMFPDKGTAEELKEKYKELTEQQLPGALP
;
A,B,C
2 'polypeptide(L)'
;GSCKYSFKCVNSLKEDHNQPLFGVQFNWHSKEGDPLVFATVGSNRVTLYECHSQGEIRLLQSYVDADADENFYTCAWTYD
SNTSHPLLAVAGSRGIIRIINPITMQCIKHYVGHGNAINELKFHPRDPNLLLSVSKDHALRLWNIQTDTLVAIFGGVEGH
RDEVLSADYDLLGEKIMSCGMDHSLKLWRINSKRMMNAIKESYDYNPNKTNRPFISQKIHFPDFSTRDIHRNYVDCVRWL
GDLILSKSCENAIVCWKPGKMEDDIDKIKPSESNVTILGRFDYSQCDIWYMRFSMDFWQKMLALGNQVGKLYVWDLEVED
PHKAKCTTLTHHKCGAAIRQTSFSRDSSILIAVCDDASIWRWDRLR
;
D,E,F
#
# COMPACT_ATOMS: atom_id res chain seq x y z
N PRO A 12 46.84 28.62 -34.44
CA PRO A 12 46.08 29.22 -33.33
C PRO A 12 44.87 28.38 -32.96
N VAL A 13 43.68 28.87 -33.35
CA VAL A 13 42.45 28.09 -33.21
C VAL A 13 42.33 27.04 -34.32
N CYS A 14 43.04 27.22 -35.43
CA CYS A 14 42.93 26.29 -36.55
C CYS A 14 43.59 24.95 -36.24
N TRP A 15 44.64 24.94 -35.41
CA TRP A 15 45.34 23.69 -35.13
C TRP A 15 44.51 22.78 -34.23
N ARG A 16 43.94 23.34 -33.16
CA ARG A 16 43.06 22.56 -32.30
C ARG A 16 41.77 22.19 -33.00
N LYS A 17 41.40 22.92 -34.06
CA LYS A 17 40.39 22.41 -34.97
C LYS A 17 40.85 21.13 -35.66
N ARG A 18 42.10 21.08 -36.11
CA ARG A 18 42.56 19.92 -36.88
C ARG A 18 42.69 18.68 -36.01
N VAL A 19 43.19 18.84 -34.78
CA VAL A 19 43.40 17.69 -33.91
C VAL A 19 42.07 17.17 -33.38
N LYS A 20 41.07 18.04 -33.24
CA LYS A 20 39.75 17.54 -32.85
C LYS A 20 39.15 16.67 -33.95
N SER A 21 39.30 17.09 -35.21
CA SER A 21 38.75 16.29 -36.29
C SER A 21 39.55 15.01 -36.52
N GLU A 22 40.88 15.11 -36.48
CA GLU A 22 41.69 13.91 -36.65
C GLU A 22 41.54 12.94 -35.49
N TYR A 23 41.32 13.47 -34.27
CA TYR A 23 41.18 12.59 -33.12
C TYR A 23 39.91 11.76 -33.21
N MET A 24 38.78 12.42 -33.48
CA MET A 24 37.52 11.68 -33.54
C MET A 24 37.46 10.78 -34.78
N ARG A 25 38.22 11.13 -35.82
CA ARG A 25 38.40 10.19 -36.92
C ARG A 25 39.06 8.90 -36.43
N LEU A 26 40.13 9.04 -35.64
CA LEU A 26 40.88 7.89 -35.17
C LEU A 26 40.15 7.18 -34.03
N ARG A 27 39.35 7.91 -33.26
CA ARG A 27 38.62 7.29 -32.16
C ARG A 27 37.49 6.42 -32.68
N GLN A 28 36.73 6.91 -33.67
CA GLN A 28 35.67 6.09 -34.25
C GLN A 28 36.23 4.85 -34.96
N LEU A 29 37.45 4.91 -35.47
CA LEU A 29 38.02 3.71 -36.08
C LEU A 29 38.27 2.62 -35.03
N LYS A 30 38.62 3.01 -33.80
CA LYS A 30 38.91 1.99 -32.80
C LYS A 30 37.65 1.55 -32.07
N ARG A 31 36.64 2.42 -31.93
CA ARG A 31 35.35 1.91 -31.49
C ARG A 31 34.80 0.91 -32.48
N PHE A 32 34.95 1.17 -33.78
CA PHE A 32 34.58 0.18 -34.79
C PHE A 32 35.31 -1.13 -34.55
N ARG A 33 36.62 -1.06 -34.27
CA ARG A 33 37.39 -2.27 -34.11
C ARG A 33 36.94 -3.05 -32.88
N ARG A 34 36.68 -2.36 -31.77
CA ARG A 34 36.23 -3.08 -30.58
C ARG A 34 34.79 -3.58 -30.76
N ALA A 35 33.95 -2.80 -31.44
CA ALA A 35 32.62 -3.30 -31.76
C ALA A 35 32.69 -4.57 -32.59
N ASP A 36 33.67 -4.64 -33.49
CA ASP A 36 33.86 -5.85 -34.28
C ASP A 36 34.28 -7.03 -33.42
N GLU A 37 35.10 -6.78 -32.40
CA GLU A 37 35.60 -7.89 -31.59
C GLU A 37 34.52 -8.46 -30.68
N VAL A 38 33.66 -7.60 -30.13
CA VAL A 38 32.55 -8.11 -29.31
C VAL A 38 31.51 -8.79 -30.18
N LYS A 39 31.33 -8.30 -31.42
CA LYS A 39 30.47 -9.00 -32.37
C LYS A 39 30.99 -10.41 -32.60
N SER A 40 32.30 -10.54 -32.84
CA SER A 40 32.88 -11.85 -33.08
C SER A 40 32.86 -12.71 -31.82
N MET A 41 33.03 -12.09 -30.65
CA MET A 41 32.99 -12.85 -29.41
C MET A 41 31.60 -13.47 -29.20
N PHE A 42 30.55 -12.71 -29.47
CA PHE A 42 29.19 -13.21 -29.29
C PHE A 42 28.89 -14.36 -30.24
N SER A 43 29.32 -14.24 -31.51
CA SER A 43 28.99 -15.26 -32.49
C SER A 43 29.82 -16.52 -32.28
N SER A 44 31.09 -16.37 -31.88
CA SER A 44 31.87 -17.53 -31.47
C SER A 44 31.23 -18.21 -30.26
N ASN A 45 30.83 -17.43 -29.26
CA ASN A 45 30.18 -17.97 -28.07
C ASN A 45 28.88 -18.67 -28.40
N ARG A 46 28.14 -18.17 -29.41
CA ARG A 46 26.83 -18.72 -29.75
C ARG A 46 26.93 -20.15 -30.24
N GLN A 47 27.98 -20.45 -31.01
CA GLN A 47 28.13 -21.82 -31.49
C GLN A 47 28.49 -22.76 -30.34
N LYS A 48 29.21 -22.27 -29.34
CA LYS A 48 29.42 -23.09 -28.14
C LYS A 48 28.10 -23.36 -27.43
N ILE A 49 27.24 -22.34 -27.31
CA ILE A 49 25.94 -22.55 -26.70
C ILE A 49 25.14 -23.57 -27.51
N LEU A 50 25.12 -23.41 -28.82
CA LEU A 50 24.36 -24.31 -29.68
C LEU A 50 24.87 -25.75 -29.57
N GLU A 51 26.19 -25.93 -29.60
CA GLU A 51 26.75 -27.27 -29.51
C GLU A 51 26.47 -27.90 -28.16
N ARG A 52 26.64 -27.15 -27.06
CA ARG A 52 26.51 -27.74 -25.74
C ARG A 52 25.05 -27.93 -25.33
N THR A 53 24.14 -27.05 -25.77
CA THR A 53 22.74 -27.25 -25.42
C THR A 53 22.14 -28.45 -26.13
N GLU A 54 22.64 -28.79 -27.32
CA GLU A 54 22.13 -30.00 -27.97
C GLU A 54 22.72 -31.27 -27.37
N ILE A 55 23.91 -31.20 -26.77
CA ILE A 55 24.40 -32.33 -26.00
C ILE A 55 23.45 -32.65 -24.85
N LEU A 56 23.07 -31.62 -24.09
CA LEU A 56 22.12 -31.81 -23.00
C LEU A 56 20.74 -32.19 -23.52
N ASN A 57 20.40 -31.74 -24.73
CA ASN A 57 19.09 -32.05 -25.29
C ASN A 57 19.01 -33.50 -25.75
N GLN A 58 20.11 -34.02 -26.31
CA GLN A 58 20.14 -35.43 -26.69
C GLN A 58 20.15 -36.34 -25.48
N GLU A 59 20.83 -35.94 -24.40
CA GLU A 59 20.78 -36.70 -23.16
C GLU A 59 19.37 -36.74 -22.59
N TRP A 60 18.61 -35.65 -22.77
CA TRP A 60 17.26 -35.58 -22.22
C TRP A 60 16.32 -36.53 -22.94
N LYS A 61 16.50 -36.69 -24.25
CA LYS A 61 15.61 -37.53 -25.03
C LYS A 61 15.71 -39.01 -24.66
N GLN A 62 16.75 -39.41 -23.93
CA GLN A 62 16.90 -40.80 -23.51
C GLN A 62 16.10 -41.13 -22.24
N ARG A 63 15.74 -40.15 -21.42
CA ARG A 63 15.08 -40.46 -20.16
C ARG A 63 13.57 -40.26 -20.26
N ARG A 64 12.85 -40.90 -19.31
CA ARG A 64 11.39 -41.09 -19.35
C ARG A 64 10.83 -40.77 -17.96
N ILE A 65 10.73 -39.48 -17.64
CA ILE A 65 10.39 -39.05 -16.29
C ILE A 65 8.88 -39.01 -16.12
N GLN A 66 8.40 -39.52 -14.99
CA GLN A 66 6.97 -39.62 -14.73
C GLN A 66 6.34 -38.24 -14.53
N PRO A 67 5.06 -38.09 -14.85
CA PRO A 67 4.39 -36.80 -14.69
C PRO A 67 3.71 -36.64 -13.34
N VAL A 68 3.57 -35.38 -12.93
CA VAL A 68 3.00 -35.02 -11.63
C VAL A 68 1.47 -35.01 -11.73
N HIS A 69 0.81 -35.37 -10.62
CA HIS A 69 -0.63 -35.56 -10.62
C HIS A 69 -1.26 -34.94 -9.37
N ILE A 70 -2.58 -34.70 -9.46
CA ILE A 70 -3.27 -33.80 -8.53
C ILE A 70 -3.48 -34.47 -7.16
N LEU A 71 -3.70 -33.63 -6.14
CA LEU A 71 -3.76 -33.98 -4.70
C LEU A 71 -3.10 -35.31 -4.32
N THR A 80 -6.45 -32.10 6.18
CA THR A 80 -7.65 -31.41 6.64
C THR A 80 -7.60 -29.93 6.27
N ARG A 81 -6.43 -29.32 6.36
CA ARG A 81 -6.27 -27.94 5.92
C ARG A 81 -6.24 -27.88 4.40
N GLU A 82 -6.91 -26.88 3.83
CA GLU A 82 -7.01 -26.72 2.39
C GLU A 82 -6.39 -25.40 1.96
N CYS A 83 -6.16 -25.26 0.66
CA CYS A 83 -5.69 -24.02 0.08
C CYS A 83 -6.47 -23.73 -1.19
N SER A 84 -6.50 -22.46 -1.57
CA SER A 84 -7.28 -22.00 -2.70
C SER A 84 -6.39 -21.15 -3.61
N VAL A 85 -6.73 -21.14 -4.90
CA VAL A 85 -6.04 -20.31 -5.88
C VAL A 85 -7.10 -19.70 -6.78
N THR A 86 -7.25 -18.38 -6.71
CA THR A 86 -8.24 -17.68 -7.51
C THR A 86 -7.63 -17.18 -8.81
N SER A 87 -8.50 -16.84 -9.75
CA SER A 87 -8.09 -16.33 -11.06
C SER A 87 -8.89 -15.08 -11.41
N ASP A 88 -8.19 -14.10 -12.00
CA ASP A 88 -8.87 -12.89 -12.46
C ASP A 88 -9.76 -13.17 -13.67
N LEU A 89 -9.41 -14.17 -14.47
CA LEU A 89 -10.15 -14.47 -15.69
C LEU A 89 -11.30 -15.43 -15.38
N ASP A 90 -11.97 -15.91 -16.43
CA ASP A 90 -13.21 -16.68 -16.28
C ASP A 90 -13.00 -18.04 -15.62
N PHE A 91 -11.76 -18.47 -15.41
CA PHE A 91 -11.52 -19.75 -14.76
C PHE A 91 -12.02 -19.70 -13.32
N PRO A 92 -12.58 -20.79 -12.81
CA PRO A 92 -13.10 -20.79 -11.44
C PRO A 92 -11.99 -20.96 -10.42
N THR A 93 -12.37 -20.78 -9.15
CA THR A 93 -11.43 -20.91 -8.05
C THR A 93 -11.12 -22.38 -7.81
N GLN A 94 -9.85 -22.67 -7.56
CA GLN A 94 -9.37 -24.04 -7.38
C GLN A 94 -9.03 -24.28 -5.91
N VAL A 95 -9.51 -25.40 -5.37
CA VAL A 95 -9.24 -25.78 -3.99
C VAL A 95 -8.67 -27.18 -3.98
N ILE A 96 -7.57 -27.37 -3.25
CA ILE A 96 -6.98 -28.69 -3.02
C ILE A 96 -6.49 -28.75 -1.57
N PRO A 97 -6.36 -29.97 -1.03
CA PRO A 97 -5.87 -30.09 0.35
C PRO A 97 -4.40 -29.72 0.45
N LEU A 98 -4.05 -29.14 1.61
CA LEU A 98 -2.69 -28.70 1.90
C LEU A 98 -1.96 -29.80 2.66
N LYS A 99 -0.94 -30.37 2.05
CA LYS A 99 -0.16 -31.39 2.73
C LYS A 99 0.94 -30.74 3.56
N THR A 100 0.97 -31.04 4.86
CA THR A 100 1.93 -30.44 5.77
C THR A 100 3.22 -31.27 5.77
N LEU A 101 4.34 -30.58 5.62
CA LEU A 101 5.63 -31.25 5.54
C LEU A 101 6.12 -31.63 6.93
N ASN A 102 6.65 -32.84 7.05
CA ASN A 102 7.10 -33.34 8.34
C ASN A 102 8.24 -32.49 8.87
N ALA A 103 8.12 -32.07 10.12
CA ALA A 103 9.09 -31.15 10.71
C ALA A 103 10.49 -31.76 10.70
N VAL A 104 11.49 -30.88 10.65
CA VAL A 104 12.89 -31.27 10.62
C VAL A 104 13.50 -30.96 11.98
N ALA A 105 14.31 -31.88 12.50
CA ALA A 105 14.88 -31.76 13.83
C ALA A 105 16.35 -31.40 13.72
N SER A 106 16.68 -30.16 14.11
CA SER A 106 18.07 -29.76 14.31
C SER A 106 18.48 -30.25 15.70
N VAL A 107 19.26 -31.32 15.73
CA VAL A 107 19.53 -32.05 16.97
C VAL A 107 20.27 -31.17 17.97
N PRO A 108 20.05 -31.32 19.27
CA PRO A 108 20.79 -30.54 20.27
C PRO A 108 22.22 -31.04 20.39
N ILE A 109 23.18 -30.13 20.24
CA ILE A 109 24.60 -30.43 20.19
C ILE A 109 25.27 -29.78 21.39
N MET A 110 25.78 -30.59 22.29
CA MET A 110 26.55 -30.11 23.43
C MET A 110 28.00 -30.51 23.19
N TYR A 111 28.84 -29.51 23.10
CA TYR A 111 30.23 -29.63 22.67
C TYR A 111 31.08 -28.98 23.74
N SER A 112 32.15 -29.67 24.15
CA SER A 112 33.00 -29.18 25.21
C SER A 112 34.45 -29.21 24.75
N TRP A 113 35.23 -28.22 25.17
CA TRP A 113 36.61 -28.14 24.76
C TRP A 113 37.56 -28.26 25.96
N SER A 114 38.61 -29.03 25.76
CA SER A 114 39.72 -29.22 26.68
C SER A 114 40.99 -29.22 25.85
N PRO A 115 42.13 -28.85 26.43
CA PRO A 115 43.41 -29.11 25.74
C PRO A 115 43.84 -30.55 25.93
N LEU A 116 42.88 -31.37 26.34
CA LEU A 116 43.05 -32.80 26.51
C LEU A 116 41.97 -33.61 25.78
N GLN A 117 40.82 -33.02 25.49
CA GLN A 117 39.65 -33.80 25.10
C GLN A 117 38.68 -32.91 24.34
N GLN A 118 37.57 -33.52 23.94
CA GLN A 118 36.55 -32.84 23.15
C GLN A 118 35.34 -33.77 23.09
N ASN A 119 34.41 -33.58 24.03
CA ASN A 119 33.31 -34.50 24.23
C ASN A 119 32.05 -34.01 23.52
N PHE A 120 31.11 -34.94 23.33
CA PHE A 120 29.83 -34.62 22.69
C PHE A 120 28.66 -35.31 23.40
N GLY A 143 12.11 -45.16 21.06
CA GLY A 143 12.86 -44.01 20.58
C GLY A 143 11.93 -42.89 20.14
N THR A 144 11.08 -43.19 19.16
CA THR A 144 10.09 -42.21 18.75
C THR A 144 9.04 -41.96 19.83
N PHE A 145 8.87 -42.90 20.76
CA PHE A 145 7.68 -42.92 21.63
C PHE A 145 7.64 -41.70 22.56
N ILE A 146 8.80 -41.23 23.01
CA ILE A 146 8.83 -40.09 23.92
C ILE A 146 8.74 -38.78 23.15
N GLU A 147 9.11 -38.79 21.86
CA GLU A 147 8.71 -37.67 21.00
C GLU A 147 7.20 -37.58 20.90
N GLU A 148 6.52 -38.71 20.71
CA GLU A 148 5.06 -38.70 20.71
C GLU A 148 4.50 -38.38 22.09
N LEU A 149 5.24 -38.71 23.15
CA LEU A 149 4.78 -38.46 24.51
C LEU A 149 4.70 -36.97 24.80
N ILE A 150 5.70 -36.20 24.35
CA ILE A 150 5.66 -34.76 24.59
C ILE A 150 4.63 -34.08 23.71
N LYS A 151 4.27 -34.66 22.56
CA LYS A 151 3.38 -33.94 21.67
C LYS A 151 1.94 -33.96 22.17
N ASN A 152 1.41 -35.14 22.51
CA ASN A 152 0.06 -35.20 23.09
C ASN A 152 0.18 -34.92 24.59
N TYR A 153 0.28 -33.64 24.91
CA TYR A 153 0.36 -33.16 26.29
C TYR A 153 -0.45 -31.87 26.44
N CYS A 163 3.19 -33.73 37.21
CA CYS A 163 2.42 -34.76 36.53
C CYS A 163 3.27 -36.01 36.27
N GLY A 164 4.34 -35.84 35.49
CA GLY A 164 5.24 -36.95 35.20
C GLY A 164 4.94 -37.69 33.91
N PHE A 165 4.17 -37.08 33.00
CA PHE A 165 3.72 -37.66 31.74
C PHE A 165 2.68 -38.76 31.93
N ILE A 166 2.46 -39.20 33.16
CA ILE A 166 1.55 -40.32 33.40
C ILE A 166 0.88 -40.20 34.76
N ASN A 167 -0.45 -40.18 34.76
CA ASN A 167 -1.29 -40.12 35.95
C ASN A 167 -1.00 -41.28 36.88
N ASP A 168 -1.49 -41.16 38.13
CA ASP A 168 -1.51 -42.30 39.03
C ASP A 168 -2.69 -43.21 38.76
N GLU A 169 -3.76 -42.71 38.13
CA GLU A 169 -4.86 -43.60 37.76
C GLU A 169 -4.47 -44.48 36.59
N ILE A 170 -3.72 -43.95 35.62
CA ILE A 170 -3.22 -44.77 34.52
C ILE A 170 -1.92 -45.48 34.87
N PHE A 171 -1.18 -44.99 35.87
CA PHE A 171 0.03 -45.69 36.30
C PHE A 171 -0.32 -47.07 36.84
N VAL A 172 -1.29 -47.16 37.75
CA VAL A 172 -1.64 -48.45 38.32
C VAL A 172 -2.44 -49.29 37.32
N GLU A 173 -3.14 -48.66 36.39
CA GLU A 173 -3.75 -49.43 35.31
C GLU A 173 -2.68 -50.01 34.39
N LEU A 174 -1.50 -49.39 34.35
CA LEU A 174 -0.42 -49.91 33.51
C LEU A 174 0.29 -51.10 34.16
N VAL A 175 0.51 -51.06 35.48
CA VAL A 175 1.25 -52.14 36.11
C VAL A 175 0.41 -53.42 36.15
N ASN A 176 -0.89 -53.30 36.41
CA ASN A 176 -1.73 -54.48 36.41
C ASN A 176 -1.97 -54.98 35.00
N ALA A 177 -1.89 -54.10 34.00
CA ALA A 177 -1.93 -54.56 32.61
C ALA A 177 -0.73 -55.43 32.30
N LEU A 178 0.43 -55.11 32.89
CA LEU A 178 1.64 -55.90 32.71
C LEU A 178 1.79 -57.00 33.74
N GLY A 179 1.00 -56.96 34.81
CA GLY A 179 0.95 -58.10 35.72
C GLY A 179 0.50 -59.37 35.03
N GLN A 180 -0.28 -59.25 33.96
CA GLN A 180 -0.65 -60.42 33.16
C GLN A 180 0.59 -61.15 32.66
N TYR A 181 1.58 -60.43 32.16
CA TYR A 181 2.69 -61.04 31.46
C TYR A 181 3.74 -61.62 32.41
N ASP A 188 9.81 -56.52 40.23
CA ASP A 188 11.16 -55.95 40.20
C ASP A 188 11.61 -55.70 38.76
N LYS A 189 11.47 -56.71 37.91
CA LYS A 189 11.75 -56.54 36.49
C LYS A 189 10.72 -55.66 35.81
N ILE A 190 9.53 -55.55 36.38
CA ILE A 190 8.45 -54.80 35.74
C ILE A 190 8.70 -53.30 35.84
N PHE A 191 9.26 -52.85 36.97
CA PHE A 191 9.30 -51.42 37.25
C PHE A 191 10.59 -50.75 36.83
N GLU A 192 11.59 -51.51 36.40
CA GLU A 192 12.71 -50.90 35.71
C GLU A 192 12.35 -50.61 34.25
N ALA A 193 11.33 -51.31 33.72
CA ALA A 193 10.79 -50.95 32.41
C ALA A 193 10.09 -49.60 32.47
N ILE A 194 9.22 -49.42 33.45
CA ILE A 194 8.35 -48.25 33.50
C ILE A 194 9.17 -47.00 33.81
N SER A 195 10.19 -47.13 34.66
CA SER A 195 10.94 -45.96 35.08
C SER A 195 11.94 -45.50 34.03
N SER A 196 12.47 -46.41 33.21
CA SER A 196 13.34 -45.95 32.13
C SER A 196 12.54 -45.31 31.00
N MET A 197 11.28 -45.70 30.84
CA MET A 197 10.43 -45.07 29.85
C MET A 197 9.79 -43.79 30.39
N PHE A 198 9.46 -43.77 31.68
CA PHE A 198 8.85 -42.62 32.34
C PHE A 198 9.74 -42.18 33.51
N PRO A 199 10.86 -41.52 33.21
CA PRO A 199 11.86 -41.28 34.27
C PRO A 199 11.38 -40.33 35.36
N ASP A 200 10.52 -39.37 35.03
CA ASP A 200 10.21 -38.30 35.98
C ASP A 200 9.43 -38.81 37.19
N LYS A 201 8.67 -39.89 37.03
CA LYS A 201 7.92 -40.44 38.16
C LYS A 201 8.86 -40.95 39.25
N GLY A 202 10.07 -41.37 38.89
CA GLY A 202 11.05 -41.80 39.87
C GLY A 202 11.90 -42.91 39.30
N THR A 203 12.72 -43.49 40.18
CA THR A 203 13.53 -44.64 39.81
C THR A 203 12.70 -45.92 39.91
N ALA A 204 13.38 -47.05 39.72
CA ALA A 204 12.67 -48.32 39.56
C ALA A 204 11.91 -48.72 40.81
N GLU A 205 12.53 -48.54 41.99
CA GLU A 205 11.90 -48.94 43.25
C GLU A 205 11.23 -47.78 43.98
N GLU A 206 11.49 -46.53 43.60
CA GLU A 206 10.53 -45.49 43.93
C GLU A 206 9.17 -45.83 43.33
N LEU A 207 9.16 -46.58 42.22
CA LEU A 207 7.91 -46.87 41.51
C LEU A 207 7.20 -48.10 42.05
N LYS A 208 7.85 -48.90 42.91
CA LYS A 208 7.07 -49.92 43.59
C LYS A 208 6.78 -49.52 45.03
N GLU A 209 7.56 -48.58 45.60
CA GLU A 209 6.98 -47.80 46.68
C GLU A 209 5.72 -47.08 46.20
N LYS A 210 5.76 -46.55 44.96
CA LYS A 210 4.61 -45.92 44.32
C LYS A 210 3.36 -46.79 44.37
N TYR A 211 3.49 -48.02 43.89
CA TYR A 211 2.30 -48.85 43.67
C TYR A 211 1.76 -49.42 44.97
N LYS A 212 2.65 -49.70 45.93
CA LYS A 212 2.22 -50.15 47.26
C LYS A 212 1.38 -49.09 47.97
N GLU A 213 1.61 -47.80 47.70
CA GLU A 213 0.93 -46.76 48.49
C GLU A 213 -0.51 -46.54 48.00
N LEU A 214 -0.73 -46.56 46.66
CA LEU A 214 -2.09 -46.34 46.16
C LEU A 214 -2.91 -47.62 46.14
N THR A 215 -2.27 -48.79 46.13
CA THR A 215 -3.02 -50.03 46.29
C THR A 215 -3.75 -50.04 47.64
N GLU A 216 -3.16 -49.44 48.67
CA GLU A 216 -3.76 -49.38 50.00
C GLU A 216 -4.16 -47.96 50.40
N PRO B 12 -37.11 40.33 34.34
CA PRO B 12 -36.56 39.08 34.87
C PRO B 12 -36.19 38.08 33.77
N VAL B 13 -36.80 36.90 33.81
CA VAL B 13 -36.57 35.90 32.77
C VAL B 13 -37.20 36.32 31.45
N CYS B 14 -38.24 37.16 31.50
CA CYS B 14 -38.95 37.55 30.28
C CYS B 14 -38.15 38.55 29.46
N TRP B 15 -37.48 39.51 30.11
CA TRP B 15 -36.61 40.41 29.36
C TRP B 15 -35.46 39.66 28.71
N ARG B 16 -34.87 38.69 29.43
CA ARG B 16 -33.77 37.92 28.87
C ARG B 16 -34.20 37.14 27.64
N LYS B 17 -35.47 36.74 27.54
CA LYS B 17 -35.93 36.04 26.36
C LYS B 17 -36.16 36.99 25.18
N ARG B 18 -36.62 38.22 25.44
CA ARG B 18 -36.74 39.20 24.36
C ARG B 18 -35.38 39.70 23.88
N VAL B 19 -34.37 39.69 24.75
CA VAL B 19 -33.02 40.02 24.30
C VAL B 19 -32.55 38.98 23.29
N LYS B 20 -32.77 37.70 23.60
CA LYS B 20 -32.47 36.65 22.61
C LYS B 20 -33.31 36.83 21.36
N SER B 21 -34.60 37.12 21.54
CA SER B 21 -35.49 37.33 20.40
C SER B 21 -34.98 38.46 19.51
N GLU B 22 -34.81 39.66 20.07
CA GLU B 22 -34.43 40.81 19.28
C GLU B 22 -33.02 40.70 18.71
N TYR B 23 -32.12 40.04 19.42
CA TYR B 23 -30.76 39.87 18.91
C TYR B 23 -30.75 38.93 17.71
N MET B 24 -31.45 37.78 17.82
CA MET B 24 -31.53 36.88 16.68
C MET B 24 -32.17 37.57 15.49
N ARG B 25 -33.15 38.45 15.72
CA ARG B 25 -33.77 39.16 14.61
C ARG B 25 -32.79 40.15 13.98
N LEU B 26 -32.06 40.91 14.79
CA LEU B 26 -31.14 41.91 14.25
C LEU B 26 -30.04 41.25 13.45
N ARG B 27 -29.53 40.11 13.91
CA ARG B 27 -28.46 39.41 13.17
C ARG B 27 -29.01 38.80 11.89
N GLN B 28 -30.20 38.20 11.95
CA GLN B 28 -30.80 37.63 10.75
C GLN B 28 -31.01 38.71 9.69
N LEU B 29 -31.42 39.90 10.11
CA LEU B 29 -31.55 41.01 9.15
C LEU B 29 -30.21 41.33 8.51
N LYS B 30 -29.15 41.41 9.31
CA LYS B 30 -27.83 41.75 8.76
C LYS B 30 -27.28 40.61 7.91
N ARG B 31 -27.66 39.37 8.20
CA ARG B 31 -27.36 38.28 7.28
C ARG B 31 -28.05 38.49 5.94
N PHE B 32 -29.35 38.80 5.98
CA PHE B 32 -30.06 39.12 4.74
C PHE B 32 -29.41 40.28 4.00
N ARG B 33 -28.95 41.28 4.76
CA ARG B 33 -28.33 42.46 4.14
C ARG B 33 -27.06 42.09 3.39
N ARG B 34 -26.22 41.24 4.00
CA ARG B 34 -24.96 40.88 3.36
C ARG B 34 -25.15 39.82 2.29
N ALA B 35 -26.09 38.89 2.48
CA ALA B 35 -26.41 37.94 1.42
C ALA B 35 -26.79 38.67 0.13
N ASP B 36 -27.62 39.70 0.24
CA ASP B 36 -27.94 40.55 -0.91
C ASP B 36 -26.69 41.19 -1.50
N GLU B 37 -25.67 41.45 -0.68
CA GLU B 37 -24.47 42.12 -1.17
C GLU B 37 -23.61 41.19 -2.00
N VAL B 38 -23.37 39.96 -1.51
CA VAL B 38 -22.49 39.05 -2.26
C VAL B 38 -23.17 38.57 -3.52
N LYS B 39 -24.51 38.55 -3.55
CA LYS B 39 -25.20 38.19 -4.79
C LYS B 39 -24.93 39.21 -5.88
N SER B 40 -24.96 40.50 -5.52
CA SER B 40 -24.60 41.53 -6.49
C SER B 40 -23.10 41.62 -6.71
N MET B 41 -22.30 41.23 -5.71
CA MET B 41 -20.86 41.13 -5.93
C MET B 41 -20.54 40.04 -6.93
N PHE B 42 -21.21 38.89 -6.83
CA PHE B 42 -20.98 37.81 -7.78
C PHE B 42 -21.48 38.16 -9.18
N SER B 43 -22.59 38.88 -9.28
CA SER B 43 -23.20 39.14 -10.58
C SER B 43 -22.43 40.23 -11.35
N SER B 44 -22.04 41.30 -10.65
CA SER B 44 -21.17 42.28 -11.28
C SER B 44 -19.83 41.69 -11.65
N ASN B 45 -19.34 40.75 -10.84
CA ASN B 45 -18.04 40.15 -11.09
C ASN B 45 -18.07 39.24 -12.31
N ARG B 46 -19.18 38.52 -12.52
CA ARG B 46 -19.23 37.63 -13.67
C ARG B 46 -19.29 38.40 -14.97
N GLN B 47 -19.89 39.60 -14.95
CA GLN B 47 -19.88 40.44 -16.14
C GLN B 47 -18.44 40.80 -16.53
N LYS B 48 -17.58 41.04 -15.54
CA LYS B 48 -16.18 41.32 -15.82
C LYS B 48 -15.47 40.07 -16.34
N ILE B 49 -15.81 38.90 -15.79
CA ILE B 49 -15.24 37.66 -16.30
C ILE B 49 -15.71 37.42 -17.73
N LEU B 50 -16.98 37.71 -18.01
CA LEU B 50 -17.54 37.47 -19.33
C LEU B 50 -16.80 38.29 -20.39
N GLU B 51 -16.59 39.58 -20.12
CA GLU B 51 -15.96 40.43 -21.13
C GLU B 51 -14.47 40.14 -21.23
N ARG B 52 -13.80 39.83 -20.12
CA ARG B 52 -12.36 39.63 -20.15
C ARG B 52 -11.99 38.29 -20.79
N THR B 53 -12.77 37.24 -20.52
CA THR B 53 -12.54 35.97 -21.20
C THR B 53 -12.88 36.07 -22.68
N GLU B 54 -13.82 36.95 -23.05
CA GLU B 54 -14.11 37.16 -24.46
C GLU B 54 -12.95 37.86 -25.16
N ILE B 55 -12.28 38.78 -24.46
CA ILE B 55 -11.08 39.40 -25.01
C ILE B 55 -10.00 38.36 -25.25
N LEU B 56 -9.77 37.48 -24.26
CA LEU B 56 -8.80 36.41 -24.42
C LEU B 56 -9.19 35.47 -25.56
N ASN B 57 -10.48 35.16 -25.68
CA ASN B 57 -10.90 34.23 -26.71
C ASN B 57 -10.75 34.82 -28.11
N GLN B 58 -11.09 36.10 -28.26
CA GLN B 58 -10.95 36.77 -29.56
C GLN B 58 -9.48 36.87 -29.97
N GLU B 59 -8.57 36.90 -29.00
CA GLU B 59 -7.15 36.85 -29.32
C GLU B 59 -6.71 35.45 -29.72
N TRP B 60 -7.34 34.43 -29.15
CA TRP B 60 -6.99 33.05 -29.47
C TRP B 60 -7.44 32.66 -30.88
N LYS B 61 -8.56 33.23 -31.34
CA LYS B 61 -9.05 32.95 -32.69
C LYS B 61 -8.18 33.57 -33.76
N GLN B 62 -7.25 34.44 -33.40
CA GLN B 62 -6.32 34.99 -34.38
C GLN B 62 -5.13 34.06 -34.61
N ARG B 63 -4.64 33.43 -33.54
CA ARG B 63 -3.48 32.55 -33.65
C ARG B 63 -3.85 31.25 -34.34
N ARG B 64 -2.84 30.58 -34.91
CA ARG B 64 -3.00 29.26 -35.52
C ARG B 64 -1.76 28.45 -35.15
N ILE B 65 -1.78 27.87 -33.96
CA ILE B 65 -0.65 27.12 -33.41
C ILE B 65 -0.69 25.70 -33.94
N GLN B 66 0.49 25.15 -34.25
CA GLN B 66 0.59 23.84 -34.87
C GLN B 66 0.21 22.73 -33.87
N PRO B 67 -0.42 21.67 -34.36
CA PRO B 67 -0.79 20.56 -33.48
C PRO B 67 0.38 19.63 -33.19
N VAL B 68 0.34 19.03 -32.01
CA VAL B 68 1.37 18.10 -31.58
C VAL B 68 1.15 16.76 -32.26
N HIS B 69 2.21 16.22 -32.86
CA HIS B 69 2.14 14.96 -33.58
C HIS B 69 3.07 13.93 -32.98
N ILE B 70 2.74 12.66 -33.24
CA ILE B 70 3.54 11.51 -32.84
C ILE B 70 4.41 11.13 -34.03
N LEU B 71 5.44 11.93 -34.31
CA LEU B 71 6.20 11.79 -35.55
C LEU B 71 7.61 11.30 -35.23
N SER B 72 7.89 10.06 -35.63
CA SER B 72 9.16 9.40 -35.36
C SER B 72 10.22 9.81 -36.38
N THR B 80 17.26 3.05 -27.09
CA THR B 80 16.54 1.79 -27.10
C THR B 80 15.57 1.67 -25.93
N ARG B 81 15.24 2.80 -25.32
CA ARG B 81 14.33 2.81 -24.19
C ARG B 81 12.91 3.17 -24.64
N GLU B 82 11.93 2.47 -24.08
CA GLU B 82 10.53 2.68 -24.41
C GLU B 82 9.76 2.95 -23.12
N CYS B 83 8.47 3.23 -23.29
CA CYS B 83 7.56 3.37 -22.16
C CYS B 83 6.19 2.86 -22.59
N SER B 84 5.38 2.46 -21.61
CA SER B 84 4.09 1.87 -21.87
C SER B 84 3.01 2.55 -21.04
N VAL B 85 1.81 2.62 -21.59
CA VAL B 85 0.63 3.08 -20.89
C VAL B 85 -0.47 2.05 -21.08
N THR B 86 -1.05 1.59 -19.98
CA THR B 86 -2.09 0.58 -20.00
C THR B 86 -3.44 1.22 -19.69
N SER B 87 -4.50 0.58 -20.16
CA SER B 87 -5.85 1.08 -19.95
C SER B 87 -6.74 -0.03 -19.41
N ASP B 88 -7.59 0.33 -18.44
CA ASP B 88 -8.52 -0.64 -17.87
C ASP B 88 -9.58 -1.07 -18.87
N LEU B 89 -9.83 -0.28 -19.91
CA LEU B 89 -10.94 -0.52 -20.82
C LEU B 89 -10.49 -1.31 -22.04
N ASP B 90 -11.38 -1.40 -23.03
CA ASP B 90 -11.14 -2.13 -24.27
C ASP B 90 -9.83 -1.76 -24.95
N PHE B 91 -9.29 -0.58 -24.65
CA PHE B 91 -8.21 -0.02 -25.45
C PHE B 91 -6.92 -0.79 -25.22
N PRO B 92 -6.12 -0.97 -26.27
CA PRO B 92 -4.91 -1.79 -26.15
C PRO B 92 -3.81 -1.05 -25.40
N THR B 93 -2.78 -1.81 -25.04
CA THR B 93 -1.58 -1.21 -24.46
C THR B 93 -0.84 -0.42 -25.52
N GLN B 94 -0.35 0.76 -25.13
CA GLN B 94 0.37 1.65 -26.04
C GLN B 94 1.82 1.69 -25.63
N VAL B 95 2.72 1.59 -26.62
CA VAL B 95 4.16 1.63 -26.40
C VAL B 95 4.77 2.63 -27.38
N ILE B 96 5.54 3.57 -26.87
CA ILE B 96 6.28 4.53 -27.69
C ILE B 96 7.66 4.73 -27.08
N PRO B 97 8.64 5.15 -27.90
CA PRO B 97 9.98 5.36 -27.37
C PRO B 97 10.06 6.54 -26.41
N LEU B 98 11.01 6.45 -25.49
CA LEU B 98 11.19 7.42 -24.41
C LEU B 98 12.35 8.33 -24.75
N LYS B 99 12.05 9.56 -25.17
CA LYS B 99 13.13 10.50 -25.46
C LYS B 99 13.75 10.99 -24.17
N THR B 100 15.08 11.03 -24.13
CA THR B 100 15.81 11.43 -22.94
C THR B 100 16.20 12.90 -23.05
N LEU B 101 15.86 13.67 -22.04
CA LEU B 101 16.11 15.11 -22.04
C LEU B 101 17.59 15.39 -21.74
N ASN B 102 18.16 16.33 -22.50
CA ASN B 102 19.58 16.65 -22.36
C ASN B 102 19.86 17.19 -20.95
N ALA B 103 20.91 16.68 -20.33
CA ALA B 103 21.26 17.10 -18.98
C ALA B 103 21.63 18.58 -18.95
N VAL B 104 21.30 19.23 -17.85
CA VAL B 104 21.56 20.66 -17.69
C VAL B 104 22.95 20.85 -17.11
N ALA B 105 23.68 21.81 -17.66
CA ALA B 105 25.07 22.02 -17.29
C ALA B 105 25.17 22.75 -15.96
N SER B 106 25.92 22.16 -15.03
CA SER B 106 26.31 22.86 -13.81
C SER B 106 27.46 23.79 -14.13
N VAL B 107 27.29 25.06 -13.82
CA VAL B 107 28.33 26.07 -14.06
C VAL B 107 29.21 26.15 -12.82
N PRO B 108 30.53 25.91 -12.94
CA PRO B 108 31.46 25.88 -11.80
C PRO B 108 31.86 27.29 -11.33
N ILE B 109 30.98 27.88 -10.57
CA ILE B 109 31.18 29.22 -10.05
C ILE B 109 32.14 29.15 -8.87
N MET B 110 33.10 30.08 -8.85
CA MET B 110 33.97 30.26 -7.71
C MET B 110 34.03 31.75 -7.38
N TYR B 111 33.99 32.06 -6.08
CA TYR B 111 33.88 33.43 -5.61
C TYR B 111 34.99 33.71 -4.60
N SER B 112 35.62 34.88 -4.75
CA SER B 112 36.68 35.34 -3.86
C SER B 112 36.28 36.67 -3.25
N TRP B 113 36.58 36.85 -1.96
CA TRP B 113 36.28 38.09 -1.25
C TRP B 113 37.52 38.58 -0.52
N SER B 114 37.79 39.88 -0.64
CA SER B 114 38.83 40.60 0.07
C SER B 114 38.36 42.05 0.15
N PRO B 115 38.79 42.79 1.18
CA PRO B 115 38.38 44.21 1.24
C PRO B 115 38.70 44.99 -0.01
N LEU B 116 39.69 44.56 -0.78
CA LEU B 116 40.14 45.30 -1.95
C LEU B 116 39.32 44.95 -3.18
N GLN B 117 39.17 43.67 -3.48
CA GLN B 117 38.60 43.21 -4.74
C GLN B 117 37.71 41.99 -4.51
N GLN B 118 37.02 41.60 -5.57
CA GLN B 118 36.32 40.33 -5.66
C GLN B 118 36.68 39.68 -6.99
N ASN B 119 36.53 38.36 -7.06
CA ASN B 119 36.93 37.64 -8.26
C ASN B 119 35.92 36.55 -8.58
N PHE B 120 35.89 36.16 -9.85
CA PHE B 120 35.00 35.10 -10.31
C PHE B 120 35.72 34.16 -11.28
N GLY B 143 35.45 23.40 -25.60
CA GLY B 143 34.18 23.48 -24.90
C GLY B 143 33.34 22.23 -25.05
N THR B 144 32.67 22.11 -26.20
CA THR B 144 31.93 20.90 -26.52
C THR B 144 32.84 19.68 -26.47
N PHE B 145 34.11 19.84 -26.83
CA PHE B 145 34.99 18.70 -27.08
C PHE B 145 35.36 17.97 -25.79
N ILE B 146 35.43 18.67 -24.65
CA ILE B 146 35.91 18.01 -23.44
C ILE B 146 34.78 17.26 -22.75
N GLU B 147 33.53 17.70 -22.93
CA GLU B 147 32.42 16.86 -22.48
C GLU B 147 32.21 15.69 -23.44
N GLU B 148 32.67 15.83 -24.69
CA GLU B 148 32.71 14.68 -25.58
C GLU B 148 33.59 13.58 -25.00
N LEU B 149 34.74 13.95 -24.44
CA LEU B 149 35.67 12.97 -23.88
C LEU B 149 35.13 12.37 -22.59
N ILE B 150 34.47 13.18 -21.76
CA ILE B 150 34.14 12.73 -20.41
C ILE B 150 33.09 11.62 -20.43
N LYS B 151 32.08 11.73 -21.29
CA LYS B 151 30.90 10.89 -21.13
C LYS B 151 31.01 9.55 -21.87
N ASN B 152 31.80 9.49 -22.95
CA ASN B 152 32.17 8.20 -23.52
C ASN B 152 33.58 7.78 -23.10
N TYR B 153 33.98 8.17 -21.90
CA TYR B 153 35.08 7.52 -21.18
C TYR B 153 34.59 6.16 -20.67
N ASP B 154 35.09 5.09 -21.27
CA ASP B 154 34.72 3.74 -20.86
C ASP B 154 35.73 3.19 -19.87
N CYS B 163 45.50 5.98 -21.33
CA CYS B 163 46.10 6.93 -20.39
C CYS B 163 45.14 8.07 -20.06
N GLY B 164 45.68 9.30 -20.07
CA GLY B 164 44.88 10.48 -19.80
C GLY B 164 44.02 10.90 -20.98
N PHE B 165 42.95 10.13 -21.21
CA PHE B 165 41.91 10.38 -22.22
C PHE B 165 42.30 9.90 -23.60
N ILE B 166 43.61 9.78 -23.83
CA ILE B 166 44.15 9.33 -25.11
C ILE B 166 45.36 8.46 -24.81
N ASN B 167 45.46 7.33 -25.50
CA ASN B 167 46.53 6.39 -25.22
C ASN B 167 47.67 6.54 -26.21
N ASP B 168 48.80 5.91 -25.88
CA ASP B 168 50.01 6.03 -26.70
C ASP B 168 49.74 5.67 -28.15
N GLU B 169 48.95 4.62 -28.38
CA GLU B 169 48.71 4.16 -29.75
C GLU B 169 47.97 5.21 -30.56
N ILE B 170 46.94 5.82 -29.99
CA ILE B 170 46.18 6.83 -30.74
C ILE B 170 46.95 8.14 -30.80
N PHE B 171 47.78 8.43 -29.79
CA PHE B 171 48.56 9.66 -29.77
C PHE B 171 49.56 9.68 -30.92
N VAL B 172 50.27 8.57 -31.14
CA VAL B 172 51.23 8.52 -32.25
C VAL B 172 50.50 8.61 -33.58
N GLU B 173 49.37 7.90 -33.71
CA GLU B 173 48.57 8.01 -34.93
C GLU B 173 48.11 9.45 -35.14
N LEU B 174 47.87 10.18 -34.06
CA LEU B 174 47.41 11.56 -34.18
C LEU B 174 48.53 12.49 -34.66
N VAL B 175 49.72 12.37 -34.07
CA VAL B 175 50.85 13.18 -34.48
C VAL B 175 51.16 12.95 -35.95
N ASN B 176 51.24 11.69 -36.37
CA ASN B 176 51.51 11.38 -37.77
C ASN B 176 50.45 11.97 -38.68
N ALA B 177 49.17 11.83 -38.31
CA ALA B 177 48.09 12.32 -39.16
C ALA B 177 48.08 13.83 -39.30
N LEU B 178 48.70 14.55 -38.37
CA LEU B 178 48.69 16.00 -38.42
C LEU B 178 49.88 16.59 -39.17
N GLY B 179 50.93 15.79 -39.42
CA GLY B 179 52.07 16.28 -40.16
C GLY B 179 51.75 16.72 -41.57
N GLN B 180 50.58 16.32 -42.08
CA GLN B 180 50.21 16.70 -43.44
C GLN B 180 50.05 18.21 -43.56
N TYR B 181 49.22 18.80 -42.70
CA TYR B 181 49.10 20.25 -42.58
C TYR B 181 50.42 20.82 -42.04
N ASN B 182 51.16 21.54 -42.90
CA ASN B 182 52.46 22.22 -42.66
C ASN B 182 53.65 21.42 -43.22
N SER B 185 56.79 25.14 -40.74
CA SER B 185 57.74 24.05 -40.58
C SER B 185 58.03 23.82 -39.10
N GLY B 186 57.10 24.26 -38.27
CA GLY B 186 57.36 24.27 -36.83
C GLY B 186 57.46 22.88 -36.23
N SER B 187 56.44 22.04 -36.47
CA SER B 187 56.29 20.75 -35.80
C SER B 187 56.02 20.89 -34.30
N ASP B 188 56.32 22.07 -33.74
CA ASP B 188 55.95 22.34 -32.35
C ASP B 188 54.49 22.73 -32.22
N LYS B 189 53.94 23.42 -33.22
CA LYS B 189 52.53 23.81 -33.18
C LYS B 189 51.63 22.59 -33.06
N ILE B 190 52.07 21.43 -33.56
CA ILE B 190 51.28 20.21 -33.40
C ILE B 190 51.24 19.80 -31.94
N PHE B 191 52.42 19.69 -31.31
CA PHE B 191 52.48 19.24 -29.92
C PHE B 191 51.85 20.25 -28.96
N GLU B 192 51.93 21.55 -29.27
CA GLU B 192 51.27 22.54 -28.42
C GLU B 192 49.76 22.40 -28.49
N ALA B 193 49.22 22.04 -29.66
CA ALA B 193 47.78 21.89 -29.79
C ALA B 193 47.28 20.62 -29.12
N ILE B 194 48.02 19.51 -29.28
CA ILE B 194 47.62 18.26 -28.64
C ILE B 194 47.66 18.41 -27.14
N SER B 195 48.67 19.12 -26.62
CA SER B 195 48.72 19.40 -25.19
C SER B 195 47.58 20.31 -24.76
N SER B 196 47.22 21.28 -25.61
CA SER B 196 46.12 22.19 -25.27
C SER B 196 44.84 21.42 -25.00
N MET B 197 44.51 20.46 -25.86
CA MET B 197 43.25 19.73 -25.73
C MET B 197 43.36 18.52 -24.81
N PHE B 198 44.52 17.88 -24.73
CA PHE B 198 44.75 16.77 -23.80
C PHE B 198 45.85 17.16 -22.82
N PRO B 199 45.56 18.02 -21.85
CA PRO B 199 46.61 18.42 -20.92
C PRO B 199 47.03 17.31 -19.97
N ASP B 200 46.16 16.32 -19.74
CA ASP B 200 46.48 15.23 -18.81
C ASP B 200 47.61 14.35 -19.30
N LYS B 201 47.89 14.34 -20.61
CA LYS B 201 48.95 13.49 -21.15
C LYS B 201 50.32 14.17 -21.07
N GLY B 202 50.35 15.49 -20.98
CA GLY B 202 51.60 16.19 -20.77
C GLY B 202 51.62 17.56 -21.41
N THR B 203 52.65 18.36 -21.13
CA THR B 203 52.80 19.63 -21.81
C THR B 203 53.46 19.42 -23.16
N ALA B 204 53.55 20.51 -23.93
CA ALA B 204 54.00 20.41 -25.31
C ALA B 204 55.35 19.72 -25.43
N GLU B 205 56.33 20.17 -24.64
CA GLU B 205 57.66 19.58 -24.72
C GLU B 205 57.67 18.15 -24.20
N GLU B 206 56.73 17.80 -23.32
CA GLU B 206 56.65 16.42 -22.83
C GLU B 206 56.13 15.49 -23.92
N LEU B 207 55.08 15.91 -24.64
CA LEU B 207 54.53 15.06 -25.69
C LEU B 207 55.53 14.87 -26.83
N LYS B 208 56.36 15.88 -27.10
CA LYS B 208 57.39 15.72 -28.12
C LYS B 208 58.38 14.65 -27.73
N GLU B 209 58.80 14.63 -26.47
CA GLU B 209 59.71 13.59 -26.01
C GLU B 209 59.07 12.21 -26.09
N LYS B 210 57.79 12.12 -25.70
CA LYS B 210 57.14 10.81 -25.70
C LYS B 210 56.91 10.30 -27.12
N TYR B 211 56.61 11.17 -28.08
CA TYR B 211 56.47 10.72 -29.46
C TYR B 211 57.78 10.11 -29.96
N LYS B 212 58.92 10.72 -29.59
CA LYS B 212 60.21 10.17 -30.00
C LYS B 212 60.52 8.88 -29.28
N GLU B 213 60.19 8.79 -27.99
CA GLU B 213 60.36 7.54 -27.26
C GLU B 213 59.58 6.41 -27.94
N LEU B 214 58.28 6.63 -28.20
CA LEU B 214 57.42 5.59 -28.73
C LEU B 214 57.74 5.23 -30.18
N THR B 215 58.54 6.03 -30.87
CA THR B 215 58.91 5.76 -32.27
C THR B 215 60.38 5.36 -32.38
N GLU B 216 60.85 4.55 -31.44
CA GLU B 216 62.25 4.09 -31.45
C GLU B 216 62.35 2.64 -30.98
N ARG C 16 12.00 -53.71 26.52
CA ARG C 16 10.75 -53.33 27.18
C ARG C 16 9.84 -52.52 26.26
N LYS C 17 9.14 -53.23 25.39
CA LYS C 17 8.27 -52.62 24.39
C LYS C 17 6.79 -52.89 24.64
N ARG C 18 6.45 -53.70 25.63
CA ARG C 18 5.04 -53.84 25.96
C ARG C 18 4.58 -52.78 26.95
N VAL C 19 5.49 -52.22 27.77
CA VAL C 19 5.13 -50.98 28.44
C VAL C 19 4.79 -49.91 27.42
N LYS C 20 5.42 -49.94 26.26
CA LYS C 20 5.13 -48.93 25.25
C LYS C 20 3.76 -49.11 24.64
N SER C 21 3.37 -50.35 24.37
CA SER C 21 2.10 -50.59 23.70
C SER C 21 0.96 -50.82 24.69
N GLU C 22 1.26 -51.28 25.91
CA GLU C 22 0.25 -51.26 26.96
C GLU C 22 -0.12 -49.81 27.32
N TYR C 23 0.82 -48.88 27.19
CA TYR C 23 0.53 -47.48 27.45
C TYR C 23 -0.36 -46.90 26.36
N MET C 24 0.06 -47.05 25.10
CA MET C 24 -0.78 -46.57 24.00
C MET C 24 -2.07 -47.34 23.92
N ARG C 25 -2.07 -48.62 24.32
CA ARG C 25 -3.34 -49.31 24.54
C ARG C 25 -4.23 -48.51 25.48
N LEU C 26 -3.71 -48.11 26.64
CA LEU C 26 -4.56 -47.51 27.67
C LEU C 26 -4.93 -46.06 27.34
N ARG C 27 -4.02 -45.31 26.72
CA ARG C 27 -4.33 -43.92 26.41
C ARG C 27 -5.26 -43.80 25.21
N GLN C 28 -5.28 -44.79 24.31
CA GLN C 28 -6.35 -44.83 23.33
C GLN C 28 -7.68 -45.20 23.98
N LEU C 29 -7.64 -46.05 25.02
CA LEU C 29 -8.86 -46.38 25.75
C LEU C 29 -9.48 -45.14 26.37
N LYS C 30 -8.66 -44.24 26.90
CA LYS C 30 -9.16 -43.00 27.49
C LYS C 30 -9.28 -41.88 26.47
N ARG C 31 -8.55 -41.94 25.36
CA ARG C 31 -8.84 -41.05 24.24
C ARG C 31 -10.21 -41.34 23.66
N PHE C 32 -10.59 -42.62 23.60
CA PHE C 32 -11.90 -42.97 23.08
C PHE C 32 -13.00 -42.54 24.03
N ARG C 33 -12.77 -42.67 25.34
CA ARG C 33 -13.81 -42.36 26.32
C ARG C 33 -14.08 -40.86 26.38
N ARG C 34 -13.03 -40.04 26.33
CA ARG C 34 -13.24 -38.61 26.34
C ARG C 34 -13.81 -38.12 25.01
N ALA C 35 -13.46 -38.77 23.90
CA ALA C 35 -14.08 -38.42 22.62
C ALA C 35 -15.59 -38.64 22.67
N ASP C 36 -16.02 -39.70 23.35
CA ASP C 36 -17.46 -39.96 23.51
C ASP C 36 -18.08 -39.00 24.52
N GLU C 37 -17.30 -38.49 25.46
CA GLU C 37 -17.84 -37.55 26.45
C GLU C 37 -18.22 -36.23 25.79
N VAL C 38 -17.34 -35.67 24.96
CA VAL C 38 -17.67 -34.41 24.30
C VAL C 38 -18.72 -34.63 23.20
N LYS C 39 -18.76 -35.83 22.62
CA LYS C 39 -19.81 -36.13 21.65
C LYS C 39 -21.18 -35.94 22.27
N SER C 40 -21.42 -36.55 23.44
CA SER C 40 -22.69 -36.39 24.13
C SER C 40 -22.83 -35.02 24.79
N MET C 41 -21.71 -34.35 25.07
CA MET C 41 -21.78 -32.98 25.58
C MET C 41 -22.35 -32.05 24.52
N PHE C 42 -21.84 -32.14 23.28
CA PHE C 42 -22.38 -31.33 22.19
C PHE C 42 -23.85 -31.65 21.94
N SER C 43 -24.23 -32.92 22.05
CA SER C 43 -25.61 -33.30 21.78
C SER C 43 -26.56 -32.75 22.82
N SER C 44 -26.25 -32.94 24.10
CA SER C 44 -27.06 -32.35 25.15
C SER C 44 -27.13 -30.84 25.00
N ASN C 45 -25.99 -30.22 24.71
CA ASN C 45 -25.93 -28.77 24.56
C ASN C 45 -26.76 -28.28 23.39
N ARG C 46 -26.79 -29.06 22.30
CA ARG C 46 -27.55 -28.64 21.13
C ARG C 46 -29.03 -28.50 21.43
N GLN C 47 -29.59 -29.43 22.20
CA GLN C 47 -31.01 -29.32 22.52
C GLN C 47 -31.27 -28.14 23.46
N LYS C 48 -30.32 -27.83 24.34
CA LYS C 48 -30.45 -26.63 25.15
C LYS C 48 -30.46 -25.39 24.29
N ILE C 49 -29.64 -25.37 23.23
CA ILE C 49 -29.72 -24.31 22.23
C ILE C 49 -31.09 -24.34 21.55
N LEU C 50 -31.53 -25.52 21.09
CA LEU C 50 -32.80 -25.62 20.37
C LEU C 50 -33.97 -25.13 21.20
N GLU C 51 -33.99 -25.41 22.50
CA GLU C 51 -35.12 -24.97 23.32
C GLU C 51 -35.10 -23.46 23.51
N ARG C 52 -33.93 -22.89 23.77
CA ARG C 52 -33.88 -21.47 24.14
C ARG C 52 -33.93 -20.53 22.94
N THR C 53 -33.40 -20.94 21.77
CA THR C 53 -33.57 -20.08 20.59
C THR C 53 -35.03 -19.95 20.17
N GLU C 54 -35.82 -21.01 20.35
CA GLU C 54 -37.23 -20.91 20.01
C GLU C 54 -38.02 -20.18 21.09
N ILE C 55 -37.51 -20.13 22.32
CA ILE C 55 -38.09 -19.24 23.31
C ILE C 55 -37.87 -17.78 22.91
N LEU C 56 -36.71 -17.49 22.30
CA LEU C 56 -36.45 -16.15 21.80
C LEU C 56 -37.22 -15.89 20.51
N ASN C 57 -37.32 -16.90 19.64
CA ASN C 57 -37.97 -16.67 18.35
C ASN C 57 -39.46 -16.47 18.49
N GLN C 58 -40.10 -17.16 19.45
CA GLN C 58 -41.52 -16.94 19.63
C GLN C 58 -41.80 -15.61 20.31
N GLU C 59 -40.86 -15.10 21.11
CA GLU C 59 -40.98 -13.72 21.58
C GLU C 59 -40.82 -12.74 20.43
N TRP C 60 -40.00 -13.09 19.44
CA TRP C 60 -39.80 -12.22 18.28
C TRP C 60 -41.03 -12.17 17.40
N LYS C 61 -41.74 -13.30 17.27
CA LYS C 61 -42.93 -13.32 16.43
C LYS C 61 -44.05 -12.46 17.00
N GLN C 62 -44.04 -12.19 18.31
CA GLN C 62 -45.05 -11.35 18.92
C GLN C 62 -44.84 -9.87 18.65
N ARG C 63 -43.67 -9.48 18.14
CA ARG C 63 -43.36 -8.08 17.92
C ARG C 63 -43.54 -7.69 16.46
N ARG C 64 -43.80 -6.40 16.23
CA ARG C 64 -44.04 -5.85 14.90
C ARG C 64 -43.21 -4.56 14.78
N ILE C 65 -41.90 -4.71 14.61
CA ILE C 65 -41.00 -3.56 14.58
C ILE C 65 -41.00 -2.94 13.19
N GLN C 66 -40.98 -1.61 13.15
CA GLN C 66 -41.16 -0.89 11.89
C GLN C 66 -39.93 -1.03 11.00
N PRO C 67 -40.11 -0.98 9.68
CA PRO C 67 -38.97 -1.11 8.77
C PRO C 67 -38.26 0.21 8.55
N VAL C 68 -36.98 0.12 8.23
CA VAL C 68 -36.15 1.29 7.93
C VAL C 68 -36.33 1.64 6.47
N HIS C 69 -36.51 2.94 6.18
CA HIS C 69 -36.78 3.42 4.84
C HIS C 69 -35.74 4.46 4.42
N ILE C 70 -35.70 4.74 3.12
CA ILE C 70 -34.78 5.74 2.59
C ILE C 70 -35.11 7.10 3.17
N LEU C 71 -34.06 7.85 3.53
CA LEU C 71 -34.14 9.21 4.06
C LEU C 71 -34.81 10.17 3.07
N THR C 80 -26.48 19.32 2.61
CA THR C 80 -25.67 19.52 1.43
C THR C 80 -24.54 18.49 1.35
N ARG C 81 -24.02 18.08 2.50
CA ARG C 81 -23.03 17.02 2.55
C ARG C 81 -23.64 15.72 2.05
N GLU C 82 -22.95 15.05 1.14
CA GLU C 82 -23.45 13.87 0.46
C GLU C 82 -22.51 12.70 0.72
N CYS C 83 -22.93 11.51 0.28
CA CYS C 83 -22.05 10.35 0.36
C CYS C 83 -22.37 9.40 -0.79
N SER C 84 -21.43 8.52 -1.10
CA SER C 84 -21.54 7.63 -2.25
C SER C 84 -21.06 6.23 -1.86
N VAL C 85 -21.63 5.24 -2.54
CA VAL C 85 -21.27 3.83 -2.34
C VAL C 85 -21.18 3.19 -3.73
N THR C 86 -19.97 2.83 -4.15
CA THR C 86 -19.75 2.21 -5.44
C THR C 86 -19.87 0.70 -5.34
N SER C 87 -20.09 0.06 -6.49
CA SER C 87 -20.20 -1.39 -6.58
C SER C 87 -19.31 -1.91 -7.70
N ASP C 88 -18.71 -3.08 -7.48
CA ASP C 88 -17.86 -3.68 -8.50
C ASP C 88 -18.68 -4.20 -9.67
N LEU C 89 -19.90 -4.66 -9.40
CA LEU C 89 -20.72 -5.31 -10.40
C LEU C 89 -21.60 -4.27 -11.10
N ASP C 90 -22.52 -4.72 -11.97
CA ASP C 90 -23.22 -3.83 -12.88
C ASP C 90 -24.19 -2.87 -12.18
N PHE C 91 -24.40 -3.02 -10.87
CA PHE C 91 -25.22 -2.06 -10.15
C PHE C 91 -24.56 -0.69 -10.19
N PRO C 92 -25.33 0.39 -10.32
CA PRO C 92 -24.74 1.73 -10.43
C PRO C 92 -24.43 2.34 -9.07
N THR C 93 -23.66 3.43 -9.12
CA THR C 93 -23.27 4.13 -7.91
C THR C 93 -24.49 4.77 -7.25
N GLN C 94 -24.52 4.76 -5.93
CA GLN C 94 -25.63 5.30 -5.15
C GLN C 94 -25.16 6.53 -4.38
N VAL C 95 -25.96 7.59 -4.42
CA VAL C 95 -25.65 8.84 -3.73
C VAL C 95 -26.82 9.19 -2.82
N ILE C 96 -26.52 9.38 -1.54
CA ILE C 96 -27.51 9.86 -0.57
C ILE C 96 -26.85 10.90 0.32
N PRO C 97 -27.64 11.81 0.88
CA PRO C 97 -27.07 12.83 1.77
C PRO C 97 -26.56 12.24 3.08
N LEU C 98 -25.68 12.99 3.72
CA LEU C 98 -24.95 12.55 4.91
C LEU C 98 -25.45 13.34 6.11
N LYS C 99 -26.31 12.70 6.92
CA LYS C 99 -26.83 13.37 8.10
C LYS C 99 -25.74 13.50 9.14
N THR C 100 -25.55 14.72 9.66
CA THR C 100 -24.52 14.98 10.66
C THR C 100 -25.12 14.79 12.05
N LEU C 101 -24.53 13.90 12.83
CA LEU C 101 -25.01 13.65 14.18
C LEU C 101 -24.65 14.83 15.09
N ASN C 102 -25.60 15.23 15.92
CA ASN C 102 -25.44 16.40 16.76
C ASN C 102 -24.24 16.23 17.68
N ALA C 103 -23.48 17.31 17.87
CA ALA C 103 -22.27 17.26 18.67
C ALA C 103 -22.61 16.94 20.12
N VAL C 104 -21.77 16.11 20.74
CA VAL C 104 -21.99 15.68 22.11
C VAL C 104 -21.30 16.65 23.06
N ALA C 105 -22.04 17.11 24.06
CA ALA C 105 -21.57 18.17 24.94
C ALA C 105 -20.52 17.65 25.91
N SER C 106 -19.36 18.31 25.91
CA SER C 106 -18.36 18.09 26.94
C SER C 106 -18.76 18.88 28.19
N VAL C 107 -18.99 18.17 29.30
CA VAL C 107 -19.41 18.80 30.55
C VAL C 107 -18.20 19.49 31.16
N PRO C 108 -18.27 20.80 31.46
CA PRO C 108 -17.13 21.47 32.11
C PRO C 108 -17.09 21.23 33.61
N ILE C 109 -16.38 20.19 34.04
CA ILE C 109 -16.41 19.72 35.41
C ILE C 109 -15.42 20.51 36.28
N MET C 110 -15.56 20.38 37.59
CA MET C 110 -14.68 21.02 38.57
C MET C 110 -14.78 20.20 39.86
N TYR C 111 -13.68 20.10 40.59
CA TYR C 111 -13.71 19.34 41.83
C TYR C 111 -12.71 19.92 42.80
N SER C 112 -13.13 20.09 44.05
CA SER C 112 -12.32 20.61 45.14
C SER C 112 -12.15 19.55 46.22
N TRP C 113 -11.06 19.65 46.99
CA TRP C 113 -10.91 18.74 48.12
C TRP C 113 -10.47 19.50 49.36
N SER C 114 -10.87 18.96 50.50
CA SER C 114 -10.56 19.49 51.81
C SER C 114 -10.76 18.37 52.82
N PRO C 115 -10.04 18.38 53.94
CA PRO C 115 -10.39 17.45 55.03
C PRO C 115 -11.73 17.79 55.66
N LEU C 116 -12.31 18.93 55.29
CA LEU C 116 -13.58 19.41 55.81
C LEU C 116 -14.72 19.22 54.83
N GLN C 117 -14.47 19.37 53.53
CA GLN C 117 -15.53 19.41 52.52
C GLN C 117 -14.98 18.91 51.18
N GLN C 118 -15.86 18.92 50.17
CA GLN C 118 -15.46 18.80 48.76
C GLN C 118 -16.51 19.54 47.92
N ASN C 119 -16.14 20.69 47.36
CA ASN C 119 -17.10 21.50 46.62
C ASN C 119 -17.28 20.98 45.20
N PHE C 120 -18.09 21.69 44.42
CA PHE C 120 -18.31 21.36 43.01
C PHE C 120 -18.72 22.57 42.19
N THR C 144 -27.84 27.35 25.19
CA THR C 144 -28.12 27.26 23.76
C THR C 144 -27.83 28.60 23.09
N PHE C 145 -28.21 29.69 23.75
CA PHE C 145 -27.93 31.01 23.21
C PHE C 145 -26.44 31.30 23.21
N ILE C 146 -25.77 31.04 24.34
CA ILE C 146 -24.32 31.21 24.40
C ILE C 146 -23.64 30.31 23.37
N GLU C 147 -24.13 29.08 23.24
CA GLU C 147 -23.48 28.11 22.36
C GLU C 147 -23.45 28.57 20.91
N GLU C 148 -24.57 29.11 20.41
CA GLU C 148 -24.61 29.52 19.01
C GLU C 148 -24.00 30.91 18.81
N LEU C 149 -23.91 31.71 19.88
CA LEU C 149 -23.06 32.90 19.82
C LEU C 149 -21.61 32.51 19.54
N ILE C 150 -21.11 31.48 20.23
CA ILE C 150 -19.77 31.00 19.98
C ILE C 150 -19.69 30.29 18.63
N LYS C 151 -20.74 29.56 18.26
CA LYS C 151 -20.74 28.89 16.97
C LYS C 151 -20.66 29.89 15.83
N ASN C 152 -21.49 30.93 15.88
CA ASN C 152 -21.56 31.92 14.80
C ASN C 152 -20.41 32.92 14.82
N TYR C 153 -19.50 32.84 15.79
CA TYR C 153 -18.38 33.77 15.83
C TYR C 153 -17.29 33.34 14.84
N CYS C 163 -17.54 41.98 23.40
CA CYS C 163 -16.61 42.79 22.61
C CYS C 163 -16.78 42.46 21.13
N GLY C 164 -16.35 41.27 20.74
CA GLY C 164 -16.65 40.78 19.41
C GLY C 164 -18.03 40.19 19.28
N PHE C 165 -18.67 39.84 20.39
CA PHE C 165 -20.00 39.24 20.35
C PHE C 165 -21.04 40.23 19.85
N ILE C 166 -21.09 41.41 20.45
CA ILE C 166 -22.04 42.44 20.06
C ILE C 166 -21.28 43.75 19.93
N ASN C 167 -21.32 44.34 18.75
CA ASN C 167 -20.55 45.56 18.51
C ASN C 167 -21.43 46.78 18.73
N ASP C 168 -20.79 47.95 18.74
CA ASP C 168 -21.46 49.16 19.20
C ASP C 168 -22.66 49.51 18.33
N GLU C 169 -22.63 49.18 17.04
CA GLU C 169 -23.75 49.56 16.17
C GLU C 169 -24.97 48.69 16.42
N ILE C 170 -24.79 47.38 16.54
CA ILE C 170 -25.92 46.49 16.81
C ILE C 170 -26.33 46.55 18.27
N PHE C 171 -25.42 46.94 19.17
CA PHE C 171 -25.80 47.13 20.57
C PHE C 171 -26.84 48.23 20.72
N VAL C 172 -26.65 49.36 20.02
CA VAL C 172 -27.63 50.44 20.12
C VAL C 172 -28.94 50.04 19.45
N GLU C 173 -28.89 49.24 18.38
CA GLU C 173 -30.12 48.76 17.77
C GLU C 173 -30.85 47.79 18.70
N LEU C 174 -30.10 47.03 19.51
CA LEU C 174 -30.72 46.12 20.45
C LEU C 174 -31.44 46.88 21.56
N VAL C 175 -30.82 47.92 22.10
CA VAL C 175 -31.46 48.72 23.14
C VAL C 175 -32.71 49.40 22.59
N ASN C 176 -32.58 50.02 21.41
CA ASN C 176 -33.73 50.68 20.81
C ASN C 176 -34.87 49.71 20.54
N ALA C 177 -34.53 48.50 20.08
CA ALA C 177 -35.56 47.49 19.83
C ALA C 177 -36.28 47.08 21.10
N LEU C 178 -35.52 46.86 22.19
CA LEU C 178 -36.14 46.47 23.45
C LEU C 178 -36.94 47.63 24.06
N GLY C 179 -36.59 48.87 23.73
CA GLY C 179 -37.35 50.01 24.19
C GLY C 179 -38.71 50.15 23.53
N GLN C 180 -38.95 49.44 22.44
CA GLN C 180 -40.27 49.43 21.85
C GLN C 180 -41.27 48.63 22.68
N TYR C 181 -40.78 47.81 23.62
CA TYR C 181 -41.69 47.01 24.44
C TYR C 181 -42.36 47.85 25.54
N ASN C 182 -41.71 48.92 26.00
CA ASN C 182 -42.32 49.77 27.03
C ASN C 182 -42.68 51.19 26.56
N SER C 187 -36.13 51.55 31.60
CA SER C 187 -35.15 51.00 30.69
C SER C 187 -33.97 50.39 31.45
N ASP C 188 -33.97 50.56 32.77
CA ASP C 188 -32.89 50.00 33.58
C ASP C 188 -32.97 48.48 33.67
N LYS C 189 -34.20 47.93 33.59
CA LYS C 189 -34.34 46.48 33.46
C LYS C 189 -33.78 45.98 32.14
N ILE C 190 -33.80 46.83 31.10
CA ILE C 190 -33.30 46.43 29.79
C ILE C 190 -31.80 46.21 29.83
N PHE C 191 -31.06 47.08 30.53
CA PHE C 191 -29.62 46.95 30.57
C PHE C 191 -29.17 45.80 31.45
N GLU C 192 -29.92 45.48 32.50
CA GLU C 192 -29.59 44.31 33.30
C GLU C 192 -29.79 43.03 32.50
N ALA C 193 -30.80 43.00 31.62
CA ALA C 193 -31.00 41.83 30.78
C ALA C 193 -29.91 41.69 29.72
N ILE C 194 -29.44 42.82 29.17
CA ILE C 194 -28.44 42.75 28.12
C ILE C 194 -27.10 42.28 28.66
N SER C 195 -26.70 42.78 29.84
CA SER C 195 -25.44 42.36 30.43
C SER C 195 -25.52 40.94 30.96
N SER C 196 -26.73 40.51 31.39
CA SER C 196 -26.92 39.11 31.74
C SER C 196 -26.69 38.21 30.55
N MET C 197 -26.94 38.69 29.33
CA MET C 197 -26.73 37.94 28.10
C MET C 197 -25.34 38.15 27.52
N PHE C 198 -24.81 39.38 27.60
CA PHE C 198 -23.50 39.72 27.08
C PHE C 198 -22.65 40.29 28.20
N PRO C 199 -22.18 39.43 29.12
CA PRO C 199 -21.39 39.95 30.24
C PRO C 199 -20.07 40.56 29.81
N ASP C 200 -19.53 40.13 28.67
CA ASP C 200 -18.26 40.67 28.19
C ASP C 200 -18.37 42.13 27.77
N LYS C 201 -19.56 42.61 27.44
CA LYS C 201 -19.75 43.99 27.01
C LYS C 201 -19.74 44.97 28.17
N GLY C 202 -19.91 44.50 29.40
CA GLY C 202 -19.94 45.34 30.58
C GLY C 202 -21.17 45.09 31.42
N THR C 203 -21.10 45.60 32.65
CA THR C 203 -22.21 45.47 33.58
C THR C 203 -23.33 46.43 33.20
N ALA C 204 -24.47 46.29 33.90
CA ALA C 204 -25.67 47.03 33.53
C ALA C 204 -25.43 48.53 33.49
N GLU C 205 -24.77 49.07 34.51
CA GLU C 205 -24.50 50.51 34.54
C GLU C 205 -23.46 50.91 33.50
N GLU C 206 -22.48 50.04 33.25
CA GLU C 206 -21.55 50.28 32.15
C GLU C 206 -22.29 50.35 30.82
N LEU C 207 -23.26 49.45 30.61
CA LEU C 207 -23.99 49.42 29.36
C LEU C 207 -24.90 50.63 29.22
N LYS C 208 -25.39 51.16 30.33
CA LYS C 208 -26.34 52.25 30.22
C LYS C 208 -25.65 53.55 29.81
N GLU C 209 -24.43 53.79 30.29
CA GLU C 209 -23.69 54.95 29.80
C GLU C 209 -22.95 54.64 28.50
N LYS C 210 -22.72 53.35 28.21
CA LYS C 210 -22.27 52.95 26.88
C LYS C 210 -23.26 53.39 25.81
N TYR C 211 -24.56 53.22 26.10
CA TYR C 211 -25.61 53.64 25.19
C TYR C 211 -25.75 55.15 25.16
N LYS C 212 -25.62 55.82 26.32
CA LYS C 212 -25.70 57.28 26.33
C LYS C 212 -24.53 57.92 25.60
N GLU C 213 -23.36 57.28 25.65
CA GLU C 213 -22.21 57.80 24.94
C GLU C 213 -22.40 57.70 23.44
N LEU C 214 -22.92 56.57 22.96
CA LEU C 214 -23.08 56.35 21.53
C LEU C 214 -24.26 57.12 20.95
N THR C 215 -25.26 57.44 21.78
CA THR C 215 -26.44 58.14 21.27
C THR C 215 -26.14 59.58 20.88
N GLU C 216 -25.09 60.18 21.44
CA GLU C 216 -24.78 61.58 21.17
C GLU C 216 -23.69 61.72 20.11
N GLY D 1 17.09 -2.62 -32.86
CA GLY D 1 15.72 -2.42 -33.28
C GLY D 1 14.73 -3.26 -32.49
N SER D 2 13.53 -3.45 -33.05
CA SER D 2 12.49 -4.19 -32.35
C SER D 2 12.91 -5.64 -32.11
N CYS D 3 12.47 -6.18 -30.98
CA CYS D 3 12.69 -7.58 -30.65
C CYS D 3 11.60 -8.45 -31.26
N LYS D 4 11.93 -9.72 -31.48
CA LYS D 4 11.09 -10.59 -32.31
C LYS D 4 10.16 -11.49 -31.53
N TYR D 5 10.35 -11.65 -30.23
CA TYR D 5 9.49 -12.49 -29.41
C TYR D 5 8.35 -11.66 -28.84
N SER D 6 7.11 -12.09 -29.10
CA SER D 6 5.92 -11.42 -28.60
C SER D 6 5.09 -12.37 -27.76
N PHE D 7 4.48 -11.85 -26.70
CA PHE D 7 3.70 -12.67 -25.78
C PHE D 7 2.35 -12.04 -25.51
N LYS D 8 1.38 -12.90 -25.23
CA LYS D 8 0.05 -12.50 -24.79
C LYS D 8 -0.20 -13.07 -23.39
N CYS D 9 -0.70 -12.24 -22.49
CA CYS D 9 -1.05 -12.68 -21.14
C CYS D 9 -2.38 -13.42 -21.19
N VAL D 10 -2.38 -14.70 -20.83
CA VAL D 10 -3.56 -15.54 -20.96
C VAL D 10 -4.15 -15.97 -19.64
N ASN D 11 -3.49 -15.68 -18.52
CA ASN D 11 -4.05 -16.02 -17.21
C ASN D 11 -3.28 -15.28 -16.14
N SER D 12 -3.91 -15.11 -14.99
CA SER D 12 -3.24 -14.56 -13.81
C SER D 12 -3.92 -15.11 -12.58
N LEU D 13 -3.13 -15.72 -11.69
CA LEU D 13 -3.63 -16.36 -10.48
C LEU D 13 -3.16 -15.59 -9.24
N LYS D 14 -3.62 -16.05 -8.07
CA LYS D 14 -3.26 -15.44 -6.80
C LYS D 14 -3.36 -16.49 -5.71
N GLU D 15 -2.28 -16.68 -4.96
CA GLU D 15 -2.28 -17.67 -3.90
C GLU D 15 -2.89 -17.06 -2.64
N ASP D 16 -3.48 -17.94 -1.81
CA ASP D 16 -4.35 -17.47 -0.72
C ASP D 16 -3.59 -16.88 0.46
N HIS D 17 -2.25 -16.91 0.45
CA HIS D 17 -1.47 -16.39 1.58
C HIS D 17 -1.10 -14.92 1.44
N ASN D 18 -1.11 -14.38 0.23
CA ASN D 18 -0.82 -12.96 -0.03
C ASN D 18 0.58 -12.56 0.46
N GLN D 19 1.51 -13.54 0.55
CA GLN D 19 2.91 -13.30 0.86
C GLN D 19 3.75 -13.38 -0.41
N PRO D 20 4.88 -12.68 -0.46
CA PRO D 20 5.68 -12.67 -1.68
C PRO D 20 6.08 -14.06 -2.12
N LEU D 21 5.93 -14.32 -3.43
CA LEU D 21 6.48 -15.51 -4.08
C LEU D 21 7.87 -15.18 -4.63
N PHE D 22 8.90 -15.80 -4.09
CA PHE D 22 10.25 -15.46 -4.49
C PHE D 22 10.75 -16.27 -5.68
N GLY D 23 10.34 -17.52 -5.82
CA GLY D 23 10.87 -18.38 -6.84
C GLY D 23 9.80 -19.10 -7.63
N VAL D 24 10.13 -19.40 -8.88
CA VAL D 24 9.26 -20.18 -9.76
C VAL D 24 10.15 -20.96 -10.72
N GLN D 25 9.90 -22.26 -10.85
CA GLN D 25 10.69 -23.11 -11.72
C GLN D 25 9.80 -24.06 -12.51
N PHE D 26 9.94 -24.05 -13.82
CA PHE D 26 9.32 -25.07 -14.67
C PHE D 26 10.11 -26.37 -14.57
N ASN D 27 9.41 -27.49 -14.65
CA ASN D 27 10.07 -28.80 -14.67
C ASN D 27 10.52 -29.08 -16.10
N TRP D 28 11.82 -28.89 -16.35
CA TRP D 28 12.39 -29.17 -17.67
C TRP D 28 12.70 -30.64 -17.88
N HIS D 29 12.49 -31.47 -16.87
CA HIS D 29 12.77 -32.90 -16.97
C HIS D 29 11.58 -33.70 -17.49
N SER D 30 10.42 -33.09 -17.63
CA SER D 30 9.25 -33.80 -18.12
C SER D 30 9.47 -34.23 -19.56
N LYS D 31 8.96 -35.41 -19.91
CA LYS D 31 9.15 -35.94 -21.25
C LYS D 31 8.23 -35.25 -22.24
N GLU D 32 8.56 -35.40 -23.53
CA GLU D 32 7.75 -34.81 -24.58
C GLU D 32 6.38 -35.48 -24.62
N GLY D 33 5.33 -34.65 -24.57
CA GLY D 33 3.96 -35.12 -24.52
C GLY D 33 3.30 -34.99 -23.16
N ASP D 34 4.09 -34.93 -22.09
CA ASP D 34 3.54 -34.69 -20.76
C ASP D 34 3.26 -33.21 -20.59
N PRO D 35 2.23 -32.85 -19.83
CA PRO D 35 1.91 -31.43 -19.65
C PRO D 35 3.03 -30.70 -18.92
N LEU D 36 3.14 -29.41 -19.20
CA LEU D 36 4.16 -28.58 -18.59
C LEU D 36 3.72 -28.17 -17.19
N VAL D 37 4.52 -28.54 -16.18
CA VAL D 37 4.22 -28.20 -14.79
C VAL D 37 5.35 -27.35 -14.24
N PHE D 38 4.99 -26.38 -13.39
CA PHE D 38 5.95 -25.51 -12.73
C PHE D 38 5.64 -25.43 -11.24
N ALA D 39 6.62 -24.99 -10.47
CA ALA D 39 6.53 -24.88 -9.03
C ALA D 39 6.76 -23.44 -8.61
N THR D 40 6.07 -23.01 -7.55
CA THR D 40 6.29 -21.71 -6.95
C THR D 40 6.67 -21.88 -5.48
N VAL D 41 7.46 -20.96 -4.96
CA VAL D 41 7.82 -20.96 -3.55
C VAL D 41 7.65 -19.56 -3.00
N GLY D 42 7.10 -19.48 -1.79
CA GLY D 42 6.89 -18.21 -1.12
C GLY D 42 6.26 -18.49 0.23
N SER D 43 6.55 -17.59 1.16
CA SER D 43 6.09 -17.80 2.54
C SER D 43 6.66 -19.14 2.97
N ASN D 44 5.89 -19.98 3.66
CA ASN D 44 6.31 -21.34 3.97
C ASN D 44 5.61 -22.36 3.07
N ARG D 45 5.42 -22.02 1.79
CA ARG D 45 4.58 -22.78 0.90
C ARG D 45 5.33 -23.23 -0.35
N VAL D 46 5.00 -24.43 -0.81
CA VAL D 46 5.45 -24.96 -2.10
C VAL D 46 4.22 -25.38 -2.87
N THR D 47 4.09 -24.90 -4.11
CA THR D 47 2.89 -25.17 -4.90
C THR D 47 3.29 -25.57 -6.31
N LEU D 48 2.55 -26.55 -6.86
CA LEU D 48 2.84 -27.13 -8.17
C LEU D 48 1.62 -26.98 -9.07
N TYR D 49 1.84 -26.51 -10.29
CA TYR D 49 0.76 -26.22 -11.22
C TYR D 49 1.00 -26.92 -12.56
N GLU D 50 -0.09 -27.14 -13.29
CA GLU D 50 -0.07 -27.81 -14.59
C GLU D 50 -0.71 -26.88 -15.63
N CYS D 51 0.03 -26.59 -16.70
CA CYS D 51 -0.42 -25.67 -17.73
C CYS D 51 -1.20 -26.41 -18.82
N HIS D 52 -2.31 -25.82 -19.26
CA HIS D 52 -3.16 -26.41 -20.29
C HIS D 52 -3.51 -25.37 -21.35
N SER D 53 -4.29 -25.79 -22.34
CA SER D 53 -4.74 -24.93 -23.42
C SER D 53 -5.50 -23.71 -22.88
N GLN D 54 -5.57 -22.67 -23.71
CA GLN D 54 -6.43 -21.50 -23.50
C GLN D 54 -6.13 -20.80 -22.18
N GLY D 55 -4.88 -20.86 -21.73
CA GLY D 55 -4.48 -20.20 -20.51
C GLY D 55 -4.82 -20.92 -19.22
N GLU D 56 -5.53 -22.05 -19.29
CA GLU D 56 -5.88 -22.78 -18.08
C GLU D 56 -4.62 -23.22 -17.32
N ILE D 57 -4.62 -23.00 -16.01
CA ILE D 57 -3.54 -23.43 -15.14
C ILE D 57 -4.16 -24.26 -14.02
N ARG D 58 -3.90 -25.56 -14.03
CA ARG D 58 -4.48 -26.48 -13.06
C ARG D 58 -3.59 -26.54 -11.82
N LEU D 59 -4.22 -26.47 -10.65
CA LEU D 59 -3.52 -26.54 -9.38
C LEU D 59 -3.45 -28.00 -8.93
N LEU D 60 -2.22 -28.53 -8.80
CA LEU D 60 -2.04 -29.96 -8.52
C LEU D 60 -1.72 -30.25 -7.06
N GLN D 61 -0.72 -29.58 -6.49
CA GLN D 61 -0.24 -29.93 -5.16
C GLN D 61 0.16 -28.67 -4.41
N SER D 62 0.05 -28.75 -3.08
CA SER D 62 0.49 -27.66 -2.22
C SER D 62 1.04 -28.24 -0.92
N TYR D 63 2.12 -27.64 -0.43
CA TYR D 63 2.80 -28.09 0.77
C TYR D 63 3.05 -26.90 1.69
N VAL D 64 2.95 -27.14 2.99
CA VAL D 64 3.30 -26.16 4.02
C VAL D 64 4.35 -26.77 4.92
N ASP D 65 5.30 -25.95 5.36
CA ASP D 65 6.26 -26.37 6.37
C ASP D 65 5.59 -26.33 7.73
N ALA D 66 5.90 -27.33 8.56
CA ALA D 66 5.42 -27.31 9.94
C ALA D 66 5.80 -26.02 10.64
N ASP D 67 7.00 -25.50 10.36
CA ASP D 67 7.46 -24.24 10.93
C ASP D 67 6.80 -23.08 10.19
N ALA D 68 6.07 -22.24 10.93
CA ALA D 68 5.44 -21.07 10.31
C ALA D 68 6.45 -19.98 10.01
N ASP D 69 7.53 -19.92 10.78
CA ASP D 69 8.59 -18.94 10.56
C ASP D 69 9.56 -19.37 9.47
N GLU D 70 9.32 -20.50 8.81
CA GLU D 70 10.08 -20.84 7.62
C GLU D 70 9.63 -19.97 6.45
N ASN D 71 10.57 -19.61 5.59
CA ASN D 71 10.30 -18.70 4.48
C ASN D 71 11.14 -19.17 3.28
N PHE D 72 10.54 -20.02 2.44
CA PHE D 72 11.23 -20.56 1.28
C PHE D 72 11.54 -19.45 0.27
N TYR D 73 12.78 -19.43 -0.22
CA TYR D 73 13.20 -18.46 -1.22
C TYR D 73 13.38 -19.04 -2.61
N THR D 74 13.69 -20.32 -2.74
CA THR D 74 14.08 -20.86 -4.04
C THR D 74 13.69 -22.32 -4.13
N CYS D 75 13.71 -22.83 -5.36
CA CYS D 75 13.47 -24.25 -5.60
C CYS D 75 14.23 -24.67 -6.85
N ALA D 76 14.26 -25.99 -7.10
CA ALA D 76 15.01 -26.53 -8.23
C ALA D 76 14.55 -27.96 -8.48
N TRP D 77 14.25 -28.28 -9.75
CA TRP D 77 13.77 -29.61 -10.12
C TRP D 77 14.95 -30.55 -10.40
N THR D 78 14.69 -31.84 -10.24
CA THR D 78 15.64 -32.90 -10.58
C THR D 78 14.86 -34.19 -10.75
N TYR D 79 15.57 -35.32 -10.84
CA TYR D 79 14.91 -36.60 -10.98
C TYR D 79 15.72 -37.71 -10.32
N ASP D 80 15.02 -38.78 -9.96
CA ASP D 80 15.61 -40.00 -9.43
C ASP D 80 15.95 -40.92 -10.60
N SER D 81 17.24 -41.16 -10.82
CA SER D 81 17.69 -41.96 -11.97
C SER D 81 17.16 -43.38 -11.91
N ASN D 82 17.08 -43.97 -10.70
CA ASN D 82 16.64 -45.34 -10.54
C ASN D 82 15.13 -45.49 -10.71
N THR D 83 14.35 -44.52 -10.23
CA THR D 83 12.90 -44.65 -10.23
C THR D 83 12.21 -43.74 -11.25
N SER D 84 12.95 -42.85 -11.91
CA SER D 84 12.39 -41.95 -12.91
C SER D 84 11.31 -41.03 -12.33
N HIS D 85 11.39 -40.77 -11.02
CA HIS D 85 10.48 -39.85 -10.33
C HIS D 85 11.05 -38.44 -10.36
N PRO D 86 10.27 -37.43 -10.73
CA PRO D 86 10.74 -36.05 -10.58
C PRO D 86 10.80 -35.67 -9.12
N LEU D 87 11.81 -34.87 -8.77
CA LEU D 87 12.00 -34.41 -7.40
C LEU D 87 12.19 -32.90 -7.40
N LEU D 88 11.73 -32.27 -6.32
CA LEU D 88 11.81 -30.82 -6.18
C LEU D 88 12.51 -30.50 -4.86
N ALA D 89 13.55 -29.67 -4.93
CA ALA D 89 14.27 -29.20 -3.76
C ALA D 89 13.86 -27.77 -3.45
N VAL D 90 13.61 -27.47 -2.18
CA VAL D 90 13.26 -26.13 -1.74
C VAL D 90 14.10 -25.77 -0.53
N ALA D 91 14.33 -24.46 -0.36
CA ALA D 91 15.12 -23.96 0.77
C ALA D 91 14.88 -22.47 0.91
N GLY D 92 15.22 -21.94 2.08
CA GLY D 92 14.98 -20.54 2.35
C GLY D 92 15.64 -19.99 3.60
N SER D 93 14.86 -19.27 4.42
CA SER D 93 15.43 -18.53 5.55
C SER D 93 16.01 -19.45 6.61
N ARG D 94 15.36 -20.58 6.87
CA ARG D 94 15.83 -21.46 7.94
C ARG D 94 17.05 -22.29 7.53
N GLY D 95 17.56 -22.10 6.32
CA GLY D 95 18.79 -22.76 5.91
C GLY D 95 18.72 -24.27 5.85
N ILE D 96 17.56 -24.84 5.51
CA ILE D 96 17.35 -26.27 5.49
C ILE D 96 16.90 -26.66 4.08
N ILE D 97 17.54 -27.68 3.52
CA ILE D 97 17.18 -28.18 2.20
C ILE D 97 16.17 -29.31 2.36
N ARG D 98 15.05 -29.20 1.64
CA ARG D 98 14.00 -30.21 1.62
C ARG D 98 13.88 -30.76 0.20
N ILE D 99 13.81 -32.08 0.07
CA ILE D 99 13.53 -32.72 -1.21
C ILE D 99 12.15 -33.34 -1.12
N ILE D 100 11.26 -32.93 -2.02
CA ILE D 100 9.87 -33.38 -2.05
C ILE D 100 9.67 -34.26 -3.27
N ASN D 101 9.06 -35.42 -3.08
CA ASN D 101 8.74 -36.35 -4.15
C ASN D 101 7.26 -36.22 -4.51
N PRO D 102 6.91 -35.42 -5.53
CA PRO D 102 5.49 -35.22 -5.84
C PRO D 102 4.76 -36.49 -6.27
N ILE D 103 5.49 -37.56 -6.61
CA ILE D 103 4.82 -38.82 -6.96
C ILE D 103 4.27 -39.49 -5.71
N THR D 104 5.13 -39.72 -4.71
CA THR D 104 4.68 -40.21 -3.42
C THR D 104 4.08 -39.11 -2.55
N MET D 105 4.27 -37.84 -2.93
CA MET D 105 3.80 -36.69 -2.16
C MET D 105 4.36 -36.68 -0.75
N GLN D 106 5.52 -37.29 -0.54
CA GLN D 106 6.24 -37.24 0.71
C GLN D 106 7.45 -36.30 0.57
N CYS D 107 8.01 -35.94 1.71
CA CYS D 107 9.28 -35.22 1.76
C CYS D 107 10.36 -36.24 2.13
N ILE D 108 11.22 -36.56 1.17
CA ILE D 108 12.08 -37.74 1.32
C ILE D 108 13.42 -37.43 2.01
N LYS D 109 13.95 -36.22 1.87
CA LYS D 109 15.28 -35.94 2.39
C LYS D 109 15.37 -34.52 2.95
N HIS D 110 16.02 -34.39 4.11
CA HIS D 110 16.35 -33.12 4.73
C HIS D 110 17.86 -32.98 4.83
N TYR D 111 18.37 -31.79 4.56
CA TYR D 111 19.79 -31.49 4.74
C TYR D 111 19.90 -30.19 5.52
N VAL D 112 20.55 -30.24 6.69
CA VAL D 112 20.54 -29.11 7.61
C VAL D 112 21.98 -28.75 7.97
N GLY D 113 22.76 -28.34 6.98
CA GLY D 113 24.17 -28.06 7.22
C GLY D 113 24.47 -26.60 7.45
N HIS D 114 23.83 -25.74 6.65
CA HIS D 114 24.29 -24.36 6.50
C HIS D 114 24.22 -23.60 7.83
N GLY D 115 25.04 -22.56 7.90
CA GLY D 115 25.03 -21.70 9.07
C GLY D 115 23.93 -20.67 9.06
N ASN D 116 23.25 -20.48 7.95
CA ASN D 116 22.15 -19.53 7.88
C ASN D 116 21.33 -19.81 6.62
N ALA D 117 20.59 -18.80 6.17
CA ALA D 117 19.60 -18.97 5.12
C ALA D 117 20.24 -19.36 3.79
N ILE D 118 19.48 -20.10 2.98
CA ILE D 118 19.91 -20.48 1.64
C ILE D 118 19.24 -19.56 0.64
N ASN D 119 20.03 -19.02 -0.29
CA ASN D 119 19.52 -18.03 -1.24
C ASN D 119 19.30 -18.57 -2.65
N GLU D 120 19.96 -19.67 -3.02
CA GLU D 120 19.78 -20.25 -4.35
C GLU D 120 20.11 -21.74 -4.30
N LEU D 121 19.37 -22.52 -5.09
CA LEU D 121 19.61 -23.94 -5.26
C LEU D 121 19.76 -24.23 -6.74
N LYS D 122 20.73 -25.08 -7.08
CA LYS D 122 20.99 -25.44 -8.47
C LYS D 122 21.46 -26.88 -8.55
N PHE D 123 20.94 -27.61 -9.54
CA PHE D 123 21.30 -29.01 -9.78
C PHE D 123 22.28 -29.12 -10.95
N HIS D 124 23.28 -29.97 -10.78
CA HIS D 124 24.27 -30.23 -11.82
C HIS D 124 23.59 -30.63 -13.14
N PRO D 125 23.99 -30.05 -14.27
CA PRO D 125 23.27 -30.33 -15.54
C PRO D 125 23.51 -31.72 -16.10
N ARG D 126 24.49 -32.46 -15.57
CA ARG D 126 24.79 -33.81 -16.04
C ARG D 126 24.60 -34.88 -14.97
N ASP D 127 24.69 -34.53 -13.70
CA ASP D 127 24.49 -35.47 -12.60
C ASP D 127 23.29 -35.01 -11.78
N PRO D 128 22.13 -35.68 -11.87
CA PRO D 128 20.95 -35.19 -11.14
C PRO D 128 21.06 -35.32 -9.64
N ASN D 129 22.10 -35.98 -9.12
CA ASN D 129 22.24 -36.18 -7.69
C ASN D 129 23.06 -35.10 -6.99
N LEU D 130 23.75 -34.25 -7.74
CA LEU D 130 24.61 -33.23 -7.15
C LEU D 130 23.87 -31.90 -7.07
N LEU D 131 23.66 -31.43 -5.84
CA LEU D 131 22.87 -30.23 -5.57
C LEU D 131 23.76 -29.17 -4.94
N LEU D 132 23.78 -27.99 -5.55
CA LEU D 132 24.56 -26.85 -5.07
C LEU D 132 23.66 -25.87 -4.35
N SER D 133 24.12 -25.39 -3.19
CA SER D 133 23.40 -24.42 -2.38
C SER D 133 24.31 -23.25 -2.03
N VAL D 134 23.80 -22.03 -2.20
CA VAL D 134 24.51 -20.82 -1.80
C VAL D 134 23.76 -20.19 -0.62
N SER D 135 24.51 -19.64 0.32
CA SER D 135 23.93 -19.35 1.62
C SER D 135 24.44 -18.04 2.20
N LYS D 136 23.66 -17.54 3.17
CA LYS D 136 24.00 -16.36 3.94
C LYS D 136 25.29 -16.53 4.74
N ASP D 137 25.74 -17.77 4.94
CA ASP D 137 26.91 -18.06 5.76
C ASP D 137 28.23 -17.91 5.01
N HIS D 138 28.24 -17.20 3.87
CA HIS D 138 29.40 -16.86 3.05
C HIS D 138 29.93 -18.01 2.21
N ALA D 139 29.24 -19.15 2.14
CA ALA D 139 29.80 -20.33 1.50
C ALA D 139 28.82 -20.95 0.53
N LEU D 140 29.38 -21.74 -0.39
CA LEU D 140 28.62 -22.63 -1.25
C LEU D 140 28.82 -24.06 -0.78
N ARG D 141 27.86 -24.93 -1.10
CA ARG D 141 27.92 -26.33 -0.70
C ARG D 141 27.37 -27.23 -1.80
N LEU D 142 28.11 -28.30 -2.08
CA LEU D 142 27.75 -29.27 -3.10
C LEU D 142 27.37 -30.58 -2.41
N TRP D 143 26.12 -30.98 -2.56
CA TRP D 143 25.59 -32.17 -1.91
C TRP D 143 25.39 -33.29 -2.92
N ASN D 144 25.65 -34.52 -2.48
CA ASN D 144 25.28 -35.73 -3.22
C ASN D 144 24.03 -36.29 -2.55
N ILE D 145 22.87 -36.10 -3.19
CA ILE D 145 21.60 -36.48 -2.59
C ILE D 145 21.26 -37.95 -2.81
N GLN D 146 22.13 -38.72 -3.48
CA GLN D 146 21.94 -40.16 -3.55
C GLN D 146 22.65 -40.88 -2.42
N THR D 147 23.80 -40.37 -1.99
CA THR D 147 24.53 -40.92 -0.85
C THR D 147 24.34 -40.11 0.42
N ASP D 148 23.63 -38.98 0.35
CA ASP D 148 23.36 -38.12 1.51
C ASP D 148 24.64 -37.58 2.12
N THR D 149 25.64 -37.32 1.28
CA THR D 149 26.90 -36.76 1.73
C THR D 149 27.08 -35.35 1.19
N LEU D 150 27.98 -34.61 1.83
CA LEU D 150 28.35 -33.27 1.40
C LEU D 150 29.72 -33.37 0.74
N VAL D 151 29.77 -33.09 -0.56
CA VAL D 151 30.99 -33.34 -1.32
C VAL D 151 32.05 -32.27 -1.05
N ALA D 152 31.64 -31.00 -0.99
CA ALA D 152 32.60 -29.92 -0.86
C ALA D 152 31.94 -28.68 -0.30
N ILE D 153 32.74 -27.84 0.35
CA ILE D 153 32.30 -26.55 0.88
C ILE D 153 33.14 -25.46 0.20
N PHE D 154 32.52 -24.71 -0.71
CA PHE D 154 33.22 -23.69 -1.49
C PHE D 154 33.24 -22.39 -0.71
N GLY D 155 34.29 -22.20 0.06
CA GLY D 155 34.41 -21.00 0.85
C GLY D 155 35.62 -21.08 1.76
N GLY D 156 35.91 -19.95 2.39
CA GLY D 156 37.02 -19.89 3.30
C GLY D 156 37.92 -18.70 3.10
N VAL D 157 39.22 -18.94 3.17
CA VAL D 157 40.21 -17.88 3.26
C VAL D 157 40.13 -16.91 2.08
N GLU D 158 39.84 -17.42 0.87
CA GLU D 158 39.64 -16.55 -0.28
C GLU D 158 38.25 -16.70 -0.88
N GLY D 159 37.30 -17.22 -0.10
CA GLY D 159 35.91 -17.26 -0.52
C GLY D 159 35.21 -15.95 -0.23
N HIS D 160 33.91 -15.93 -0.52
CA HIS D 160 33.14 -14.71 -0.37
C HIS D 160 33.21 -14.19 1.06
N ARG D 161 33.28 -12.87 1.19
CA ARG D 161 33.41 -12.21 2.49
C ARG D 161 32.06 -11.73 3.03
N ASP D 162 30.96 -12.11 2.38
CA ASP D 162 29.62 -11.76 2.81
C ASP D 162 28.66 -12.77 2.19
N GLU D 163 27.35 -12.51 2.34
CA GLU D 163 26.33 -13.43 1.85
C GLU D 163 26.58 -13.80 0.39
N VAL D 164 26.41 -15.08 0.07
CA VAL D 164 26.40 -15.55 -1.31
C VAL D 164 24.95 -15.52 -1.77
N LEU D 165 24.69 -14.81 -2.86
CA LEU D 165 23.33 -14.58 -3.31
C LEU D 165 22.91 -15.48 -4.47
N SER D 166 23.84 -15.94 -5.30
CA SER D 166 23.45 -16.74 -6.46
C SER D 166 24.66 -17.46 -7.02
N ALA D 167 24.39 -18.51 -7.79
CA ALA D 167 25.42 -19.27 -8.49
C ALA D 167 24.79 -19.98 -9.68
N ASP D 168 25.64 -20.51 -10.55
CA ASP D 168 25.17 -21.17 -11.77
C ASP D 168 26.27 -22.05 -12.33
N TYR D 169 25.93 -23.30 -12.66
CA TYR D 169 26.83 -24.16 -13.42
C TYR D 169 26.91 -23.68 -14.86
N ASP D 170 28.03 -23.96 -15.51
CA ASP D 170 28.08 -23.80 -16.96
C ASP D 170 27.30 -24.94 -17.61
N LEU D 171 27.17 -24.86 -18.94
CA LEU D 171 26.25 -25.76 -19.64
C LEU D 171 26.63 -27.23 -19.42
N LEU D 172 27.91 -27.56 -19.60
CA LEU D 172 28.36 -28.94 -19.44
C LEU D 172 28.68 -29.31 -17.99
N GLY D 173 28.53 -28.38 -17.06
CA GLY D 173 28.72 -28.69 -15.65
C GLY D 173 30.16 -28.90 -15.24
N GLU D 174 31.08 -28.12 -15.81
CA GLU D 174 32.48 -28.22 -15.45
C GLU D 174 32.93 -27.15 -14.46
N LYS D 175 32.22 -26.03 -14.37
CA LYS D 175 32.61 -24.92 -13.50
C LYS D 175 31.39 -24.21 -12.96
N ILE D 176 31.57 -23.53 -11.83
CA ILE D 176 30.51 -22.78 -11.17
C ILE D 176 30.95 -21.33 -11.04
N MET D 177 30.02 -20.41 -11.26
CA MET D 177 30.25 -18.98 -11.06
C MET D 177 29.27 -18.49 -10.01
N SER D 178 29.79 -17.92 -8.93
CA SER D 178 28.98 -17.45 -7.80
C SER D 178 29.15 -15.95 -7.62
N CYS D 179 28.22 -15.35 -6.88
CA CYS D 179 28.29 -13.93 -6.56
C CYS D 179 27.53 -13.67 -5.28
N GLY D 180 27.80 -12.53 -4.66
CA GLY D 180 27.16 -12.19 -3.42
C GLY D 180 27.33 -10.73 -3.03
N MET D 181 27.10 -10.46 -1.74
CA MET D 181 27.04 -9.10 -1.23
C MET D 181 28.41 -8.48 -0.99
N ASP D 182 29.49 -9.21 -1.22
CA ASP D 182 30.82 -8.64 -1.14
C ASP D 182 31.28 -8.04 -2.47
N HIS D 183 30.34 -7.81 -3.39
CA HIS D 183 30.54 -7.22 -4.71
C HIS D 183 31.26 -8.14 -5.68
N SER D 184 31.68 -9.33 -5.26
CA SER D 184 32.57 -10.15 -6.06
C SER D 184 31.79 -11.20 -6.86
N LEU D 185 32.44 -11.68 -7.92
CA LEU D 185 32.01 -12.85 -8.67
C LEU D 185 33.18 -13.83 -8.69
N LYS D 186 32.93 -15.07 -8.30
CA LYS D 186 34.00 -16.04 -8.10
C LYS D 186 33.74 -17.29 -8.92
N LEU D 187 34.81 -17.87 -9.46
CA LEU D 187 34.74 -19.04 -10.32
C LEU D 187 35.31 -20.25 -9.59
N TRP D 188 34.52 -21.32 -9.50
CA TRP D 188 34.94 -22.57 -8.87
C TRP D 188 34.84 -23.67 -9.91
N ARG D 189 36.00 -24.23 -10.28
CA ARG D 189 36.04 -25.32 -11.24
C ARG D 189 35.73 -26.63 -10.51
N ILE D 190 34.71 -27.35 -10.97
CA ILE D 190 34.39 -28.66 -10.42
C ILE D 190 34.87 -29.78 -11.31
N ASN D 191 35.58 -29.47 -12.40
CA ASN D 191 36.20 -30.48 -13.24
C ASN D 191 37.69 -30.62 -12.96
N SER D 192 38.16 -30.07 -11.84
CA SER D 192 39.49 -30.36 -11.35
C SER D 192 39.54 -31.77 -10.78
N LYS D 193 40.74 -32.34 -10.75
CA LYS D 193 40.84 -33.74 -10.31
C LYS D 193 40.55 -33.90 -8.84
N ARG D 194 40.78 -32.86 -8.03
CA ARG D 194 40.36 -32.90 -6.63
C ARG D 194 38.86 -33.04 -6.53
N MET D 195 38.12 -32.19 -7.26
CA MET D 195 36.66 -32.25 -7.23
C MET D 195 36.15 -33.54 -7.86
N MET D 196 36.76 -33.98 -8.97
CA MET D 196 36.33 -35.20 -9.62
C MET D 196 36.53 -36.41 -8.71
N ASN D 197 37.63 -36.44 -7.97
CA ASN D 197 37.84 -37.52 -7.02
C ASN D 197 36.87 -37.41 -5.85
N ALA D 198 36.55 -36.18 -5.44
CA ALA D 198 35.63 -36.00 -4.33
C ALA D 198 34.23 -36.50 -4.69
N ILE D 199 33.79 -36.23 -5.92
CA ILE D 199 32.45 -36.66 -6.32
C ILE D 199 32.35 -38.18 -6.35
N LYS D 200 33.37 -38.84 -6.91
CA LYS D 200 33.28 -40.30 -7.02
C LYS D 200 33.43 -40.96 -5.65
N GLU D 201 34.30 -40.43 -4.79
CA GLU D 201 34.41 -41.03 -3.46
C GLU D 201 33.17 -40.78 -2.64
N SER D 202 32.48 -39.66 -2.89
CA SER D 202 31.17 -39.46 -2.25
C SER D 202 30.18 -40.51 -2.70
N TYR D 203 30.32 -41.01 -3.93
CA TYR D 203 29.48 -42.10 -4.40
C TYR D 203 29.90 -43.44 -3.78
N ASP D 204 31.18 -43.59 -3.45
CA ASP D 204 31.72 -44.83 -2.91
C ASP D 204 31.59 -44.94 -1.40
N TYR D 205 30.93 -43.98 -0.74
CA TYR D 205 30.87 -43.97 0.71
C TYR D 205 29.73 -44.82 1.22
N ASN D 206 30.01 -45.68 2.20
CA ASN D 206 28.99 -46.43 2.91
C ASN D 206 29.35 -46.52 4.39
N PRO D 207 28.37 -46.37 5.27
CA PRO D 207 28.66 -46.16 6.69
C PRO D 207 29.30 -47.36 7.37
N ASN D 208 30.19 -47.06 8.32
CA ASN D 208 30.91 -48.06 9.09
C ASN D 208 30.03 -48.65 10.20
N PHE D 214 32.81 -39.74 6.61
CA PHE D 214 33.01 -38.95 5.40
C PHE D 214 33.26 -37.48 5.74
N ILE D 215 34.32 -36.92 5.16
CA ILE D 215 34.67 -35.52 5.35
C ILE D 215 34.63 -34.82 3.99
N SER D 216 34.12 -33.60 3.97
CA SER D 216 33.95 -32.86 2.73
C SER D 216 35.20 -32.05 2.41
N GLN D 217 35.35 -31.71 1.14
CA GLN D 217 36.55 -31.06 0.65
C GLN D 217 36.39 -29.54 0.77
N LYS D 218 37.24 -28.92 1.59
CA LYS D 218 37.14 -27.48 1.88
C LYS D 218 37.94 -26.69 0.85
N ILE D 219 37.23 -26.07 -0.10
CA ILE D 219 37.87 -25.34 -1.20
C ILE D 219 38.02 -23.88 -0.79
N HIS D 220 39.25 -23.48 -0.46
CA HIS D 220 39.49 -22.12 0.02
C HIS D 220 39.70 -21.13 -1.11
N PHE D 221 40.23 -21.57 -2.24
CA PHE D 221 40.66 -20.65 -3.28
C PHE D 221 39.88 -20.89 -4.57
N PRO D 222 39.12 -19.91 -5.05
CA PRO D 222 38.46 -20.06 -6.35
C PRO D 222 39.46 -19.86 -7.48
N ASP D 223 39.08 -20.35 -8.65
CA ASP D 223 39.93 -20.24 -9.83
C ASP D 223 39.78 -18.90 -10.54
N PHE D 224 39.03 -17.96 -9.96
CA PHE D 224 38.91 -16.59 -10.46
C PHE D 224 38.08 -15.76 -9.50
N SER D 225 38.32 -14.45 -9.47
CA SER D 225 37.59 -13.55 -8.57
C SER D 225 37.70 -12.14 -9.11
N THR D 226 36.63 -11.36 -8.93
CA THR D 226 36.65 -9.97 -9.36
C THR D 226 35.59 -9.17 -8.61
N ARG D 227 35.94 -7.93 -8.24
CA ARG D 227 34.98 -6.95 -7.77
C ARG D 227 34.71 -5.86 -8.79
N ASP D 228 35.29 -5.96 -9.98
CA ASP D 228 35.36 -4.84 -10.91
C ASP D 228 34.29 -4.90 -12.00
N ILE D 229 33.17 -5.59 -11.76
CA ILE D 229 32.04 -5.55 -12.68
C ILE D 229 30.95 -4.63 -12.15
N HIS D 230 30.62 -4.74 -10.87
CA HIS D 230 29.56 -3.97 -10.25
C HIS D 230 30.11 -3.18 -9.07
N ARG D 231 29.38 -2.12 -8.70
CA ARG D 231 29.73 -1.29 -7.56
C ARG D 231 28.89 -1.59 -6.32
N ASN D 232 28.10 -2.65 -6.34
CA ASN D 232 27.23 -2.99 -5.21
C ASN D 232 27.06 -4.51 -5.17
N TYR D 233 26.11 -4.97 -4.35
CA TYR D 233 25.88 -6.40 -4.23
C TYR D 233 25.49 -6.97 -5.59
N VAL D 234 25.93 -8.20 -5.85
CA VAL D 234 25.58 -8.92 -7.07
C VAL D 234 24.57 -9.99 -6.67
N ASP D 235 23.32 -9.83 -7.11
CA ASP D 235 22.24 -10.65 -6.60
C ASP D 235 21.75 -11.70 -7.60
N CYS D 236 22.34 -11.78 -8.79
CA CYS D 236 21.98 -12.85 -9.72
C CYS D 236 23.09 -13.00 -10.75
N VAL D 237 23.53 -14.23 -10.99
CA VAL D 237 24.54 -14.53 -11.98
C VAL D 237 24.12 -15.77 -12.78
N ARG D 238 24.41 -15.75 -14.09
CA ARG D 238 24.16 -16.91 -14.94
C ARG D 238 25.24 -16.97 -16.01
N TRP D 239 25.55 -18.18 -16.45
CA TRP D 239 26.44 -18.38 -17.59
C TRP D 239 25.69 -18.16 -18.90
N LEU D 240 26.34 -17.50 -19.84
CA LEU D 240 25.88 -17.41 -21.23
C LEU D 240 26.99 -18.02 -22.08
N GLY D 241 26.96 -19.35 -22.22
CA GLY D 241 28.04 -20.05 -22.87
C GLY D 241 29.33 -20.01 -22.07
N ASP D 242 30.30 -19.25 -22.54
CA ASP D 242 31.54 -18.99 -21.81
C ASP D 242 31.63 -17.57 -21.30
N LEU D 243 30.61 -16.75 -21.53
CA LEU D 243 30.51 -15.41 -20.98
C LEU D 243 29.56 -15.39 -19.78
N ILE D 244 29.61 -14.30 -19.03
CA ILE D 244 28.86 -14.18 -17.78
C ILE D 244 27.81 -13.08 -17.93
N LEU D 245 26.61 -13.36 -17.43
CA LEU D 245 25.58 -12.35 -17.22
C LEU D 245 25.40 -12.20 -15.71
N SER D 246 25.48 -10.96 -15.23
CA SER D 246 25.33 -10.69 -13.80
C SER D 246 24.72 -9.30 -13.63
N LYS D 247 24.08 -9.09 -12.49
CA LYS D 247 23.36 -7.83 -12.27
C LYS D 247 23.48 -7.40 -10.82
N SER D 248 23.26 -6.10 -10.61
CA SER D 248 23.22 -5.50 -9.29
C SER D 248 21.96 -4.63 -9.24
N CYS D 249 21.97 -3.65 -8.33
CA CYS D 249 20.87 -2.71 -8.19
C CYS D 249 21.03 -1.49 -9.09
N GLU D 250 21.91 -1.54 -10.09
CA GLU D 250 22.20 -0.39 -10.93
C GLU D 250 21.45 -0.43 -12.26
N ASN D 251 20.34 -1.19 -12.33
CA ASN D 251 19.43 -1.19 -13.48
C ASN D 251 20.14 -1.58 -14.77
N ALA D 252 21.01 -2.59 -14.69
CA ALA D 252 21.69 -3.10 -15.87
C ALA D 252 22.15 -4.52 -15.58
N ILE D 253 22.12 -5.34 -16.61
CA ILE D 253 22.71 -6.67 -16.57
C ILE D 253 24.00 -6.60 -17.38
N VAL D 254 25.13 -6.82 -16.72
CA VAL D 254 26.44 -6.70 -17.35
C VAL D 254 26.84 -8.04 -17.96
N CYS D 255 27.23 -8.01 -19.24
CA CYS D 255 27.77 -9.18 -19.91
C CYS D 255 29.28 -9.00 -20.01
N TRP D 256 30.01 -9.87 -19.31
CA TRP D 256 31.46 -9.74 -19.19
C TRP D 256 32.09 -11.12 -19.31
N LYS D 257 33.43 -11.15 -19.31
CA LYS D 257 34.19 -12.38 -19.35
C LYS D 257 35.50 -12.20 -18.60
N PRO D 258 35.98 -13.22 -17.90
CA PRO D 258 37.28 -13.12 -17.22
C PRO D 258 38.40 -12.88 -18.22
N GLY D 259 39.37 -12.06 -17.80
CA GLY D 259 40.54 -11.80 -18.60
C GLY D 259 40.29 -10.81 -19.73
N LYS D 260 41.28 -10.71 -20.60
CA LYS D 260 41.16 -9.84 -21.76
C LYS D 260 40.36 -10.51 -22.86
N MET D 261 39.98 -9.72 -23.86
CA MET D 261 39.03 -10.17 -24.89
C MET D 261 39.42 -11.52 -25.47
N GLU D 262 40.71 -11.75 -25.67
CA GLU D 262 41.19 -12.92 -26.40
C GLU D 262 41.28 -14.18 -25.54
N ASP D 263 41.01 -14.10 -24.24
CA ASP D 263 41.43 -15.14 -23.31
C ASP D 263 40.42 -16.27 -23.24
N ASP D 264 40.94 -17.51 -23.25
CA ASP D 264 40.12 -18.70 -23.13
C ASP D 264 39.66 -18.88 -21.68
N ILE D 265 38.39 -19.27 -21.51
CA ILE D 265 37.85 -19.48 -20.16
C ILE D 265 38.59 -20.61 -19.46
N ASP D 266 38.97 -21.65 -20.20
CA ASP D 266 39.62 -22.82 -19.63
C ASP D 266 41.12 -22.63 -19.42
N LYS D 267 41.66 -21.48 -19.77
CA LYS D 267 43.06 -21.18 -19.50
C LYS D 267 43.23 -19.95 -18.64
N ILE D 268 42.15 -19.46 -18.03
CA ILE D 268 42.21 -18.36 -17.08
C ILE D 268 42.87 -18.88 -15.80
N LYS D 269 44.00 -18.33 -15.45
CA LYS D 269 44.59 -18.81 -14.21
C LYS D 269 44.05 -18.00 -13.02
N PRO D 270 44.10 -18.55 -11.80
CA PRO D 270 43.47 -17.85 -10.67
C PRO D 270 44.03 -16.46 -10.44
N SER D 271 45.21 -16.17 -10.96
CA SER D 271 45.88 -14.89 -10.78
C SER D 271 45.32 -13.79 -11.66
N GLU D 272 44.32 -14.09 -12.49
CA GLU D 272 43.90 -13.16 -13.53
C GLU D 272 43.28 -11.91 -12.91
N SER D 273 43.88 -10.75 -13.18
CA SER D 273 43.42 -9.47 -12.65
C SER D 273 42.64 -8.65 -13.67
N ASN D 274 42.38 -9.20 -14.85
CA ASN D 274 41.67 -8.50 -15.92
C ASN D 274 40.27 -9.07 -16.11
N VAL D 275 39.33 -8.21 -16.51
CA VAL D 275 38.03 -8.62 -17.01
C VAL D 275 37.66 -7.75 -18.19
N THR D 276 36.77 -8.26 -19.03
CA THR D 276 36.36 -7.59 -20.26
C THR D 276 34.85 -7.46 -20.29
N ILE D 277 34.37 -6.22 -20.36
CA ILE D 277 32.93 -5.94 -20.43
C ILE D 277 32.52 -5.92 -21.90
N LEU D 278 31.60 -6.81 -22.27
CA LEU D 278 31.11 -6.82 -23.63
C LEU D 278 29.96 -5.83 -23.84
N GLY D 279 29.08 -5.70 -22.86
CA GLY D 279 27.95 -4.80 -22.99
C GLY D 279 27.00 -4.97 -21.83
N ARG D 280 25.95 -4.14 -21.84
CA ARG D 280 24.96 -4.12 -20.76
C ARG D 280 23.56 -4.16 -21.34
N PHE D 281 22.73 -5.05 -20.79
CA PHE D 281 21.30 -5.01 -21.03
C PHE D 281 20.70 -3.99 -20.08
N ASP D 282 20.22 -2.87 -20.62
CA ASP D 282 19.71 -1.79 -19.79
C ASP D 282 18.21 -1.91 -19.60
N TYR D 283 17.75 -1.49 -18.43
CA TYR D 283 16.33 -1.50 -18.09
C TYR D 283 16.13 -0.46 -16.98
N SER D 284 14.98 -0.51 -16.30
CA SER D 284 14.71 0.51 -15.28
C SER D 284 13.77 -0.04 -14.21
N GLN D 285 13.86 0.57 -13.03
CA GLN D 285 12.97 0.30 -11.90
C GLN D 285 13.10 -1.15 -11.43
N CYS D 286 14.35 -1.61 -11.31
CA CYS D 286 14.72 -2.91 -10.73
C CYS D 286 15.89 -2.73 -9.77
N ASP D 287 15.79 -1.76 -8.86
CA ASP D 287 16.89 -1.43 -7.97
C ASP D 287 16.75 -2.04 -6.58
N ILE D 288 15.67 -2.78 -6.32
CA ILE D 288 15.54 -3.50 -5.07
C ILE D 288 16.27 -4.83 -5.18
N TRP D 289 16.50 -5.46 -4.02
CA TRP D 289 17.39 -6.61 -3.92
C TRP D 289 16.64 -7.92 -4.13
N TYR D 290 17.38 -8.91 -4.64
CA TYR D 290 16.87 -10.27 -4.87
C TYR D 290 15.79 -10.27 -5.96
N MET D 291 16.14 -9.69 -7.12
CA MET D 291 15.34 -9.80 -8.33
C MET D 291 16.18 -10.51 -9.38
N ARG D 292 15.69 -11.65 -9.85
CA ARG D 292 16.51 -12.60 -10.61
C ARG D 292 16.04 -12.68 -12.05
N PHE D 293 16.98 -12.66 -12.99
CA PHE D 293 16.68 -12.88 -14.40
C PHE D 293 16.80 -14.37 -14.74
N SER D 294 16.27 -14.72 -15.92
CA SER D 294 16.19 -16.12 -16.32
C SER D 294 16.38 -16.24 -17.82
N MET D 295 16.65 -17.47 -18.26
CA MET D 295 16.80 -17.78 -19.67
C MET D 295 16.05 -19.08 -19.98
N ASP D 296 15.71 -19.26 -21.25
CA ASP D 296 15.13 -20.53 -21.66
C ASP D 296 16.22 -21.57 -21.81
N PHE D 297 15.81 -22.82 -22.00
CA PHE D 297 16.78 -23.92 -22.08
C PHE D 297 17.82 -23.65 -23.16
N TRP D 298 17.37 -23.28 -24.35
CA TRP D 298 18.26 -23.02 -25.48
C TRP D 298 19.01 -21.70 -25.34
N GLN D 299 18.87 -20.99 -24.23
CA GLN D 299 19.59 -19.76 -23.97
C GLN D 299 19.47 -18.78 -25.13
N LYS D 300 18.25 -18.67 -25.67
CA LYS D 300 17.96 -17.69 -26.72
C LYS D 300 17.20 -16.48 -26.22
N MET D 301 16.60 -16.54 -25.03
CA MET D 301 15.83 -15.43 -24.50
C MET D 301 16.27 -15.10 -23.08
N LEU D 302 16.17 -13.83 -22.73
CA LEU D 302 16.49 -13.34 -21.40
C LEU D 302 15.28 -12.59 -20.86
N ALA D 303 14.83 -12.97 -19.66
CA ALA D 303 13.66 -12.36 -19.05
C ALA D 303 14.00 -11.84 -17.66
N LEU D 304 13.46 -10.67 -17.32
CA LEU D 304 13.65 -10.04 -16.02
C LEU D 304 12.46 -9.16 -15.72
N GLY D 305 11.96 -9.25 -14.48
CA GLY D 305 10.86 -8.42 -14.03
C GLY D 305 11.37 -7.30 -13.15
N ASN D 306 10.68 -6.16 -13.19
CA ASN D 306 11.07 -5.02 -12.37
C ASN D 306 10.14 -4.89 -11.17
N GLN D 307 10.40 -3.89 -10.34
CA GLN D 307 9.70 -3.78 -9.07
C GLN D 307 8.31 -3.14 -9.19
N VAL D 308 7.83 -2.86 -10.41
CA VAL D 308 6.51 -2.26 -10.58
C VAL D 308 5.74 -3.05 -11.62
N GLY D 309 6.04 -4.34 -11.74
CA GLY D 309 5.18 -5.24 -12.51
C GLY D 309 5.42 -5.30 -13.99
N LYS D 310 6.59 -4.87 -14.48
CA LYS D 310 6.87 -4.93 -15.90
C LYS D 310 7.89 -6.04 -16.17
N LEU D 311 7.74 -6.68 -17.32
CA LEU D 311 8.47 -7.89 -17.67
C LEU D 311 9.25 -7.67 -18.96
N TYR D 312 10.57 -7.68 -18.86
CA TYR D 312 11.46 -7.42 -19.99
C TYR D 312 11.93 -8.74 -20.59
N VAL D 313 11.87 -8.85 -21.93
CA VAL D 313 12.37 -10.02 -22.63
C VAL D 313 13.26 -9.57 -23.78
N TRP D 314 14.53 -9.99 -23.76
CA TRP D 314 15.51 -9.69 -24.79
C TRP D 314 15.78 -10.93 -25.64
N ASP D 315 16.06 -10.68 -26.92
CA ASP D 315 16.51 -11.73 -27.85
C ASP D 315 18.03 -11.84 -27.75
N LEU D 316 18.52 -13.00 -27.33
CA LEU D 316 19.95 -13.20 -27.12
C LEU D 316 20.70 -13.62 -28.38
N GLU D 317 19.99 -13.89 -29.48
CA GLU D 317 20.61 -14.44 -30.67
C GLU D 317 21.07 -13.36 -31.67
N VAL D 318 20.73 -12.09 -31.43
CA VAL D 318 21.06 -11.04 -32.40
C VAL D 318 22.55 -10.70 -32.29
N GLU D 319 23.07 -9.98 -33.28
CA GLU D 319 24.50 -9.69 -33.36
C GLU D 319 24.98 -8.88 -32.15
N ASP D 320 24.20 -7.89 -31.73
CA ASP D 320 24.53 -7.05 -30.58
C ASP D 320 23.35 -7.12 -29.62
N PRO D 321 23.29 -8.15 -28.77
CA PRO D 321 22.17 -8.25 -27.83
C PRO D 321 22.10 -7.09 -26.86
N HIS D 322 23.26 -6.53 -26.49
CA HIS D 322 23.33 -5.40 -25.58
C HIS D 322 22.87 -4.09 -26.19
N LYS D 323 22.71 -4.04 -27.52
CA LYS D 323 22.30 -2.83 -28.20
C LYS D 323 20.88 -2.89 -28.74
N ALA D 324 20.15 -3.98 -28.49
CA ALA D 324 18.83 -4.20 -29.05
C ALA D 324 17.75 -4.02 -27.99
N LYS D 325 16.59 -3.54 -28.43
CA LYS D 325 15.48 -3.30 -27.51
C LYS D 325 14.83 -4.60 -27.10
N CYS D 326 14.42 -4.67 -25.83
CA CYS D 326 13.58 -5.75 -25.35
C CYS D 326 12.14 -5.54 -25.80
N THR D 327 11.29 -6.51 -25.48
CA THR D 327 9.85 -6.30 -25.47
C THR D 327 9.41 -6.28 -24.03
N THR D 328 8.73 -5.21 -23.61
CA THR D 328 8.21 -5.14 -22.26
C THR D 328 6.80 -5.71 -22.28
N LEU D 329 6.56 -6.69 -21.42
CA LEU D 329 5.24 -7.30 -21.25
C LEU D 329 4.60 -6.66 -20.04
N THR D 330 3.47 -5.99 -20.23
CA THR D 330 2.82 -5.30 -19.13
C THR D 330 1.33 -5.56 -19.19
N HIS D 331 0.70 -5.45 -18.02
CA HIS D 331 -0.73 -5.64 -17.86
C HIS D 331 -1.23 -4.62 -16.84
N HIS D 332 -2.38 -4.01 -17.14
CA HIS D 332 -2.93 -2.95 -16.29
C HIS D 332 -3.09 -3.40 -14.85
N LYS D 333 -3.42 -4.66 -14.62
CA LYS D 333 -3.62 -5.17 -13.27
C LYS D 333 -2.35 -5.78 -12.65
N CYS D 334 -1.20 -5.71 -13.32
CA CYS D 334 0.04 -6.27 -12.80
C CYS D 334 0.95 -5.12 -12.36
N GLY D 335 1.08 -4.93 -11.06
CA GLY D 335 1.86 -3.81 -10.55
C GLY D 335 2.83 -4.15 -9.46
N ALA D 336 2.89 -5.42 -9.06
CA ALA D 336 3.74 -5.85 -7.97
C ALA D 336 5.08 -6.32 -8.51
N ALA D 337 6.11 -6.14 -7.68
CA ALA D 337 7.46 -6.52 -8.07
C ALA D 337 7.51 -8.00 -8.47
N ILE D 338 8.22 -8.29 -9.55
CA ILE D 338 8.35 -9.65 -10.09
C ILE D 338 9.69 -10.22 -9.61
N ARG D 339 9.62 -11.23 -8.75
CA ARG D 339 10.84 -11.75 -8.13
C ARG D 339 11.60 -12.67 -9.07
N GLN D 340 10.90 -13.50 -9.84
CA GLN D 340 11.54 -14.48 -10.70
C GLN D 340 10.59 -14.86 -11.83
N THR D 341 11.16 -15.28 -12.95
CA THR D 341 10.41 -15.79 -14.09
C THR D 341 10.98 -17.15 -14.50
N SER D 342 10.20 -17.89 -15.29
CA SER D 342 10.66 -19.19 -15.77
C SER D 342 9.99 -19.51 -17.10
N PHE D 343 10.79 -19.89 -18.10
CA PHE D 343 10.28 -20.39 -19.36
C PHE D 343 10.04 -21.90 -19.26
N SER D 344 9.04 -22.38 -19.98
CA SER D 344 8.93 -23.81 -20.22
C SER D 344 10.10 -24.26 -21.09
N ARG D 345 10.32 -25.58 -21.12
CA ARG D 345 11.48 -26.10 -21.85
C ARG D 345 11.41 -25.72 -23.32
N ASP D 346 10.21 -25.69 -23.90
CA ASP D 346 10.03 -25.34 -25.30
C ASP D 346 9.75 -23.85 -25.51
N SER D 347 9.93 -23.03 -24.47
CA SER D 347 9.77 -21.58 -24.52
C SER D 347 8.35 -21.15 -24.88
N SER D 348 7.38 -22.05 -24.85
CA SER D 348 6.01 -21.68 -25.24
C SER D 348 5.36 -20.80 -24.18
N ILE D 349 5.73 -20.96 -22.92
CA ILE D 349 5.07 -20.30 -21.80
C ILE D 349 6.13 -19.63 -20.94
N LEU D 350 5.82 -18.43 -20.45
CA LEU D 350 6.66 -17.71 -19.51
C LEU D 350 5.79 -17.31 -18.32
N ILE D 351 6.18 -17.78 -17.13
CA ILE D 351 5.42 -17.52 -15.90
C ILE D 351 6.20 -16.54 -15.05
N ALA D 352 5.49 -15.60 -14.42
CA ALA D 352 6.11 -14.61 -13.54
C ALA D 352 5.37 -14.57 -12.21
N VAL D 353 6.12 -14.63 -11.11
CA VAL D 353 5.55 -14.56 -9.77
C VAL D 353 5.93 -13.23 -9.14
N CYS D 354 5.06 -12.72 -8.27
CA CYS D 354 5.16 -11.36 -7.76
C CYS D 354 5.18 -11.33 -6.24
N ASP D 355 5.44 -10.12 -5.70
CA ASP D 355 5.47 -9.90 -4.26
C ASP D 355 4.08 -9.95 -3.61
N ASP D 356 3.01 -9.83 -4.41
CA ASP D 356 1.66 -9.94 -3.89
C ASP D 356 1.05 -11.32 -4.10
N ALA D 357 1.90 -12.35 -4.24
CA ALA D 357 1.49 -13.75 -4.37
C ALA D 357 0.70 -14.02 -5.64
N SER D 358 0.89 -13.21 -6.68
CA SER D 358 0.21 -13.44 -7.94
C SER D 358 1.12 -14.18 -8.92
N ILE D 359 0.47 -14.79 -9.92
CA ILE D 359 1.15 -15.55 -10.95
C ILE D 359 0.62 -15.07 -12.30
N TRP D 360 1.51 -14.85 -13.25
CA TRP D 360 1.13 -14.32 -14.55
C TRP D 360 1.68 -15.23 -15.63
N ARG D 361 0.79 -15.69 -16.52
CA ARG D 361 1.16 -16.61 -17.58
C ARG D 361 1.21 -15.85 -18.90
N TRP D 362 2.39 -15.83 -19.51
CA TRP D 362 2.60 -15.20 -20.81
C TRP D 362 2.91 -16.28 -21.83
N ASP D 363 2.05 -16.40 -22.83
CA ASP D 363 2.19 -17.41 -23.88
C ASP D 363 2.84 -16.78 -25.10
N ARG D 364 3.87 -17.44 -25.62
CA ARG D 364 4.54 -16.92 -26.81
C ARG D 364 3.62 -17.06 -28.02
N LEU D 365 3.66 -16.07 -28.90
CA LEU D 365 2.68 -15.93 -29.97
C LEU D 365 2.88 -16.94 -31.10
N ARG D 366 4.01 -17.62 -31.16
CA ARG D 366 4.17 -18.76 -32.06
C ARG D 366 5.40 -19.59 -31.69
N GLY E 1 -30.85 21.19 -5.25
CA GLY E 1 -30.03 22.12 -5.98
C GLY E 1 -28.91 21.45 -6.74
N SER E 2 -29.28 20.44 -7.53
CA SER E 2 -28.30 19.65 -8.28
C SER E 2 -27.43 20.53 -9.17
N CYS E 3 -26.19 20.10 -9.36
CA CYS E 3 -25.30 20.76 -10.31
C CYS E 3 -25.63 20.31 -11.72
N LYS E 4 -25.74 21.28 -12.65
CA LYS E 4 -26.25 20.97 -13.98
C LYS E 4 -25.25 20.20 -14.85
N TYR E 5 -23.95 20.31 -14.57
CA TYR E 5 -22.96 19.57 -15.33
C TYR E 5 -22.83 18.14 -14.80
N SER E 6 -22.85 17.17 -15.69
CA SER E 6 -22.63 15.78 -15.30
C SER E 6 -21.68 15.12 -16.31
N PHE E 7 -20.87 14.20 -15.80
CA PHE E 7 -19.80 13.58 -16.57
C PHE E 7 -19.91 12.07 -16.51
N LYS E 8 -19.28 11.42 -17.50
CA LYS E 8 -19.18 9.97 -17.56
C LYS E 8 -17.72 9.58 -17.68
N CYS E 9 -17.30 8.59 -16.89
CA CYS E 9 -15.94 8.07 -17.01
C CYS E 9 -15.86 7.19 -18.25
N VAL E 10 -15.00 7.58 -19.20
CA VAL E 10 -14.90 6.89 -20.47
C VAL E 10 -13.54 6.23 -20.68
N ASN E 11 -12.57 6.48 -19.82
CA ASN E 11 -11.27 5.82 -19.91
C ASN E 11 -10.52 5.99 -18.61
N SER E 12 -9.59 5.08 -18.36
CA SER E 12 -8.71 5.15 -17.21
C SER E 12 -7.38 4.52 -17.63
N LEU E 13 -6.32 5.33 -17.62
CA LEU E 13 -4.99 4.92 -18.04
C LEU E 13 -4.08 4.78 -16.82
N LYS E 14 -2.86 4.29 -17.07
CA LYS E 14 -1.86 4.20 -16.01
C LYS E 14 -0.46 4.12 -16.61
N GLU E 15 0.38 5.11 -16.30
CA GLU E 15 1.76 5.11 -16.78
C GLU E 15 2.58 4.05 -16.05
N ASP E 16 3.70 3.67 -16.66
CA ASP E 16 4.41 2.46 -16.24
C ASP E 16 5.31 2.65 -15.03
N HIS E 17 5.48 3.87 -14.53
CA HIS E 17 6.40 4.11 -13.42
C HIS E 17 5.74 3.94 -12.06
N ASN E 18 4.41 4.03 -11.99
CA ASN E 18 3.65 3.86 -10.75
C ASN E 18 4.11 4.81 -9.66
N GLN E 19 4.46 6.05 -10.05
CA GLN E 19 4.84 7.18 -9.23
C GLN E 19 3.77 8.27 -9.31
N PRO E 20 3.63 9.10 -8.28
CA PRO E 20 2.56 10.10 -8.28
C PRO E 20 2.70 11.08 -9.45
N LEU E 21 1.59 11.28 -10.16
CA LEU E 21 1.47 12.32 -11.17
C LEU E 21 0.96 13.58 -10.49
N PHE E 22 1.80 14.63 -10.44
CA PHE E 22 1.42 15.83 -9.72
C PHE E 22 0.74 16.87 -10.59
N GLY E 23 0.94 16.84 -11.90
CA GLY E 23 0.38 17.88 -12.74
C GLY E 23 -0.21 17.41 -14.05
N VAL E 24 -1.29 18.05 -14.48
CA VAL E 24 -1.92 17.78 -15.75
C VAL E 24 -2.42 19.10 -16.33
N GLN E 25 -2.16 19.31 -17.62
CA GLN E 25 -2.51 20.57 -18.27
C GLN E 25 -2.93 20.29 -19.71
N PHE E 26 -4.15 20.65 -20.05
CA PHE E 26 -4.57 20.64 -21.45
C PHE E 26 -3.86 21.75 -22.21
N ASN E 27 -3.60 21.50 -23.50
CA ASN E 27 -3.03 22.54 -24.36
C ASN E 27 -4.17 23.39 -24.90
N TRP E 28 -4.43 24.52 -24.23
CA TRP E 28 -5.51 25.40 -24.64
C TRP E 28 -5.16 26.24 -25.86
N HIS E 29 -3.87 26.35 -26.20
CA HIS E 29 -3.44 27.10 -27.37
C HIS E 29 -3.75 26.39 -28.68
N SER E 30 -4.13 25.10 -28.62
CA SER E 30 -4.46 24.37 -29.83
C SER E 30 -5.60 25.05 -30.58
N LYS E 31 -5.49 25.09 -31.91
CA LYS E 31 -6.48 25.82 -32.68
C LYS E 31 -7.75 24.98 -32.83
N GLU E 32 -8.84 25.66 -33.17
CA GLU E 32 -10.11 24.99 -33.36
C GLU E 32 -10.00 23.93 -34.45
N GLY E 33 -10.58 22.76 -34.19
CA GLY E 33 -10.53 21.65 -35.11
C GLY E 33 -9.39 20.67 -34.86
N ASP E 34 -8.27 21.13 -34.31
CA ASP E 34 -7.20 20.23 -33.96
C ASP E 34 -7.61 19.39 -32.74
N PRO E 35 -7.09 18.17 -32.62
CA PRO E 35 -7.45 17.32 -31.48
C PRO E 35 -6.97 17.91 -30.17
N LEU E 36 -7.72 17.60 -29.11
CA LEU E 36 -7.40 18.08 -27.77
C LEU E 36 -6.28 17.24 -27.17
N VAL E 37 -5.17 17.88 -26.80
CA VAL E 37 -4.03 17.19 -26.22
C VAL E 37 -3.75 17.73 -24.82
N PHE E 38 -3.13 16.90 -23.99
CA PHE E 38 -2.79 17.29 -22.63
C PHE E 38 -1.48 16.66 -22.21
N ALA E 39 -0.87 17.23 -21.17
CA ALA E 39 0.44 16.81 -20.68
C ALA E 39 0.35 16.43 -19.21
N THR E 40 1.09 15.40 -18.82
CA THR E 40 1.20 14.98 -17.43
C THR E 40 2.66 15.04 -17.00
N VAL E 41 2.89 15.39 -15.74
CA VAL E 41 4.22 15.41 -15.16
C VAL E 41 4.21 14.62 -13.86
N GLY E 42 5.20 13.76 -13.69
CA GLY E 42 5.32 12.95 -12.50
C GLY E 42 6.61 12.17 -12.56
N SER E 43 7.18 11.84 -11.41
CA SER E 43 8.51 11.21 -11.38
C SER E 43 9.44 12.16 -12.13
N ASN E 44 10.38 11.65 -12.93
CA ASN E 44 11.14 12.47 -13.85
C ASN E 44 10.64 12.34 -15.27
N ARG E 45 9.34 12.15 -15.46
CA ARG E 45 8.77 11.88 -16.77
C ARG E 45 7.80 12.99 -17.17
N VAL E 46 7.77 13.26 -18.47
CA VAL E 46 6.77 14.13 -19.09
C VAL E 46 6.12 13.34 -20.22
N THR E 47 4.80 13.50 -20.37
CA THR E 47 4.07 12.69 -21.34
C THR E 47 2.94 13.49 -21.96
N LEU E 48 2.83 13.43 -23.28
CA LEU E 48 1.79 14.13 -24.03
C LEU E 48 0.79 13.12 -24.59
N TYR E 49 -0.49 13.38 -24.37
CA TYR E 49 -1.57 12.50 -24.83
C TYR E 49 -2.49 13.26 -25.78
N GLU E 50 -3.24 12.49 -26.58
CA GLU E 50 -4.23 13.03 -27.50
C GLU E 50 -5.56 12.36 -27.22
N CYS E 51 -6.63 13.16 -27.08
CA CYS E 51 -7.96 12.64 -26.80
C CYS E 51 -8.74 12.44 -28.10
N HIS E 52 -9.41 11.30 -28.24
CA HIS E 52 -10.15 10.95 -29.44
C HIS E 52 -11.57 10.50 -29.07
N SER E 53 -12.30 10.08 -30.11
CA SER E 53 -13.68 9.65 -29.94
C SER E 53 -13.77 8.40 -29.08
N GLN E 54 -14.92 8.23 -28.44
CA GLN E 54 -15.24 7.02 -27.67
C GLN E 54 -14.22 6.75 -26.58
N GLY E 55 -13.76 7.81 -25.91
CA GLY E 55 -12.88 7.68 -24.76
C GLY E 55 -11.44 7.30 -25.05
N GLU E 56 -11.06 7.19 -26.32
CA GLU E 56 -9.69 6.77 -26.64
C GLU E 56 -8.72 7.91 -26.35
N ILE E 57 -7.65 7.60 -25.64
CA ILE E 57 -6.59 8.55 -25.34
C ILE E 57 -5.31 8.01 -25.97
N ARG E 58 -4.87 8.64 -27.06
CA ARG E 58 -3.68 8.17 -27.75
C ARG E 58 -2.42 8.70 -27.06
N LEU E 59 -1.46 7.80 -26.88
CA LEU E 59 -0.16 8.16 -26.32
C LEU E 59 0.71 8.77 -27.42
N LEU E 60 1.15 10.02 -27.21
CA LEU E 60 1.83 10.76 -28.27
C LEU E 60 3.35 10.81 -28.08
N GLN E 61 3.80 11.47 -27.02
CA GLN E 61 5.22 11.68 -26.76
C GLN E 61 5.52 11.46 -25.29
N SER E 62 6.76 11.10 -24.99
CA SER E 62 7.17 10.92 -23.60
C SER E 62 8.66 11.25 -23.46
N TYR E 63 9.00 11.88 -22.33
CA TYR E 63 10.36 12.34 -22.06
C TYR E 63 10.77 11.92 -20.65
N VAL E 64 12.06 11.62 -20.48
CA VAL E 64 12.63 11.37 -19.16
C VAL E 64 13.82 12.30 -18.97
N ASP E 65 13.89 12.93 -17.80
CA ASP E 65 15.05 13.73 -17.45
C ASP E 65 16.24 12.81 -17.22
N ALA E 66 17.40 13.23 -17.72
CA ALA E 66 18.61 12.44 -17.54
C ALA E 66 18.92 12.23 -16.06
N ASP E 67 18.60 13.22 -15.22
CA ASP E 67 18.83 13.11 -13.78
C ASP E 67 17.77 12.21 -13.18
N ALA E 68 18.20 11.08 -12.61
CA ALA E 68 17.27 10.11 -12.05
C ALA E 68 16.55 10.62 -10.82
N ASP E 69 17.06 11.67 -10.18
CA ASP E 69 16.47 12.18 -8.95
C ASP E 69 15.59 13.40 -9.16
N GLU E 70 15.41 13.84 -10.41
CA GLU E 70 14.48 14.91 -10.69
C GLU E 70 13.05 14.42 -10.52
N ASN E 71 12.18 15.32 -10.05
CA ASN E 71 10.77 15.00 -9.82
C ASN E 71 9.96 16.22 -10.24
N PHE E 72 9.37 16.16 -11.44
CA PHE E 72 8.59 17.28 -11.95
C PHE E 72 7.30 17.46 -11.16
N TYR E 73 7.03 18.69 -10.73
CA TYR E 73 5.81 18.97 -9.98
C TYR E 73 4.74 19.68 -10.79
N THR E 74 5.12 20.36 -11.87
CA THR E 74 4.16 21.22 -12.56
C THR E 74 4.59 21.39 -14.01
N CYS E 75 3.65 21.83 -14.83
CA CYS E 75 3.89 22.07 -16.25
C CYS E 75 2.95 23.17 -16.72
N ALA E 76 3.25 23.74 -17.88
CA ALA E 76 2.49 24.87 -18.40
C ALA E 76 2.77 25.03 -19.89
N TRP E 77 1.70 25.23 -20.66
CA TRP E 77 1.80 25.38 -22.10
C TRP E 77 1.96 26.83 -22.50
N THR E 78 2.65 27.05 -23.60
CA THR E 78 2.74 28.36 -24.22
C THR E 78 2.93 28.14 -25.72
N TYR E 79 3.33 29.18 -26.44
CA TYR E 79 3.57 29.05 -27.88
C TYR E 79 4.65 30.02 -28.29
N ASP E 80 5.23 29.76 -29.47
CA ASP E 80 6.25 30.62 -30.03
C ASP E 80 5.60 31.58 -31.01
N SER E 81 5.77 32.89 -30.77
CA SER E 81 5.13 33.89 -31.61
C SER E 81 5.52 33.73 -33.07
N ASN E 82 6.79 33.41 -33.32
CA ASN E 82 7.33 33.42 -34.67
C ASN E 82 7.07 32.12 -35.42
N THR E 83 7.26 30.97 -34.76
CA THR E 83 7.20 29.68 -35.44
C THR E 83 5.85 28.99 -35.31
N SER E 84 4.95 29.50 -34.47
CA SER E 84 3.65 28.90 -34.20
C SER E 84 3.75 27.54 -33.54
N HIS E 85 4.90 27.22 -32.95
CA HIS E 85 5.05 25.95 -32.23
C HIS E 85 4.49 26.07 -30.82
N PRO E 86 3.72 25.10 -30.34
CA PRO E 86 3.42 25.05 -28.92
C PRO E 86 4.66 24.65 -28.13
N LEU E 87 4.76 25.15 -26.90
CA LEU E 87 5.88 24.85 -26.02
C LEU E 87 5.34 24.43 -24.66
N LEU E 88 6.09 23.58 -23.97
CA LEU E 88 5.69 23.08 -22.67
C LEU E 88 6.82 23.32 -21.67
N ALA E 89 6.51 24.02 -20.60
CA ALA E 89 7.46 24.27 -19.52
C ALA E 89 7.22 23.28 -18.39
N VAL E 90 8.30 22.69 -17.88
CA VAL E 90 8.22 21.74 -16.78
C VAL E 90 9.23 22.13 -15.71
N ALA E 91 8.91 21.77 -14.46
CA ALA E 91 9.79 22.09 -13.34
C ALA E 91 9.37 21.26 -12.13
N GLY E 92 10.29 21.15 -11.16
CA GLY E 92 10.05 20.35 -9.99
C GLY E 92 11.12 20.42 -8.91
N SER E 93 11.52 19.26 -8.38
CA SER E 93 12.25 19.23 -7.12
C SER E 93 13.64 19.85 -7.22
N ARG E 94 14.26 19.82 -8.40
CA ARG E 94 15.61 20.33 -8.51
C ARG E 94 15.67 21.80 -8.92
N GLY E 95 14.52 22.46 -9.04
CA GLY E 95 14.49 23.90 -9.23
C GLY E 95 15.05 24.41 -10.53
N ILE E 96 14.86 23.65 -11.61
CA ILE E 96 15.26 24.06 -12.94
C ILE E 96 14.03 24.03 -13.84
N ILE E 97 13.96 25.01 -14.75
CA ILE E 97 12.86 25.10 -15.70
C ILE E 97 13.36 24.61 -17.05
N ARG E 98 12.59 23.71 -17.67
CA ARG E 98 12.86 23.21 -19.01
C ARG E 98 11.72 23.62 -19.93
N ILE E 99 12.06 24.02 -21.15
CA ILE E 99 11.09 24.34 -22.18
C ILE E 99 11.21 23.28 -23.26
N ILE E 100 10.18 22.44 -23.39
CA ILE E 100 10.17 21.34 -24.35
C ILE E 100 9.35 21.75 -25.57
N ASN E 101 9.90 21.49 -26.76
CA ASN E 101 9.24 21.81 -28.03
C ASN E 101 8.71 20.52 -28.65
N PRO E 102 7.42 20.21 -28.50
CA PRO E 102 6.89 18.94 -29.04
C PRO E 102 6.91 18.86 -30.56
N ILE E 103 7.09 19.97 -31.27
CA ILE E 103 7.15 19.92 -32.73
C ILE E 103 8.48 19.36 -33.18
N THR E 104 9.57 19.81 -32.56
CA THR E 104 10.91 19.28 -32.84
C THR E 104 11.35 18.25 -31.82
N MET E 105 10.60 18.07 -30.73
CA MET E 105 10.83 16.99 -29.77
C MET E 105 12.18 17.13 -29.05
N GLN E 106 12.59 18.36 -28.79
CA GLN E 106 13.84 18.61 -28.09
C GLN E 106 13.64 19.70 -27.05
N CYS E 107 14.49 19.68 -26.03
CA CYS E 107 14.44 20.65 -24.96
C CYS E 107 15.23 21.88 -25.40
N ILE E 108 14.54 23.01 -25.58
CA ILE E 108 15.16 24.17 -26.22
C ILE E 108 15.71 25.19 -25.23
N LYS E 109 15.30 25.15 -23.96
CA LYS E 109 15.75 26.17 -23.01
C LYS E 109 15.81 25.60 -21.60
N HIS E 110 16.88 25.96 -20.88
CA HIS E 110 17.00 25.73 -19.44
C HIS E 110 17.01 27.07 -18.74
N TYR E 111 16.36 27.14 -17.58
CA TYR E 111 16.37 28.34 -16.73
C TYR E 111 16.70 27.88 -15.31
N VAL E 112 17.94 28.10 -14.90
CA VAL E 112 18.47 27.62 -13.62
C VAL E 112 18.78 28.82 -12.77
N GLY E 113 18.28 28.85 -11.53
CA GLY E 113 18.60 29.99 -10.71
C GLY E 113 17.78 30.12 -9.44
N HIS E 114 16.60 29.50 -9.44
CA HIS E 114 15.74 29.50 -8.26
C HIS E 114 16.52 28.92 -7.09
N GLY E 115 16.21 29.37 -5.88
CA GLY E 115 16.91 28.84 -4.72
C GLY E 115 16.66 27.37 -4.50
N ASN E 116 15.51 26.86 -4.93
CA ASN E 116 15.11 25.51 -4.58
C ASN E 116 13.98 25.06 -5.51
N ALA E 117 13.27 24.02 -5.09
CA ALA E 117 12.26 23.40 -5.95
C ALA E 117 11.18 24.38 -6.33
N ILE E 118 10.60 24.16 -7.52
CA ILE E 118 9.55 25.00 -8.07
C ILE E 118 8.23 24.25 -7.93
N ASN E 119 7.24 24.89 -7.30
CA ASN E 119 5.95 24.28 -7.05
C ASN E 119 4.86 24.66 -8.05
N GLU E 120 5.07 25.69 -8.87
CA GLU E 120 4.05 26.05 -9.84
C GLU E 120 4.67 26.88 -10.96
N LEU E 121 4.21 26.63 -12.18
CA LEU E 121 4.56 27.42 -13.35
C LEU E 121 3.29 27.97 -13.99
N LYS E 122 3.34 29.25 -14.37
CA LYS E 122 2.20 29.92 -14.98
C LYS E 122 2.68 30.88 -16.06
N PHE E 123 1.93 30.95 -17.16
CA PHE E 123 2.29 31.78 -18.32
C PHE E 123 1.34 32.97 -18.44
N HIS E 124 1.91 34.14 -18.74
CA HIS E 124 1.13 35.37 -18.84
C HIS E 124 0.00 35.23 -19.86
N PRO E 125 -1.22 35.63 -19.52
CA PRO E 125 -2.36 35.39 -20.44
C PRO E 125 -2.34 36.22 -21.70
N ARG E 126 -1.51 37.26 -21.79
CA ARG E 126 -1.41 38.07 -22.99
C ARG E 126 -0.04 37.97 -23.67
N ASP E 127 1.01 37.70 -22.91
CA ASP E 127 2.37 37.61 -23.43
C ASP E 127 2.86 36.18 -23.28
N PRO E 128 2.99 35.42 -24.38
CA PRO E 128 3.42 34.02 -24.23
C PRO E 128 4.85 33.88 -23.74
N ASN E 129 5.65 34.93 -23.79
CA ASN E 129 7.06 34.85 -23.42
C ASN E 129 7.31 35.10 -21.93
N LEU E 130 6.29 35.46 -21.16
CA LEU E 130 6.45 35.81 -19.75
C LEU E 130 6.04 34.63 -18.87
N LEU E 131 7.02 34.01 -18.22
CA LEU E 131 6.81 32.81 -17.42
C LEU E 131 7.04 33.12 -15.94
N LEU E 132 6.15 32.59 -15.09
CA LEU E 132 6.18 32.80 -13.66
C LEU E 132 6.47 31.49 -12.94
N SER E 133 7.48 31.51 -12.07
CA SER E 133 7.91 30.32 -11.34
C SER E 133 8.00 30.66 -9.86
N VAL E 134 7.26 29.91 -9.04
CA VAL E 134 7.19 30.12 -7.59
C VAL E 134 7.89 28.95 -6.92
N SER E 135 8.61 29.21 -5.83
CA SER E 135 9.59 28.23 -5.38
C SER E 135 9.65 28.09 -3.87
N LYS E 136 10.44 27.10 -3.47
CA LYS E 136 10.78 26.80 -2.08
C LYS E 136 11.64 27.88 -1.44
N ASP E 137 12.26 28.76 -2.23
CA ASP E 137 13.17 29.76 -1.68
C ASP E 137 12.44 31.02 -1.18
N HIS E 138 11.11 30.98 -1.12
CA HIS E 138 10.22 32.03 -0.62
C HIS E 138 9.95 33.12 -1.67
N ALA E 139 10.32 32.90 -2.92
CA ALA E 139 10.29 33.98 -3.92
C ALA E 139 9.50 33.55 -5.16
N LEU E 140 9.14 34.56 -5.96
CA LEU E 140 8.56 34.38 -7.28
C LEU E 140 9.46 35.06 -8.29
N ARG E 141 9.51 34.50 -9.51
CA ARG E 141 10.35 35.06 -10.56
C ARG E 141 9.68 35.03 -11.91
N LEU E 142 9.86 36.13 -12.63
CA LEU E 142 9.26 36.34 -13.94
C LEU E 142 10.36 36.29 -14.99
N TRP E 143 10.27 35.31 -15.90
CA TRP E 143 11.26 35.15 -16.95
C TRP E 143 10.70 35.59 -18.29
N ASN E 144 11.59 36.09 -19.14
CA ASN E 144 11.30 36.42 -20.53
C ASN E 144 11.99 35.36 -21.36
N ILE E 145 11.20 34.39 -21.86
CA ILE E 145 11.79 33.22 -22.52
C ILE E 145 12.07 33.51 -24.00
N GLN E 146 11.86 34.75 -24.43
CA GLN E 146 12.29 35.11 -25.78
C GLN E 146 13.73 35.60 -25.79
N THR E 147 14.07 36.51 -24.87
CA THR E 147 15.41 37.02 -24.73
C THR E 147 16.21 36.31 -23.65
N ASP E 148 15.60 35.34 -22.97
CA ASP E 148 16.27 34.54 -21.94
C ASP E 148 16.85 35.44 -20.85
N THR E 149 15.95 36.18 -20.18
CA THR E 149 16.34 37.08 -19.10
C THR E 149 15.34 36.96 -17.95
N LEU E 150 15.83 37.20 -16.75
CA LEU E 150 15.00 37.26 -15.55
C LEU E 150 14.46 38.68 -15.42
N VAL E 151 13.14 38.83 -15.54
CA VAL E 151 12.57 40.17 -15.56
C VAL E 151 12.53 40.77 -14.16
N ALA E 152 12.10 39.98 -13.18
CA ALA E 152 11.94 40.50 -11.84
C ALA E 152 11.87 39.34 -10.85
N ILE E 153 12.29 39.61 -9.61
CA ILE E 153 12.18 38.68 -8.50
C ILE E 153 11.20 39.27 -7.50
N PHE E 154 10.12 38.56 -7.20
CA PHE E 154 9.13 39.00 -6.24
C PHE E 154 9.42 38.33 -4.90
N GLY E 155 9.78 39.13 -3.92
CA GLY E 155 10.11 38.63 -2.59
C GLY E 155 11.20 39.47 -1.96
N GLY E 156 11.43 39.20 -0.68
CA GLY E 156 12.44 39.94 0.05
C GLY E 156 12.02 40.33 1.45
N VAL E 157 12.09 41.63 1.76
CA VAL E 157 11.86 42.07 3.13
C VAL E 157 10.39 42.03 3.51
N GLU E 158 9.48 42.02 2.53
CA GLU E 158 8.05 41.88 2.81
C GLU E 158 7.41 40.84 1.90
N GLY E 159 8.21 40.01 1.24
CA GLY E 159 7.68 38.92 0.45
C GLY E 159 7.27 37.76 1.34
N HIS E 160 7.13 36.59 0.74
CA HIS E 160 6.78 35.40 1.50
C HIS E 160 7.91 35.00 2.44
N ARG E 161 7.53 34.50 3.61
CA ARG E 161 8.48 34.08 4.63
C ARG E 161 8.63 32.56 4.70
N ASP E 162 7.91 31.81 3.86
CA ASP E 162 8.11 30.39 3.71
C ASP E 162 7.92 30.05 2.24
N GLU E 163 7.89 28.75 1.94
CA GLU E 163 7.76 28.30 0.55
C GLU E 163 6.56 28.95 -0.12
N VAL E 164 6.70 29.20 -1.42
CA VAL E 164 5.59 29.68 -2.23
C VAL E 164 5.01 28.49 -2.99
N LEU E 165 3.73 28.20 -2.75
CA LEU E 165 3.12 26.99 -3.28
C LEU E 165 2.29 27.21 -4.54
N SER E 166 1.80 28.43 -4.79
CA SER E 166 0.98 28.66 -5.96
C SER E 166 0.93 30.14 -6.29
N ALA E 167 0.55 30.44 -7.53
CA ALA E 167 0.33 31.82 -7.98
C ALA E 167 -0.56 31.80 -9.21
N ASP E 168 -1.12 32.97 -9.53
CA ASP E 168 -2.04 33.07 -10.65
C ASP E 168 -2.11 34.51 -11.14
N TYR E 169 -2.08 34.68 -12.47
CA TYR E 169 -2.36 35.98 -13.08
C TYR E 169 -3.87 36.22 -13.10
N ASP E 170 -4.25 37.49 -13.11
CA ASP E 170 -5.64 37.80 -13.42
C ASP E 170 -5.86 37.64 -14.94
N LEU E 171 -7.13 37.80 -15.35
CA LEU E 171 -7.49 37.44 -16.72
C LEU E 171 -6.74 38.27 -17.75
N LEU E 172 -6.58 39.57 -17.50
CA LEU E 172 -5.91 40.45 -18.45
C LEU E 172 -4.40 40.54 -18.24
N GLY E 173 -3.85 39.80 -17.28
CA GLY E 173 -2.42 39.79 -17.07
C GLY E 173 -1.87 41.05 -16.44
N GLU E 174 -2.64 41.70 -15.58
CA GLU E 174 -2.21 42.95 -14.96
C GLU E 174 -1.70 42.77 -13.54
N LYS E 175 -2.01 41.66 -12.88
CA LYS E 175 -1.57 41.44 -11.52
C LYS E 175 -1.44 39.95 -11.24
N ILE E 176 -0.72 39.65 -10.16
CA ILE E 176 -0.43 38.28 -9.73
C ILE E 176 -0.84 38.16 -8.27
N MET E 177 -1.46 37.03 -7.94
CA MET E 177 -1.76 36.69 -6.55
C MET E 177 -1.05 35.39 -6.20
N SER E 178 -0.28 35.40 -5.11
CA SER E 178 0.53 34.27 -4.72
C SER E 178 0.22 33.85 -3.29
N CYS E 179 0.42 32.56 -3.01
CA CYS E 179 0.18 32.01 -1.69
C CYS E 179 1.27 31.00 -1.35
N GLY E 180 1.38 30.65 -0.08
CA GLY E 180 2.45 29.78 0.34
C GLY E 180 2.26 29.22 1.74
N MET E 181 3.35 28.66 2.27
CA MET E 181 3.35 27.98 3.56
C MET E 181 3.38 28.93 4.75
N ASP E 182 3.51 30.23 4.52
CA ASP E 182 3.49 31.20 5.60
C ASP E 182 2.09 31.72 5.88
N HIS E 183 1.06 31.00 5.42
CA HIS E 183 -0.36 31.33 5.61
C HIS E 183 -0.78 32.56 4.83
N SER E 184 0.11 33.12 4.01
CA SER E 184 -0.10 34.44 3.43
C SER E 184 -0.58 34.34 1.99
N LEU E 185 -1.28 35.38 1.56
CA LEU E 185 -1.66 35.58 0.16
C LEU E 185 -1.29 37.01 -0.20
N LYS E 186 -0.45 37.19 -1.21
CA LYS E 186 0.12 38.48 -1.53
C LYS E 186 -0.15 38.84 -2.99
N LEU E 187 -0.47 40.11 -3.21
CA LEU E 187 -0.82 40.63 -4.52
C LEU E 187 0.35 41.44 -5.09
N TRP E 188 0.83 41.04 -6.26
CA TRP E 188 1.91 41.73 -6.96
C TRP E 188 1.38 42.25 -8.28
N ARG E 189 1.30 43.57 -8.43
CA ARG E 189 0.89 44.16 -9.69
C ARG E 189 2.06 44.23 -10.65
N ILE E 190 1.81 43.85 -11.91
CA ILE E 190 2.80 43.98 -12.97
C ILE E 190 2.39 45.01 -14.01
N ASN E 191 1.27 45.70 -13.81
CA ASN E 191 0.89 46.82 -14.65
C ASN E 191 1.36 48.16 -14.08
N SER E 192 2.13 48.14 -13.00
CA SER E 192 2.80 49.34 -12.53
C SER E 192 3.86 49.77 -13.54
N LYS E 193 4.17 51.07 -13.53
CA LYS E 193 5.14 51.57 -14.50
C LYS E 193 6.53 51.00 -14.25
N ARG E 194 6.86 50.66 -13.00
CA ARG E 194 8.15 50.03 -12.72
C ARG E 194 8.25 48.66 -13.39
N MET E 195 7.19 47.85 -13.28
CA MET E 195 7.21 46.51 -13.86
C MET E 195 7.13 46.55 -15.37
N MET E 196 6.28 47.43 -15.92
CA MET E 196 6.13 47.50 -17.36
C MET E 196 7.40 47.98 -18.04
N ASN E 197 8.18 48.82 -17.35
CA ASN E 197 9.46 49.22 -17.90
C ASN E 197 10.52 48.13 -17.73
N ALA E 198 10.36 47.27 -16.73
CA ALA E 198 11.25 46.12 -16.60
C ALA E 198 10.98 45.09 -17.68
N ILE E 199 9.69 44.88 -18.01
CA ILE E 199 9.34 43.97 -19.09
C ILE E 199 9.80 44.54 -20.43
N LYS E 200 9.68 45.86 -20.61
CA LYS E 200 10.15 46.47 -21.85
C LYS E 200 11.66 46.38 -22.00
N GLU E 201 12.42 46.64 -20.92
CA GLU E 201 13.88 46.60 -21.05
C GLU E 201 14.38 45.17 -21.17
N SER E 202 13.64 44.20 -20.61
CA SER E 202 13.94 42.80 -20.85
C SER E 202 13.86 42.48 -22.33
N TYR E 203 12.88 43.06 -23.03
CA TYR E 203 12.71 42.81 -24.45
C TYR E 203 13.76 43.55 -25.28
N ASP E 204 14.05 44.80 -24.93
CA ASP E 204 15.04 45.61 -25.64
C ASP E 204 16.47 45.29 -25.25
N TYR E 205 16.69 44.15 -24.61
CA TYR E 205 18.03 43.72 -24.20
C TYR E 205 18.66 42.87 -25.29
N ASN E 206 19.94 43.14 -25.56
CA ASN E 206 20.77 42.31 -26.42
C ASN E 206 22.16 42.40 -25.79
N PRO E 207 22.83 41.26 -25.57
CA PRO E 207 24.13 41.32 -24.86
C PRO E 207 25.19 42.16 -25.55
N ASN E 208 25.44 41.92 -26.84
CA ASN E 208 26.48 42.57 -27.66
C ASN E 208 27.68 43.14 -26.87
N PHE E 214 22.68 41.95 -17.36
CA PHE E 214 21.30 42.41 -17.25
C PHE E 214 20.81 42.37 -15.81
N ILE E 215 20.41 43.53 -15.29
CA ILE E 215 19.96 43.62 -13.91
C ILE E 215 18.47 43.33 -13.83
N SER E 216 18.10 42.38 -12.98
CA SER E 216 16.71 42.03 -12.72
C SER E 216 16.25 42.78 -11.47
N GLN E 217 15.02 43.27 -11.52
CA GLN E 217 14.54 44.14 -10.46
C GLN E 217 13.88 43.33 -9.36
N LYS E 218 14.30 43.59 -8.12
CA LYS E 218 13.82 42.88 -6.95
C LYS E 218 12.68 43.70 -6.33
N ILE E 219 11.49 43.12 -6.29
CA ILE E 219 10.32 43.75 -5.69
C ILE E 219 10.17 43.22 -4.27
N HIS E 220 10.46 44.07 -3.29
CA HIS E 220 10.41 43.66 -1.89
C HIS E 220 9.03 43.75 -1.27
N PHE E 221 8.15 44.59 -1.81
CA PHE E 221 6.88 44.87 -1.18
C PHE E 221 5.72 44.51 -2.09
N PRO E 222 4.78 43.69 -1.64
CA PRO E 222 3.57 43.43 -2.43
C PRO E 222 2.58 44.58 -2.30
N ASP E 223 1.67 44.65 -3.29
CA ASP E 223 0.63 45.65 -3.30
C ASP E 223 -0.57 45.28 -2.42
N PHE E 224 -0.52 44.12 -1.77
CA PHE E 224 -1.48 43.69 -0.75
C PHE E 224 -0.99 42.37 -0.16
N SER E 225 -1.41 42.05 1.07
CA SER E 225 -1.00 40.81 1.71
C SER E 225 -1.94 40.53 2.88
N THR E 226 -2.25 39.25 3.10
CA THR E 226 -3.13 38.88 4.19
C THR E 226 -2.81 37.48 4.70
N ARG E 227 -2.93 37.30 6.01
CA ARG E 227 -2.88 36.00 6.65
C ARG E 227 -4.21 35.61 7.28
N ASP E 228 -5.26 36.40 7.05
CA ASP E 228 -6.52 36.25 7.75
C ASP E 228 -7.58 35.50 6.95
N ILE E 229 -7.18 34.74 5.94
CA ILE E 229 -8.10 33.91 5.18
C ILE E 229 -8.06 32.47 5.64
N HIS E 230 -6.87 31.89 5.73
CA HIS E 230 -6.69 30.52 6.18
C HIS E 230 -5.80 30.49 7.41
N ARG E 231 -5.93 29.40 8.18
CA ARG E 231 -5.18 29.22 9.41
C ARG E 231 -4.00 28.27 9.25
N ASN E 232 -3.70 27.86 8.01
CA ASN E 232 -2.59 26.95 7.74
C ASN E 232 -1.98 27.34 6.40
N TYR E 233 -1.14 26.45 5.85
CA TYR E 233 -0.52 26.72 4.56
C TYR E 233 -1.58 26.86 3.47
N VAL E 234 -1.37 27.79 2.54
CA VAL E 234 -2.23 27.95 1.37
C VAL E 234 -1.50 27.33 0.17
N ASP E 235 -2.10 26.30 -0.43
CA ASP E 235 -1.41 25.51 -1.44
C ASP E 235 -2.04 25.64 -2.82
N CYS E 236 -3.00 26.54 -3.02
CA CYS E 236 -3.57 26.78 -4.34
C CYS E 236 -4.40 28.06 -4.35
N VAL E 237 -4.12 28.96 -5.30
CA VAL E 237 -4.82 30.25 -5.43
C VAL E 237 -5.11 30.50 -6.90
N ARG E 238 -6.33 30.97 -7.19
CA ARG E 238 -6.70 31.35 -8.55
C ARG E 238 -7.62 32.56 -8.49
N TRP E 239 -7.55 33.39 -9.53
CA TRP E 239 -8.43 34.54 -9.63
C TRP E 239 -9.79 34.12 -10.15
N LEU E 240 -10.83 34.77 -9.66
CA LEU E 240 -12.19 34.65 -10.17
C LEU E 240 -12.69 36.05 -10.52
N GLY E 241 -12.13 36.64 -11.57
CA GLY E 241 -12.40 38.03 -11.88
C GLY E 241 -11.54 38.95 -11.04
N ASP E 242 -12.18 39.83 -10.28
CA ASP E 242 -11.50 40.62 -9.26
C ASP E 242 -11.55 39.96 -7.90
N LEU E 243 -12.19 38.79 -7.81
CA LEU E 243 -12.27 37.97 -6.62
C LEU E 243 -11.17 36.91 -6.66
N ILE E 244 -10.94 36.25 -5.52
CA ILE E 244 -9.90 35.25 -5.39
C ILE E 244 -10.49 33.97 -4.80
N LEU E 245 -10.11 32.84 -5.37
CA LEU E 245 -10.37 31.52 -4.81
C LEU E 245 -9.05 30.95 -4.30
N SER E 246 -9.05 30.45 -3.06
CA SER E 246 -7.85 29.85 -2.48
C SER E 246 -8.24 28.82 -1.43
N LYS E 247 -7.40 27.79 -1.27
CA LYS E 247 -7.72 26.68 -0.39
C LYS E 247 -6.53 26.30 0.48
N SER E 248 -6.83 25.56 1.54
CA SER E 248 -5.83 25.01 2.45
C SER E 248 -6.28 23.60 2.83
N CYS E 249 -5.71 23.07 3.90
CA CYS E 249 -6.03 21.74 4.39
C CYS E 249 -7.34 21.69 5.19
N GLU E 250 -8.08 22.79 5.27
CA GLU E 250 -9.31 22.83 6.07
C GLU E 250 -10.56 22.45 5.29
N ASN E 251 -10.40 21.79 4.14
CA ASN E 251 -11.51 21.18 3.41
C ASN E 251 -12.53 22.22 2.92
N ALA E 252 -12.03 23.37 2.46
CA ALA E 252 -12.89 24.37 1.85
C ALA E 252 -12.07 25.26 0.93
N ILE E 253 -12.69 25.68 -0.17
CA ILE E 253 -12.14 26.71 -1.04
C ILE E 253 -12.82 28.02 -0.69
N VAL E 254 -12.04 28.99 -0.20
CA VAL E 254 -12.59 30.25 0.27
C VAL E 254 -12.62 31.27 -0.87
N CYS E 255 -13.77 31.89 -1.08
CA CYS E 255 -13.93 32.97 -2.05
C CYS E 255 -13.91 34.29 -1.30
N TRP E 256 -12.90 35.11 -1.57
CA TRP E 256 -12.68 36.33 -0.82
C TRP E 256 -12.14 37.42 -1.75
N LYS E 257 -12.01 38.63 -1.19
CA LYS E 257 -11.52 39.77 -1.94
C LYS E 257 -10.85 40.76 -1.00
N PRO E 258 -9.78 41.41 -1.43
CA PRO E 258 -9.11 42.38 -0.54
C PRO E 258 -9.98 43.57 -0.24
N GLY E 259 -9.69 44.22 0.88
CA GLY E 259 -10.51 45.34 1.31
C GLY E 259 -11.89 44.91 1.75
N LYS E 260 -12.79 45.89 1.85
CA LYS E 260 -14.17 45.62 2.20
C LYS E 260 -15.00 45.42 0.94
N MET E 261 -16.29 45.09 1.13
CA MET E 261 -17.16 44.69 0.02
C MET E 261 -17.18 45.73 -1.09
N GLU E 262 -17.21 47.01 -0.72
CA GLU E 262 -17.37 48.10 -1.68
C GLU E 262 -16.07 48.49 -2.38
N ASP E 263 -14.93 47.93 -1.98
CA ASP E 263 -13.64 48.42 -2.41
C ASP E 263 -13.24 47.80 -3.76
N ASP E 264 -12.83 48.66 -4.70
CA ASP E 264 -12.37 48.25 -6.01
C ASP E 264 -10.97 47.63 -5.92
N ILE E 265 -10.71 46.62 -6.75
CA ILE E 265 -9.46 45.88 -6.66
C ILE E 265 -8.27 46.77 -7.02
N ASP E 266 -8.44 47.65 -8.00
CA ASP E 266 -7.35 48.48 -8.49
C ASP E 266 -7.18 49.76 -7.69
N LYS E 267 -8.05 50.00 -6.71
CA LYS E 267 -7.86 51.10 -5.77
C LYS E 267 -7.36 50.63 -4.42
N ILE E 268 -7.17 49.33 -4.24
CA ILE E 268 -6.64 48.78 -2.99
C ILE E 268 -5.23 49.31 -2.78
N LYS E 269 -4.99 49.96 -1.65
CA LYS E 269 -3.58 50.30 -1.59
C LYS E 269 -2.87 49.44 -0.55
N PRO E 270 -1.53 49.26 -0.64
CA PRO E 270 -0.91 48.09 0.02
C PRO E 270 -1.16 48.01 1.52
N SER E 271 -1.42 49.13 2.18
CA SER E 271 -1.65 49.18 3.62
C SER E 271 -2.97 48.56 4.05
N GLU E 272 -3.73 47.96 3.13
CA GLU E 272 -5.09 47.54 3.45
C GLU E 272 -5.08 46.36 4.41
N SER E 273 -5.79 46.52 5.52
CA SER E 273 -5.87 45.52 6.58
C SER E 273 -7.18 44.75 6.59
N ASN E 274 -8.10 45.08 5.70
CA ASN E 274 -9.42 44.45 5.65
C ASN E 274 -9.47 43.41 4.53
N VAL E 275 -10.22 42.33 4.79
CA VAL E 275 -10.57 41.35 3.78
C VAL E 275 -12.06 41.08 3.88
N THR E 276 -12.61 40.44 2.85
CA THR E 276 -14.04 40.15 2.79
C THR E 276 -14.25 38.74 2.27
N ILE E 277 -14.78 37.86 3.11
CA ILE E 277 -15.07 36.49 2.73
C ILE E 277 -16.47 36.44 2.15
N LEU E 278 -16.57 36.08 0.86
CA LEU E 278 -17.88 35.99 0.23
C LEU E 278 -18.57 34.67 0.58
N GLY E 279 -17.87 33.57 0.41
CA GLY E 279 -18.42 32.25 0.71
C GLY E 279 -17.32 31.22 0.62
N ARG E 280 -17.70 29.97 0.89
CA ARG E 280 -16.76 28.85 0.82
C ARG E 280 -17.37 27.69 0.07
N PHE E 281 -16.57 27.07 -0.80
CA PHE E 281 -16.94 25.84 -1.49
C PHE E 281 -16.50 24.68 -0.62
N ASP E 282 -17.45 23.97 -0.04
CA ASP E 282 -17.15 22.92 0.94
C ASP E 282 -17.08 21.56 0.28
N TYR E 283 -16.14 20.74 0.76
CA TYR E 283 -15.93 19.37 0.30
C TYR E 283 -15.39 18.58 1.49
N SER E 284 -14.91 17.37 1.24
CA SER E 284 -14.44 16.53 2.34
C SER E 284 -13.26 15.68 1.89
N GLN E 285 -12.43 15.31 2.88
CA GLN E 285 -11.36 14.33 2.71
C GLN E 285 -10.29 14.82 1.73
N CYS E 286 -9.88 16.07 1.89
CA CYS E 286 -8.81 16.63 1.09
C CYS E 286 -7.92 17.50 1.99
N ASP E 287 -7.43 16.90 3.08
CA ASP E 287 -6.66 17.61 4.09
C ASP E 287 -5.15 17.43 3.93
N ILE E 288 -4.70 16.60 2.97
CA ILE E 288 -3.27 16.50 2.69
C ILE E 288 -2.82 17.69 1.85
N TRP E 289 -1.50 17.88 1.80
CA TRP E 289 -0.90 19.05 1.18
C TRP E 289 -0.66 18.85 -0.31
N TYR E 290 -0.66 19.97 -1.04
CA TYR E 290 -0.41 20.00 -2.48
C TYR E 290 -1.51 19.25 -3.24
N MET E 291 -2.73 19.79 -3.12
CA MET E 291 -3.90 19.33 -3.87
C MET E 291 -4.53 20.57 -4.51
N ARG E 292 -4.51 20.64 -5.85
CA ARG E 292 -4.78 21.88 -6.57
C ARG E 292 -6.11 21.81 -7.32
N PHE E 293 -6.88 22.89 -7.25
CA PHE E 293 -8.17 22.96 -7.93
C PHE E 293 -8.02 23.67 -9.29
N SER E 294 -9.03 23.46 -10.15
CA SER E 294 -8.94 23.87 -11.54
C SER E 294 -10.19 24.60 -11.98
N MET E 295 -10.08 25.31 -13.10
CA MET E 295 -11.20 25.97 -13.72
C MET E 295 -11.07 25.86 -15.24
N ASP E 296 -12.20 25.80 -15.92
CA ASP E 296 -12.17 25.83 -17.37
C ASP E 296 -11.79 27.24 -17.84
N PHE E 297 -11.54 27.37 -19.15
CA PHE E 297 -11.13 28.67 -19.68
C PHE E 297 -12.18 29.73 -19.40
N TRP E 298 -13.45 29.39 -19.62
CA TRP E 298 -14.54 30.35 -19.47
C TRP E 298 -14.89 30.59 -18.00
N GLN E 299 -14.23 29.92 -17.07
CA GLN E 299 -14.43 30.13 -15.64
C GLN E 299 -15.89 29.90 -15.24
N LYS E 300 -16.53 28.93 -15.87
CA LYS E 300 -17.88 28.51 -15.52
C LYS E 300 -17.90 27.28 -14.62
N MET E 301 -16.78 26.56 -14.47
CA MET E 301 -16.74 25.35 -13.67
C MET E 301 -15.49 25.33 -12.81
N LEU E 302 -15.62 24.74 -11.63
CA LEU E 302 -14.50 24.59 -10.71
C LEU E 302 -14.42 23.13 -10.29
N ALA E 303 -13.23 22.55 -10.40
CA ALA E 303 -13.01 21.13 -10.17
C ALA E 303 -11.88 20.92 -9.19
N LEU E 304 -12.07 19.95 -8.27
CA LEU E 304 -11.05 19.59 -7.30
C LEU E 304 -11.23 18.13 -6.91
N GLY E 305 -10.12 17.40 -6.83
CA GLY E 305 -10.13 16.01 -6.40
C GLY E 305 -9.68 15.88 -4.96
N ASN E 306 -10.14 14.83 -4.30
CA ASN E 306 -9.79 14.60 -2.89
C ASN E 306 -8.83 13.42 -2.80
N GLN E 307 -8.38 13.13 -1.57
CA GLN E 307 -7.31 12.17 -1.38
C GLN E 307 -7.78 10.71 -1.45
N VAL E 308 -9.07 10.45 -1.63
CA VAL E 308 -9.55 9.07 -1.72
C VAL E 308 -10.26 8.80 -3.04
N GLY E 309 -9.97 9.60 -4.07
CA GLY E 309 -10.40 9.31 -5.43
C GLY E 309 -11.65 9.99 -5.91
N LYS E 310 -12.29 10.80 -5.09
CA LYS E 310 -13.51 11.50 -5.51
C LYS E 310 -13.16 12.85 -6.12
N LEU E 311 -13.98 13.27 -7.08
CA LEU E 311 -13.72 14.46 -7.87
C LEU E 311 -14.95 15.37 -7.82
N TYR E 312 -14.79 16.55 -7.23
CA TYR E 312 -15.87 17.51 -7.07
C TYR E 312 -15.86 18.53 -8.22
N VAL E 313 -17.04 18.83 -8.75
CA VAL E 313 -17.20 19.82 -9.82
C VAL E 313 -18.32 20.77 -9.43
N TRP E 314 -18.02 22.06 -9.39
CA TRP E 314 -18.99 23.08 -9.04
C TRP E 314 -19.37 23.91 -10.26
N ASP E 315 -20.64 24.30 -10.33
CA ASP E 315 -21.13 25.25 -11.32
C ASP E 315 -20.98 26.65 -10.72
N LEU E 316 -20.02 27.42 -11.22
CA LEU E 316 -19.75 28.75 -10.69
C LEU E 316 -20.73 29.81 -11.18
N GLU E 317 -21.62 29.48 -12.10
CA GLU E 317 -22.51 30.47 -12.70
C GLU E 317 -23.90 30.51 -12.09
N VAL E 318 -24.14 29.77 -11.01
CA VAL E 318 -25.45 29.78 -10.36
C VAL E 318 -25.55 31.01 -9.46
N GLU E 319 -26.77 31.30 -9.00
CA GLU E 319 -27.00 32.46 -8.12
C GLU E 319 -26.15 32.37 -6.86
N ASP E 320 -26.25 31.25 -6.14
CA ASP E 320 -25.50 31.02 -4.92
C ASP E 320 -24.44 29.95 -5.15
N PRO E 321 -23.29 30.30 -5.74
CA PRO E 321 -22.28 29.27 -6.04
C PRO E 321 -21.74 28.61 -4.80
N HIS E 322 -21.53 29.38 -3.74
CA HIS E 322 -20.97 28.87 -2.49
C HIS E 322 -21.97 28.01 -1.72
N LYS E 323 -23.26 28.12 -2.04
CA LYS E 323 -24.30 27.40 -1.33
C LYS E 323 -24.98 26.34 -2.20
N ALA E 324 -24.33 25.93 -3.29
CA ALA E 324 -24.94 25.04 -4.27
C ALA E 324 -24.25 23.68 -4.26
N LYS E 325 -25.04 22.63 -4.45
CA LYS E 325 -24.53 21.27 -4.48
C LYS E 325 -23.59 21.07 -5.67
N CYS E 326 -22.53 20.31 -5.46
CA CYS E 326 -21.58 20.01 -6.52
C CYS E 326 -21.86 18.62 -7.08
N THR E 327 -21.40 18.41 -8.31
CA THR E 327 -21.42 17.09 -8.92
C THR E 327 -20.23 16.29 -8.40
N THR E 328 -20.49 15.09 -7.89
CA THR E 328 -19.45 14.23 -7.33
C THR E 328 -19.17 13.08 -8.30
N LEU E 329 -18.07 13.18 -9.02
CA LEU E 329 -17.65 12.13 -9.93
C LEU E 329 -16.86 11.08 -9.17
N THR E 330 -17.31 9.82 -9.24
CA THR E 330 -16.65 8.74 -8.54
C THR E 330 -16.60 7.50 -9.44
N HIS E 331 -15.68 6.59 -9.09
CA HIS E 331 -15.56 5.33 -9.78
C HIS E 331 -15.03 4.30 -8.78
N HIS E 332 -15.49 3.05 -8.93
CA HIS E 332 -15.18 2.02 -7.95
C HIS E 332 -13.68 1.72 -7.88
N LYS E 333 -12.98 1.84 -9.01
CA LYS E 333 -11.56 1.54 -9.08
C LYS E 333 -10.69 2.78 -9.02
N CYS E 334 -11.23 3.90 -8.55
CA CYS E 334 -10.50 5.15 -8.43
C CYS E 334 -10.48 5.57 -6.97
N GLY E 335 -9.40 5.21 -6.28
CA GLY E 335 -9.30 5.47 -4.86
C GLY E 335 -8.01 6.15 -4.45
N ALA E 336 -7.24 6.60 -5.43
CA ALA E 336 -5.99 7.30 -5.16
C ALA E 336 -6.19 8.80 -5.15
N ALA E 337 -5.37 9.49 -4.37
CA ALA E 337 -5.43 10.95 -4.26
C ALA E 337 -5.28 11.59 -5.62
N ILE E 338 -6.21 12.47 -5.97
CA ILE E 338 -6.17 13.21 -7.23
C ILE E 338 -5.39 14.52 -7.00
N ARG E 339 -4.27 14.66 -7.70
CA ARG E 339 -3.37 15.79 -7.43
C ARG E 339 -3.77 17.04 -8.22
N GLN E 340 -4.26 16.87 -9.44
CA GLN E 340 -4.62 18.02 -10.26
C GLN E 340 -5.63 17.58 -11.30
N THR E 341 -6.44 18.53 -11.76
CA THR E 341 -7.41 18.29 -12.80
C THR E 341 -7.16 19.26 -13.95
N SER E 342 -7.80 18.98 -15.08
CA SER E 342 -7.63 19.85 -16.24
C SER E 342 -8.84 19.71 -17.15
N PHE E 343 -9.42 20.85 -17.51
CA PHE E 343 -10.50 20.89 -18.49
C PHE E 343 -9.91 21.16 -19.86
N SER E 344 -10.45 20.49 -20.88
CA SER E 344 -10.18 20.93 -22.24
C SER E 344 -10.69 22.35 -22.42
N ARG E 345 -10.22 23.01 -23.47
CA ARG E 345 -10.62 24.40 -23.67
C ARG E 345 -12.12 24.54 -23.85
N ASP E 346 -12.74 23.63 -24.61
CA ASP E 346 -14.19 23.62 -24.75
C ASP E 346 -14.89 22.98 -23.56
N SER E 347 -14.13 22.56 -22.54
CA SER E 347 -14.65 21.94 -21.32
C SER E 347 -15.53 20.71 -21.61
N SER E 348 -15.24 20.01 -22.71
CA SER E 348 -15.92 18.77 -23.00
C SER E 348 -15.30 17.57 -22.29
N ILE E 349 -14.02 17.68 -21.91
CA ILE E 349 -13.28 16.60 -21.27
C ILE E 349 -12.65 17.13 -20.00
N LEU E 350 -12.61 16.30 -18.96
CA LEU E 350 -11.97 16.63 -17.69
C LEU E 350 -11.06 15.48 -17.29
N ILE E 351 -9.77 15.77 -17.12
CA ILE E 351 -8.74 14.76 -16.84
C ILE E 351 -8.28 14.92 -15.39
N ALA E 352 -8.13 13.79 -14.70
CA ALA E 352 -7.61 13.78 -13.35
C ALA E 352 -6.42 12.81 -13.29
N VAL E 353 -5.36 13.23 -12.59
CA VAL E 353 -4.16 12.41 -12.43
C VAL E 353 -3.97 12.13 -10.94
N CYS E 354 -3.44 10.95 -10.62
CA CYS E 354 -3.49 10.42 -9.27
C CYS E 354 -2.09 10.02 -8.79
N ASP E 355 -2.00 9.71 -7.49
CA ASP E 355 -0.74 9.33 -6.86
C ASP E 355 -0.27 7.94 -7.25
N ASP E 356 -1.08 7.14 -7.96
CA ASP E 356 -0.66 5.85 -8.46
C ASP E 356 -0.42 5.87 -9.97
N ALA E 357 -0.06 7.03 -10.50
CA ALA E 357 0.23 7.23 -11.92
C ALA E 357 -0.94 6.88 -12.82
N SER E 358 -2.17 7.04 -12.34
CA SER E 358 -3.36 6.76 -13.13
C SER E 358 -3.98 8.05 -13.68
N ILE E 359 -4.55 7.94 -14.87
CA ILE E 359 -5.17 9.07 -15.57
C ILE E 359 -6.62 8.72 -15.84
N TRP E 360 -7.54 9.59 -15.41
CA TRP E 360 -8.97 9.34 -15.51
C TRP E 360 -9.61 10.37 -16.44
N ARG E 361 -10.39 9.89 -17.41
CA ARG E 361 -11.03 10.75 -18.40
C ARG E 361 -12.51 10.84 -18.12
N TRP E 362 -13.00 12.05 -17.92
CA TRP E 362 -14.42 12.32 -17.69
C TRP E 362 -14.93 13.18 -18.83
N ASP E 363 -15.89 12.66 -19.59
CA ASP E 363 -16.50 13.38 -20.68
C ASP E 363 -17.82 13.99 -20.21
N ARG E 364 -18.05 15.26 -20.55
CA ARG E 364 -19.26 15.93 -20.12
C ARG E 364 -20.45 15.48 -20.95
N LEU E 365 -21.64 15.58 -20.36
CA LEU E 365 -22.87 15.21 -21.03
C LEU E 365 -23.75 16.43 -21.34
N SER F 2 -16.40 -32.49 3.52
CA SER F 2 -17.06 -31.26 3.13
C SER F 2 -17.75 -30.57 4.32
N CYS F 3 -18.40 -29.45 4.03
CA CYS F 3 -19.27 -28.76 4.97
C CYS F 3 -20.57 -28.43 4.24
N LYS F 4 -21.67 -28.46 4.98
CA LYS F 4 -23.00 -28.53 4.36
C LYS F 4 -23.39 -27.22 3.68
N TYR F 5 -23.02 -26.08 4.26
CA TYR F 5 -23.47 -24.79 3.76
C TYR F 5 -22.50 -24.23 2.72
N SER F 6 -23.05 -23.75 1.60
CA SER F 6 -22.28 -23.21 0.48
C SER F 6 -22.85 -21.85 0.08
N PHE F 7 -21.96 -20.92 -0.30
CA PHE F 7 -22.35 -19.54 -0.57
C PHE F 7 -21.84 -19.08 -1.93
N LYS F 8 -22.48 -18.01 -2.42
CA LYS F 8 -22.13 -17.36 -3.68
C LYS F 8 -21.98 -15.87 -3.42
N CYS F 9 -20.89 -15.29 -3.90
CA CYS F 9 -20.65 -13.86 -3.72
C CYS F 9 -21.39 -13.10 -4.81
N VAL F 10 -22.46 -12.38 -4.42
CA VAL F 10 -23.34 -11.75 -5.40
C VAL F 10 -23.15 -10.25 -5.49
N ASN F 11 -22.40 -9.63 -4.58
CA ASN F 11 -22.18 -8.19 -4.67
C ASN F 11 -20.94 -7.81 -3.88
N SER F 12 -20.35 -6.68 -4.25
CA SER F 12 -19.18 -6.12 -3.57
C SER F 12 -19.28 -4.60 -3.63
N LEU F 13 -19.34 -3.96 -2.47
CA LEU F 13 -19.48 -2.51 -2.38
C LEU F 13 -18.21 -1.89 -1.79
N LYS F 14 -18.18 -0.55 -1.81
CA LYS F 14 -17.03 0.19 -1.29
C LYS F 14 -17.50 1.56 -0.84
N GLU F 15 -17.36 1.85 0.45
CA GLU F 15 -17.75 3.14 0.98
C GLU F 15 -16.70 4.20 0.65
N ASP F 16 -17.15 5.45 0.52
CA ASP F 16 -16.31 6.49 -0.07
C ASP F 16 -15.21 7.00 0.84
N HIS F 17 -15.17 6.58 2.11
CA HIS F 17 -14.16 7.11 3.01
C HIS F 17 -12.85 6.35 2.96
N ASN F 18 -12.85 5.14 2.39
CA ASN F 18 -11.63 4.32 2.26
C ASN F 18 -10.95 4.13 3.61
N GLN F 19 -11.76 3.88 4.65
CA GLN F 19 -11.34 3.69 6.01
C GLN F 19 -11.81 2.34 6.52
N PRO F 20 -11.07 1.72 7.44
CA PRO F 20 -11.46 0.38 7.89
C PRO F 20 -12.86 0.38 8.49
N LEU F 21 -13.70 -0.51 7.97
CA LEU F 21 -15.01 -0.80 8.55
C LEU F 21 -14.82 -1.89 9.60
N PHE F 22 -15.05 -1.56 10.87
CA PHE F 22 -14.79 -2.50 11.94
C PHE F 22 -15.97 -3.40 12.29
N GLY F 23 -17.20 -2.93 12.08
CA GLY F 23 -18.36 -3.67 12.53
C GLY F 23 -19.48 -3.66 11.51
N VAL F 24 -20.22 -4.76 11.47
CA VAL F 24 -21.39 -4.92 10.61
C VAL F 24 -22.43 -5.74 11.37
N GLN F 25 -23.67 -5.27 11.39
CA GLN F 25 -24.72 -5.94 12.15
C GLN F 25 -26.00 -5.93 11.36
N PHE F 26 -26.55 -7.12 11.09
CA PHE F 26 -27.90 -7.21 10.55
C PHE F 26 -28.91 -6.84 11.62
N ASN F 27 -30.00 -6.20 11.21
CA ASN F 27 -31.11 -5.90 12.12
C ASN F 27 -31.99 -7.13 12.21
N TRP F 28 -31.81 -7.92 13.27
CA TRP F 28 -32.60 -9.12 13.47
C TRP F 28 -33.98 -8.85 14.03
N HIS F 29 -34.25 -7.61 14.47
CA HIS F 29 -35.57 -7.27 14.99
C HIS F 29 -36.59 -7.03 13.89
N SER F 30 -36.17 -7.05 12.62
CA SER F 30 -37.10 -6.93 11.50
C SER F 30 -38.21 -7.96 11.61
N LYS F 31 -39.43 -7.55 11.28
CA LYS F 31 -40.53 -8.51 11.31
C LYS F 31 -40.56 -9.30 10.01
N GLU F 32 -41.22 -10.46 10.06
CA GLU F 32 -41.22 -11.38 8.93
C GLU F 32 -41.92 -10.74 7.72
N GLY F 33 -41.18 -10.62 6.62
CA GLY F 33 -41.71 -10.00 5.42
C GLY F 33 -40.98 -8.72 5.07
N ASP F 34 -40.54 -7.98 6.08
CA ASP F 34 -39.76 -6.78 5.84
C ASP F 34 -38.39 -7.14 5.26
N PRO F 35 -37.85 -6.31 4.38
CA PRO F 35 -36.54 -6.63 3.79
C PRO F 35 -35.44 -6.64 4.83
N LEU F 36 -34.39 -7.41 4.54
CA LEU F 36 -33.27 -7.56 5.47
C LEU F 36 -32.36 -6.34 5.40
N VAL F 37 -32.14 -5.70 6.55
CA VAL F 37 -31.36 -4.46 6.66
C VAL F 37 -30.16 -4.72 7.56
N PHE F 38 -29.02 -4.12 7.19
CA PHE F 38 -27.82 -4.21 8.02
C PHE F 38 -27.15 -2.84 8.11
N ALA F 39 -26.29 -2.69 9.11
CA ALA F 39 -25.58 -1.44 9.36
C ALA F 39 -24.08 -1.71 9.44
N THR F 40 -23.30 -0.71 9.00
CA THR F 40 -21.84 -0.75 9.07
C THR F 40 -21.35 0.42 9.90
N VAL F 41 -20.18 0.25 10.52
CA VAL F 41 -19.52 1.33 11.26
C VAL F 41 -18.04 1.34 10.90
N GLY F 42 -17.51 2.53 10.64
CA GLY F 42 -16.12 2.72 10.32
C GLY F 42 -15.81 4.20 10.24
N SER F 43 -14.59 4.58 10.57
CA SER F 43 -14.25 5.99 10.73
C SER F 43 -15.28 6.62 11.64
N ASN F 44 -15.73 7.83 11.33
CA ASN F 44 -16.80 8.45 12.10
C ASN F 44 -18.13 8.33 11.37
N ARG F 45 -18.42 7.13 10.85
CA ARG F 45 -19.57 6.93 9.98
C ARG F 45 -20.40 5.73 10.39
N VAL F 46 -21.72 5.89 10.32
CA VAL F 46 -22.68 4.81 10.44
C VAL F 46 -23.51 4.78 9.16
N THR F 47 -23.71 3.60 8.59
CA THR F 47 -24.35 3.45 7.30
C THR F 47 -25.28 2.26 7.32
N LEU F 48 -26.47 2.42 6.75
CA LEU F 48 -27.51 1.39 6.78
C LEU F 48 -27.89 0.99 5.36
N TYR F 49 -28.02 -0.32 5.14
CA TYR F 49 -28.28 -0.86 3.82
C TYR F 49 -29.48 -1.80 3.85
N GLU F 50 -30.08 -2.01 2.67
CA GLU F 50 -31.22 -2.90 2.48
C GLU F 50 -30.89 -3.87 1.35
N CYS F 51 -30.95 -5.18 1.64
CA CYS F 51 -30.61 -6.22 0.68
C CYS F 51 -31.83 -6.63 -0.15
N HIS F 52 -31.61 -6.95 -1.43
CA HIS F 52 -32.72 -7.19 -2.36
C HIS F 52 -32.39 -8.37 -3.27
N SER F 53 -33.24 -8.52 -4.29
CA SER F 53 -33.09 -9.57 -5.29
C SER F 53 -31.76 -9.41 -6.03
N GLN F 54 -31.34 -10.49 -6.68
CA GLN F 54 -30.29 -10.47 -7.71
C GLN F 54 -28.99 -9.85 -7.19
N GLY F 55 -28.74 -9.95 -5.89
CA GLY F 55 -27.54 -9.38 -5.31
C GLY F 55 -27.60 -7.89 -5.01
N GLU F 56 -28.72 -7.22 -5.31
CA GLU F 56 -28.81 -5.77 -5.10
C GLU F 56 -28.74 -5.42 -3.62
N ILE F 57 -27.97 -4.37 -3.31
CA ILE F 57 -27.89 -3.80 -1.98
C ILE F 57 -28.18 -2.30 -2.09
N ARG F 58 -29.28 -1.85 -1.48
CA ARG F 58 -29.71 -0.46 -1.58
C ARG F 58 -29.18 0.34 -0.40
N LEU F 59 -28.63 1.51 -0.70
CA LEU F 59 -28.09 2.40 0.33
C LEU F 59 -29.22 3.28 0.86
N LEU F 60 -29.51 3.15 2.15
CA LEU F 60 -30.66 3.84 2.77
C LEU F 60 -30.26 5.12 3.47
N GLN F 61 -29.46 5.01 4.53
CA GLN F 61 -29.08 6.15 5.34
C GLN F 61 -27.60 6.05 5.68
N SER F 62 -27.03 7.18 6.10
CA SER F 62 -25.68 7.17 6.65
C SER F 62 -25.45 8.46 7.42
N TYR F 63 -24.63 8.36 8.48
CA TYR F 63 -24.46 9.42 9.45
C TYR F 63 -22.97 9.67 9.68
N VAL F 64 -22.62 10.93 9.93
CA VAL F 64 -21.27 11.33 10.29
C VAL F 64 -21.30 11.97 11.67
N ASP F 65 -20.45 11.49 12.56
CA ASP F 65 -20.28 12.16 13.84
C ASP F 65 -19.66 13.53 13.60
N ALA F 66 -20.14 14.54 14.35
CA ALA F 66 -19.58 15.88 14.24
C ALA F 66 -18.08 15.89 14.55
N ASP F 67 -17.64 15.04 15.47
CA ASP F 67 -16.23 14.96 15.85
C ASP F 67 -15.47 14.17 14.81
N ALA F 68 -14.46 14.79 14.21
CA ALA F 68 -13.68 14.12 13.16
C ALA F 68 -12.71 13.10 13.72
N ASP F 69 -12.31 13.23 14.99
CA ASP F 69 -11.40 12.29 15.62
C ASP F 69 -12.12 11.08 16.22
N GLU F 70 -13.44 10.99 16.05
CA GLU F 70 -14.18 9.82 16.50
C GLU F 70 -14.01 8.67 15.52
N ASN F 71 -13.94 7.45 16.05
CA ASN F 71 -13.74 6.26 15.23
C ASN F 71 -14.60 5.13 15.80
N PHE F 72 -15.82 4.98 15.25
CA PHE F 72 -16.73 3.94 15.71
C PHE F 72 -16.14 2.55 15.51
N TYR F 73 -16.23 1.72 16.55
CA TYR F 73 -15.73 0.37 16.51
C TYR F 73 -16.80 -0.69 16.40
N THR F 74 -18.02 -0.41 16.88
CA THR F 74 -19.04 -1.45 16.96
C THR F 74 -20.43 -0.82 16.99
N CYS F 75 -21.42 -1.63 16.66
CA CYS F 75 -22.82 -1.20 16.68
C CYS F 75 -23.71 -2.36 17.11
N ALA F 76 -24.96 -2.05 17.46
CA ALA F 76 -25.86 -3.05 18.01
C ALA F 76 -27.30 -2.57 17.87
N TRP F 77 -28.16 -3.43 17.33
CA TRP F 77 -29.56 -3.10 17.08
C TRP F 77 -30.43 -3.37 18.31
N THR F 78 -31.49 -2.59 18.43
CA THR F 78 -32.52 -2.80 19.45
C THR F 78 -33.80 -2.09 18.99
N TYR F 79 -34.76 -1.96 19.89
CA TYR F 79 -36.03 -1.34 19.54
C TYR F 79 -36.63 -0.66 20.74
N ASP F 80 -37.55 0.25 20.46
CA ASP F 80 -38.31 0.98 21.47
C ASP F 80 -39.67 0.29 21.59
N SER F 81 -39.84 -0.51 22.64
CA SER F 81 -41.07 -1.28 22.79
C SER F 81 -42.30 -0.38 22.88
N ASN F 82 -42.13 0.89 23.25
CA ASN F 82 -43.26 1.81 23.32
C ASN F 82 -43.73 2.23 21.93
N THR F 83 -42.79 2.45 21.01
CA THR F 83 -43.11 2.87 19.66
C THR F 83 -42.81 1.80 18.62
N SER F 84 -42.14 0.70 18.99
CA SER F 84 -41.71 -0.33 18.03
C SER F 84 -40.92 0.27 16.87
N HIS F 85 -40.19 1.38 17.13
CA HIS F 85 -39.16 1.90 16.24
C HIS F 85 -37.86 1.15 16.49
N PRO F 86 -37.14 0.72 15.46
CA PRO F 86 -35.81 0.16 15.71
C PRO F 86 -34.82 1.23 16.11
N LEU F 87 -33.81 0.82 16.88
CA LEU F 87 -32.76 1.72 17.34
C LEU F 87 -31.42 1.04 17.16
N LEU F 88 -30.39 1.83 16.87
CA LEU F 88 -29.03 1.33 16.70
C LEU F 88 -28.10 2.09 17.63
N ALA F 89 -27.32 1.36 18.40
CA ALA F 89 -26.34 1.94 19.30
C ALA F 89 -24.95 1.79 18.69
N VAL F 90 -24.14 2.85 18.74
CA VAL F 90 -22.79 2.84 18.21
C VAL F 90 -21.85 3.49 19.21
N ALA F 91 -20.60 3.02 19.21
CA ALA F 91 -19.57 3.56 20.09
C ALA F 91 -18.19 3.30 19.49
N GLY F 92 -17.18 3.91 20.08
CA GLY F 92 -15.82 3.70 19.60
C GLY F 92 -14.72 4.43 20.34
N SER F 93 -13.85 5.13 19.58
CA SER F 93 -12.57 5.55 20.14
C SER F 93 -12.75 6.46 21.36
N ARG F 94 -13.64 7.44 21.28
CA ARG F 94 -13.75 8.39 22.38
C ARG F 94 -14.73 7.94 23.47
N GLY F 95 -15.27 6.73 23.37
CA GLY F 95 -15.99 6.13 24.48
C GLY F 95 -17.38 6.66 24.77
N ILE F 96 -18.09 7.14 23.75
CA ILE F 96 -19.42 7.70 23.92
C ILE F 96 -20.41 6.82 23.19
N ILE F 97 -21.51 6.46 23.85
CA ILE F 97 -22.56 5.66 23.25
C ILE F 97 -23.60 6.60 22.66
N ARG F 98 -23.92 6.38 21.39
CA ARG F 98 -24.99 7.10 20.70
C ARG F 98 -26.11 6.13 20.38
N ILE F 99 -27.35 6.58 20.50
CA ILE F 99 -28.52 5.80 20.11
C ILE F 99 -29.19 6.54 18.96
N ILE F 100 -29.14 5.94 17.77
CA ILE F 100 -29.68 6.53 16.55
C ILE F 100 -31.05 5.93 16.26
N ASN F 101 -32.02 6.79 15.96
CA ASN F 101 -33.36 6.38 15.55
C ASN F 101 -33.47 6.49 14.04
N PRO F 102 -33.37 5.39 13.29
CA PRO F 102 -33.44 5.49 11.82
C PRO F 102 -34.81 5.88 11.29
N ILE F 103 -35.85 5.83 12.12
CA ILE F 103 -37.18 6.26 11.67
C ILE F 103 -37.27 7.78 11.68
N THR F 104 -36.81 8.41 12.75
CA THR F 104 -36.75 9.87 12.81
C THR F 104 -35.39 10.40 12.41
N MET F 105 -34.46 9.52 12.02
CA MET F 105 -33.19 9.92 11.42
C MET F 105 -32.46 10.94 12.30
N GLN F 106 -32.50 10.69 13.60
CA GLN F 106 -31.93 11.59 14.60
C GLN F 106 -31.28 10.75 15.70
N CYS F 107 -30.25 11.30 16.32
CA CYS F 107 -29.62 10.66 17.46
C CYS F 107 -30.36 11.06 18.72
N ILE F 108 -30.93 10.08 19.43
CA ILE F 108 -31.85 10.40 20.51
C ILE F 108 -31.17 10.46 21.88
N LYS F 109 -30.12 9.68 22.11
CA LYS F 109 -29.52 9.57 23.45
C LYS F 109 -28.02 9.39 23.38
N HIS F 110 -27.32 10.00 24.34
CA HIS F 110 -25.87 9.88 24.52
C HIS F 110 -25.56 9.40 25.93
N TYR F 111 -24.47 8.64 26.07
CA TYR F 111 -24.00 8.18 27.39
C TYR F 111 -22.48 8.30 27.46
N VAL F 112 -21.99 9.11 28.40
CA VAL F 112 -20.58 9.54 28.40
C VAL F 112 -19.91 9.09 29.68
N GLY F 113 -20.24 7.88 30.15
CA GLY F 113 -19.73 7.41 31.42
C GLY F 113 -18.29 6.93 31.35
N HIS F 114 -17.93 6.23 30.29
CA HIS F 114 -16.71 5.44 30.27
C HIS F 114 -15.45 6.32 30.31
N GLY F 115 -14.33 5.68 30.60
CA GLY F 115 -13.05 6.36 30.70
C GLY F 115 -12.32 6.45 29.37
N ASN F 116 -12.31 5.36 28.61
CA ASN F 116 -11.67 5.35 27.31
C ASN F 116 -12.58 4.61 26.33
N ALA F 117 -11.99 4.11 25.25
CA ALA F 117 -12.75 3.61 24.11
C ALA F 117 -13.63 2.43 24.51
N ILE F 118 -14.73 2.28 23.78
CA ILE F 118 -15.64 1.15 23.92
C ILE F 118 -15.36 0.18 22.78
N ASN F 119 -15.21 -1.10 23.12
CA ASN F 119 -14.83 -2.11 22.13
C ASN F 119 -15.97 -2.99 21.66
N GLU F 120 -17.05 -3.10 22.44
CA GLU F 120 -18.16 -3.96 22.06
C GLU F 120 -19.44 -3.51 22.75
N LEU F 121 -20.56 -3.61 22.04
CA LEU F 121 -21.87 -3.24 22.55
C LEU F 121 -22.81 -4.41 22.32
N LYS F 122 -23.52 -4.82 23.38
CA LYS F 122 -24.44 -5.96 23.31
C LYS F 122 -25.73 -5.59 24.03
N PHE F 123 -26.86 -5.98 23.43
CA PHE F 123 -28.17 -5.75 24.05
C PHE F 123 -28.71 -7.05 24.65
N HIS F 124 -29.38 -6.92 25.80
CA HIS F 124 -29.96 -8.07 26.46
C HIS F 124 -30.94 -8.77 25.53
N PRO F 125 -30.87 -10.10 25.39
CA PRO F 125 -31.78 -10.79 24.47
C PRO F 125 -33.25 -10.69 24.84
N ARG F 126 -33.58 -10.52 26.14
CA ARG F 126 -34.96 -10.48 26.60
C ARG F 126 -35.46 -9.08 26.89
N ASP F 127 -34.59 -8.18 27.35
CA ASP F 127 -34.95 -6.82 27.71
C ASP F 127 -34.28 -5.86 26.75
N PRO F 128 -35.00 -5.24 25.82
CA PRO F 128 -34.33 -4.39 24.81
C PRO F 128 -33.70 -3.14 25.39
N ASN F 129 -34.04 -2.76 26.62
CA ASN F 129 -33.54 -1.52 27.19
C ASN F 129 -32.18 -1.66 27.88
N LEU F 130 -31.66 -2.89 28.00
CA LEU F 130 -30.42 -3.14 28.74
C LEU F 130 -29.28 -3.27 27.75
N LEU F 131 -28.32 -2.35 27.84
CA LEU F 131 -27.20 -2.26 26.92
C LEU F 131 -25.90 -2.46 27.68
N LEU F 132 -25.04 -3.33 27.14
CA LEU F 132 -23.76 -3.67 27.74
C LEU F 132 -22.63 -3.10 26.91
N SER F 133 -21.74 -2.35 27.56
CA SER F 133 -20.57 -1.76 26.91
C SER F 133 -19.31 -2.23 27.62
N VAL F 134 -18.35 -2.75 26.85
CA VAL F 134 -17.07 -3.21 27.37
C VAL F 134 -15.99 -2.28 26.85
N SER F 135 -15.05 -1.90 27.72
CA SER F 135 -14.24 -0.73 27.43
C SER F 135 -12.77 -0.94 27.77
N LYS F 136 -11.97 0.01 27.28
CA LYS F 136 -10.53 0.12 27.51
C LYS F 136 -10.18 0.42 28.96
N ASP F 137 -11.14 0.85 29.78
CA ASP F 137 -10.89 1.15 31.19
C ASP F 137 -11.07 -0.08 32.09
N HIS F 138 -10.94 -1.28 31.53
CA HIS F 138 -10.95 -2.55 32.26
C HIS F 138 -12.33 -2.94 32.78
N ALA F 139 -13.40 -2.28 32.34
CA ALA F 139 -14.70 -2.46 32.96
C ALA F 139 -15.78 -2.70 31.91
N LEU F 140 -16.85 -3.34 32.37
CA LEU F 140 -18.09 -3.48 31.64
C LEU F 140 -19.15 -2.62 32.31
N ARG F 141 -19.98 -1.95 31.52
CA ARG F 141 -21.05 -1.14 32.07
C ARG F 141 -22.38 -1.60 31.48
N LEU F 142 -23.41 -1.66 32.33
CA LEU F 142 -24.75 -2.06 31.94
C LEU F 142 -25.69 -0.86 32.09
N TRP F 143 -26.24 -0.41 30.98
CA TRP F 143 -27.11 0.77 30.96
C TRP F 143 -28.56 0.39 30.73
N ASN F 144 -29.46 1.17 31.32
CA ASN F 144 -30.90 1.11 31.08
C ASN F 144 -31.25 2.33 30.24
N ILE F 145 -31.35 2.14 28.92
CA ILE F 145 -31.58 3.28 28.03
C ILE F 145 -33.03 3.77 28.06
N GLN F 146 -33.91 3.13 28.83
CA GLN F 146 -35.26 3.65 28.96
C GLN F 146 -35.32 4.78 29.97
N THR F 147 -34.61 4.65 31.10
CA THR F 147 -34.56 5.68 32.13
C THR F 147 -33.20 6.36 32.21
N ASP F 148 -32.29 6.05 31.29
CA ASP F 148 -30.97 6.70 31.19
C ASP F 148 -30.16 6.54 32.47
N THR F 149 -30.13 5.31 32.99
CA THR F 149 -29.45 5.02 34.24
C THR F 149 -28.37 3.96 34.01
N LEU F 150 -27.29 4.08 34.77
CA LEU F 150 -26.22 3.09 34.77
C LEU F 150 -26.53 2.06 35.85
N VAL F 151 -26.90 0.85 35.43
CA VAL F 151 -27.35 -0.18 36.36
C VAL F 151 -26.17 -0.71 37.18
N ALA F 152 -25.10 -1.10 36.50
CA ALA F 152 -23.98 -1.73 37.19
C ALA F 152 -22.68 -1.46 36.45
N ILE F 153 -21.58 -1.56 37.18
CA ILE F 153 -20.23 -1.48 36.62
C ILE F 153 -19.52 -2.76 36.99
N PHE F 154 -19.27 -3.61 35.99
CA PHE F 154 -18.60 -4.90 36.22
C PHE F 154 -17.09 -4.69 36.12
N GLY F 155 -16.41 -4.82 37.25
CA GLY F 155 -14.99 -4.63 37.27
C GLY F 155 -14.54 -4.08 38.62
N GLY F 156 -13.23 -4.11 38.81
CA GLY F 156 -12.65 -3.63 40.03
C GLY F 156 -11.59 -4.57 40.57
N VAL F 157 -11.69 -4.85 41.88
CA VAL F 157 -10.61 -5.53 42.58
C VAL F 157 -10.33 -6.92 42.01
N GLU F 158 -11.32 -7.55 41.39
CA GLU F 158 -11.08 -8.82 40.70
C GLU F 158 -11.68 -8.81 39.29
N GLY F 159 -11.90 -7.64 38.71
CA GLY F 159 -12.27 -7.55 37.31
C GLY F 159 -11.04 -7.69 36.42
N HIS F 160 -11.23 -7.32 35.16
CA HIS F 160 -10.12 -7.40 34.21
C HIS F 160 -9.04 -6.40 34.58
N ARG F 161 -7.79 -6.83 34.47
CA ARG F 161 -6.65 -5.96 34.73
C ARG F 161 -6.12 -5.31 33.46
N ASP F 162 -6.85 -5.41 32.36
CA ASP F 162 -6.49 -4.75 31.10
C ASP F 162 -7.77 -4.50 30.31
N GLU F 163 -7.60 -4.04 29.06
CA GLU F 163 -8.75 -3.73 28.21
C GLU F 163 -9.69 -4.92 28.10
N VAL F 164 -10.99 -4.63 28.21
CA VAL F 164 -12.02 -5.61 27.87
C VAL F 164 -12.32 -5.48 26.38
N LEU F 165 -12.17 -6.58 25.64
CA LEU F 165 -12.34 -6.54 24.20
C LEU F 165 -13.66 -7.12 23.71
N SER F 166 -14.29 -8.00 24.48
CA SER F 166 -15.54 -8.60 24.03
C SER F 166 -16.33 -9.12 25.22
N ALA F 167 -17.64 -9.34 25.00
CA ALA F 167 -18.52 -9.97 25.97
C ALA F 167 -19.76 -10.46 25.24
N ASP F 168 -20.53 -11.32 25.91
CA ASP F 168 -21.70 -11.90 25.28
C ASP F 168 -22.69 -12.37 26.34
N TYR F 169 -23.97 -12.03 26.15
CA TYR F 169 -25.03 -12.62 26.96
C TYR F 169 -25.25 -14.06 26.54
N ASP F 170 -25.65 -14.89 27.50
CA ASP F 170 -26.15 -16.20 27.12
C ASP F 170 -27.54 -16.05 26.50
N LEU F 171 -28.01 -17.14 25.87
CA LEU F 171 -29.24 -17.09 25.09
C LEU F 171 -30.41 -16.49 25.87
N LEU F 172 -30.65 -16.97 27.08
CA LEU F 172 -31.77 -16.48 27.88
C LEU F 172 -31.45 -15.22 28.66
N GLY F 173 -30.20 -14.75 28.63
CA GLY F 173 -29.85 -13.49 29.25
C GLY F 173 -29.71 -13.53 30.75
N GLU F 174 -29.26 -14.66 31.32
CA GLU F 174 -29.04 -14.74 32.75
C GLU F 174 -27.60 -14.44 33.16
N LYS F 175 -26.65 -14.56 32.24
CA LYS F 175 -25.24 -14.43 32.60
C LYS F 175 -24.47 -13.80 31.44
N ILE F 176 -23.33 -13.22 31.79
CA ILE F 176 -22.44 -12.56 30.83
C ILE F 176 -21.07 -13.24 30.90
N MET F 177 -20.42 -13.38 29.74
CA MET F 177 -19.05 -13.88 29.67
C MET F 177 -18.21 -12.84 28.94
N SER F 178 -17.26 -12.24 29.62
CA SER F 178 -16.39 -11.22 29.06
C SER F 178 -14.99 -11.76 28.85
N CYS F 179 -14.22 -11.07 28.01
CA CYS F 179 -12.83 -11.43 27.76
C CYS F 179 -12.05 -10.16 27.45
N GLY F 180 -10.73 -10.25 27.53
CA GLY F 180 -9.92 -9.07 27.32
C GLY F 180 -8.44 -9.37 27.17
N MET F 181 -7.66 -8.30 27.23
CA MET F 181 -6.22 -8.38 26.99
C MET F 181 -5.45 -8.92 28.17
N ASP F 182 -6.08 -9.08 29.33
CA ASP F 182 -5.41 -9.73 30.45
C ASP F 182 -5.43 -11.25 30.35
N HIS F 183 -5.71 -11.79 29.16
CA HIS F 183 -5.69 -13.21 28.82
C HIS F 183 -6.87 -13.98 29.39
N SER F 184 -7.81 -13.33 30.06
CA SER F 184 -8.74 -14.01 30.93
C SER F 184 -10.18 -13.83 30.47
N LEU F 185 -10.97 -14.89 30.67
CA LEU F 185 -12.42 -14.85 30.44
C LEU F 185 -13.11 -14.88 31.80
N LYS F 186 -14.13 -14.04 31.95
CA LYS F 186 -14.78 -13.86 33.25
C LYS F 186 -16.30 -13.95 33.10
N LEU F 187 -16.94 -14.61 34.05
CA LEU F 187 -18.37 -14.84 34.04
C LEU F 187 -19.06 -13.89 35.01
N TRP F 188 -20.09 -13.20 34.54
CA TRP F 188 -20.86 -12.24 35.34
C TRP F 188 -22.32 -12.64 35.30
N ARG F 189 -22.83 -13.19 36.40
CA ARG F 189 -24.22 -13.59 36.50
C ARG F 189 -25.08 -12.35 36.73
N ILE F 190 -26.06 -12.12 35.87
CA ILE F 190 -27.00 -11.02 36.04
C ILE F 190 -28.37 -11.49 36.49
N ASN F 191 -28.55 -12.79 36.71
CA ASN F 191 -29.74 -13.30 37.38
C ASN F 191 -29.56 -13.39 38.89
N SER F 192 -28.43 -12.91 39.42
CA SER F 192 -28.30 -12.77 40.86
C SER F 192 -29.42 -11.88 41.39
N LYS F 193 -29.76 -12.06 42.67
CA LYS F 193 -30.76 -11.20 43.27
C LYS F 193 -30.23 -9.79 43.51
N ARG F 194 -28.91 -9.66 43.68
CA ARG F 194 -28.32 -8.33 43.74
C ARG F 194 -28.52 -7.60 42.42
N MET F 195 -28.17 -8.26 41.31
CA MET F 195 -28.32 -7.65 39.99
C MET F 195 -29.80 -7.52 39.61
N MET F 196 -30.62 -8.50 39.96
CA MET F 196 -32.05 -8.42 39.65
C MET F 196 -32.68 -7.20 40.32
N ASN F 197 -32.35 -6.97 41.60
CA ASN F 197 -32.87 -5.80 42.28
C ASN F 197 -32.28 -4.51 41.72
N ALA F 198 -31.07 -4.56 41.17
CA ALA F 198 -30.49 -3.37 40.56
C ALA F 198 -31.21 -3.02 39.26
N ILE F 199 -31.60 -4.04 38.48
CA ILE F 199 -32.33 -3.78 37.25
C ILE F 199 -33.74 -3.29 37.56
N LYS F 200 -34.35 -3.78 38.63
CA LYS F 200 -35.70 -3.35 38.95
C LYS F 200 -35.74 -1.89 39.39
N GLU F 201 -34.76 -1.47 40.19
CA GLU F 201 -34.73 -0.10 40.67
C GLU F 201 -34.16 0.85 39.62
N SER F 202 -33.47 0.31 38.61
CA SER F 202 -33.14 1.10 37.43
C SER F 202 -34.41 1.59 36.74
N TYR F 203 -35.48 0.80 36.80
CA TYR F 203 -36.78 1.17 36.26
C TYR F 203 -37.62 1.98 37.25
N ASP F 204 -37.49 1.70 38.55
CA ASP F 204 -38.29 2.39 39.57
C ASP F 204 -37.80 3.80 39.85
N TYR F 205 -36.63 4.17 39.33
CA TYR F 205 -36.05 5.47 39.64
C TYR F 205 -36.77 6.57 38.89
N ASN F 206 -37.00 7.69 39.57
CA ASN F 206 -37.67 8.85 39.00
C ASN F 206 -37.32 10.10 39.80
N PRO F 207 -36.70 11.12 39.17
CA PRO F 207 -36.37 12.39 39.83
C PRO F 207 -37.62 13.22 40.18
N PHE F 214 -28.05 8.73 41.28
CA PHE F 214 -28.63 7.39 41.26
C PHE F 214 -27.61 6.32 41.70
N ILE F 215 -28.10 5.27 42.33
CA ILE F 215 -27.24 4.21 42.86
C ILE F 215 -26.80 3.30 41.72
N SER F 216 -25.50 3.23 41.48
CA SER F 216 -24.91 2.32 40.51
C SER F 216 -24.11 1.26 41.26
N GLN F 217 -24.41 0.00 40.97
CA GLN F 217 -23.81 -1.10 41.71
C GLN F 217 -22.47 -1.49 41.08
N LYS F 218 -21.43 -1.56 41.91
CA LYS F 218 -20.08 -1.86 41.45
C LYS F 218 -19.77 -3.31 41.81
N ILE F 219 -19.77 -4.18 40.80
CA ILE F 219 -19.55 -5.60 41.01
C ILE F 219 -18.05 -5.87 40.89
N HIS F 220 -17.41 -6.17 42.02
CA HIS F 220 -15.97 -6.32 42.06
C HIS F 220 -15.52 -7.73 41.68
N PHE F 221 -16.31 -8.74 42.02
CA PHE F 221 -15.90 -10.14 41.85
C PHE F 221 -16.79 -10.82 40.83
N PRO F 222 -16.23 -11.53 39.86
CA PRO F 222 -17.03 -12.32 38.94
C PRO F 222 -17.43 -13.65 39.57
N ASP F 223 -18.33 -14.36 38.90
CA ASP F 223 -18.80 -15.65 39.36
C ASP F 223 -17.99 -16.81 38.79
N PHE F 224 -17.00 -16.53 37.95
CA PHE F 224 -16.01 -17.48 37.46
C PHE F 224 -14.95 -16.70 36.70
N SER F 225 -13.73 -17.22 36.73
CA SER F 225 -12.60 -16.59 36.05
C SER F 225 -11.60 -17.65 35.65
N THR F 226 -11.05 -17.53 34.45
CA THR F 226 -9.98 -18.40 33.99
C THR F 226 -9.04 -17.61 33.09
N ARG F 227 -7.75 -17.94 33.19
CA ARG F 227 -6.71 -17.43 32.29
C ARG F 227 -5.95 -18.58 31.63
N ASP F 228 -6.52 -19.79 31.59
CA ASP F 228 -5.82 -20.97 31.11
C ASP F 228 -6.38 -21.51 29.80
N ILE F 229 -7.21 -20.74 29.10
CA ILE F 229 -7.68 -21.15 27.78
C ILE F 229 -6.73 -20.69 26.69
N HIS F 230 -6.42 -19.41 26.66
CA HIS F 230 -5.47 -18.86 25.70
C HIS F 230 -4.27 -18.29 26.45
N ARG F 231 -3.16 -18.14 25.73
CA ARG F 231 -1.93 -17.59 26.27
C ARG F 231 -1.66 -16.16 25.80
N ASN F 232 -2.66 -15.50 25.21
CA ASN F 232 -2.53 -14.11 24.80
C ASN F 232 -3.89 -13.44 24.93
N TYR F 233 -3.98 -12.19 24.48
CA TYR F 233 -5.23 -11.43 24.53
C TYR F 233 -6.37 -12.24 23.92
N VAL F 234 -7.50 -12.29 24.62
CA VAL F 234 -8.73 -12.84 24.08
C VAL F 234 -9.54 -11.67 23.53
N ASP F 235 -9.86 -11.72 22.23
CA ASP F 235 -10.48 -10.58 21.57
C ASP F 235 -11.87 -10.89 21.03
N CYS F 236 -12.44 -12.05 21.34
CA CYS F 236 -13.82 -12.35 20.96
C CYS F 236 -14.35 -13.55 21.73
N VAL F 237 -15.57 -13.43 22.27
CA VAL F 237 -16.19 -14.50 23.07
C VAL F 237 -17.67 -14.54 22.75
N ARG F 238 -18.20 -15.76 22.58
CA ARG F 238 -19.62 -15.96 22.35
C ARG F 238 -20.06 -17.26 22.99
N TRP F 239 -21.24 -17.25 23.62
CA TRP F 239 -21.82 -18.47 24.17
C TRP F 239 -22.29 -19.39 23.05
N LEU F 240 -22.07 -20.69 23.24
CA LEU F 240 -22.66 -21.73 22.39
C LEU F 240 -23.53 -22.58 23.32
N GLY F 241 -24.72 -22.06 23.65
CA GLY F 241 -25.55 -22.68 24.66
C GLY F 241 -24.97 -22.49 26.04
N ASP F 242 -24.50 -23.58 26.64
CA ASP F 242 -23.79 -23.52 27.92
C ASP F 242 -22.29 -23.64 27.75
N LEU F 243 -21.80 -23.77 26.53
CA LEU F 243 -20.38 -23.81 26.23
C LEU F 243 -19.92 -22.44 25.75
N ILE F 244 -18.60 -22.26 25.72
CA ILE F 244 -17.97 -20.98 25.39
C ILE F 244 -17.13 -21.13 24.12
N LEU F 245 -17.25 -20.16 23.22
CA LEU F 245 -16.39 -20.05 22.05
C LEU F 245 -15.58 -18.77 22.19
N SER F 246 -14.25 -18.90 22.13
CA SER F 246 -13.39 -17.75 22.27
C SER F 246 -12.10 -17.98 21.50
N LYS F 247 -11.58 -16.90 20.92
CA LYS F 247 -10.42 -16.96 20.04
C LYS F 247 -9.36 -15.95 20.48
N SER F 248 -8.21 -16.03 19.83
CA SER F 248 -7.14 -15.07 20.04
C SER F 248 -6.19 -15.22 18.84
N CYS F 249 -4.96 -14.74 18.99
CA CYS F 249 -4.03 -14.68 17.86
C CYS F 249 -3.36 -16.01 17.57
N GLU F 250 -3.78 -17.12 18.19
CA GLU F 250 -3.19 -18.42 17.91
C GLU F 250 -3.94 -19.19 16.83
N ASN F 251 -4.74 -18.51 16.01
CA ASN F 251 -5.40 -19.08 14.84
C ASN F 251 -6.31 -20.26 15.20
N ALA F 252 -7.14 -20.08 16.21
CA ALA F 252 -8.11 -21.11 16.58
C ALA F 252 -9.22 -20.48 17.41
N ILE F 253 -10.45 -20.92 17.15
CA ILE F 253 -11.57 -20.67 18.04
C ILE F 253 -11.71 -21.88 18.95
N VAL F 254 -11.52 -21.68 20.25
CA VAL F 254 -11.52 -22.77 21.22
C VAL F 254 -12.89 -22.88 21.84
N CYS F 255 -13.44 -24.09 21.83
CA CYS F 255 -14.71 -24.38 22.49
C CYS F 255 -14.42 -25.03 23.84
N TRP F 256 -14.82 -24.36 24.92
CA TRP F 256 -14.47 -24.80 26.27
C TRP F 256 -15.66 -24.57 27.19
N LYS F 257 -15.53 -25.02 28.44
CA LYS F 257 -16.57 -24.85 29.44
C LYS F 257 -15.92 -24.76 30.81
N PRO F 258 -16.51 -24.00 31.74
CA PRO F 258 -15.96 -23.94 33.10
C PRO F 258 -16.20 -25.24 33.85
N GLY F 259 -15.23 -25.61 34.67
CA GLY F 259 -15.33 -26.83 35.46
C GLY F 259 -14.92 -28.07 34.68
N LYS F 260 -15.24 -29.22 35.26
CA LYS F 260 -14.97 -30.49 34.62
C LYS F 260 -16.08 -30.83 33.62
N MET F 261 -15.93 -31.98 32.95
CA MET F 261 -16.82 -32.32 31.84
C MET F 261 -18.28 -32.35 32.29
N GLU F 262 -18.55 -32.92 33.45
CA GLU F 262 -19.91 -33.12 33.92
C GLU F 262 -20.43 -31.95 34.76
N ASP F 263 -19.63 -30.92 34.96
CA ASP F 263 -20.01 -29.84 35.87
C ASP F 263 -21.03 -28.92 35.21
N ASP F 264 -22.15 -28.69 35.91
CA ASP F 264 -23.23 -27.87 35.38
C ASP F 264 -22.88 -26.39 35.49
N ILE F 265 -23.26 -25.62 34.47
CA ILE F 265 -22.86 -24.22 34.39
C ILE F 265 -23.44 -23.41 35.55
N ASP F 266 -24.69 -23.68 35.93
CA ASP F 266 -25.34 -22.89 36.96
C ASP F 266 -24.99 -23.36 38.37
N LYS F 267 -24.19 -24.41 38.50
CA LYS F 267 -23.66 -24.84 39.78
C LYS F 267 -22.20 -24.47 39.96
N ILE F 268 -21.58 -23.86 38.94
CA ILE F 268 -20.17 -23.49 38.98
C ILE F 268 -19.97 -22.38 40.01
N LYS F 269 -19.19 -22.68 41.05
CA LYS F 269 -18.85 -21.68 42.05
C LYS F 269 -17.74 -20.76 41.53
N PRO F 270 -17.60 -19.56 42.12
CA PRO F 270 -16.48 -18.70 41.72
C PRO F 270 -15.12 -19.33 41.97
N SER F 271 -15.03 -20.20 42.98
CA SER F 271 -13.77 -20.87 43.30
C SER F 271 -13.29 -21.81 42.22
N GLU F 272 -14.17 -22.16 41.27
CA GLU F 272 -13.89 -23.24 40.32
C GLU F 272 -12.55 -23.04 39.63
N SER F 273 -11.64 -23.97 39.88
CA SER F 273 -10.27 -23.92 39.41
C SER F 273 -10.03 -24.65 38.10
N ASN F 274 -11.04 -25.36 37.58
CA ASN F 274 -10.88 -26.22 36.41
C ASN F 274 -11.61 -25.64 35.21
N VAL F 275 -11.14 -26.04 34.02
CA VAL F 275 -11.84 -25.81 32.77
C VAL F 275 -11.72 -27.08 31.94
N THR F 276 -12.67 -27.24 31.02
CA THR F 276 -12.64 -28.36 30.08
C THR F 276 -12.68 -27.81 28.67
N ILE F 277 -11.69 -28.16 27.87
CA ILE F 277 -11.59 -27.71 26.49
C ILE F 277 -12.07 -28.86 25.60
N LEU F 278 -13.21 -28.65 24.93
CA LEU F 278 -13.83 -29.71 24.14
C LEU F 278 -13.11 -29.89 22.81
N GLY F 279 -12.85 -28.80 22.11
CA GLY F 279 -12.23 -28.89 20.81
C GLY F 279 -11.74 -27.54 20.34
N ARG F 280 -11.31 -27.50 19.08
CA ARG F 280 -10.74 -26.29 18.49
C ARG F 280 -11.14 -26.20 17.02
N PHE F 281 -11.70 -25.06 16.64
CA PHE F 281 -11.94 -24.73 15.24
C PHE F 281 -10.68 -24.07 14.71
N ASP F 282 -9.91 -24.79 13.90
CA ASP F 282 -8.62 -24.30 13.43
C ASP F 282 -8.78 -23.60 12.08
N TYR F 283 -8.15 -22.44 11.95
CA TYR F 283 -8.10 -21.67 10.71
C TYR F 283 -6.67 -21.17 10.55
N SER F 284 -6.44 -20.24 9.63
CA SER F 284 -5.09 -19.73 9.45
C SER F 284 -5.13 -18.27 9.02
N GLN F 285 -4.03 -17.56 9.32
CA GLN F 285 -3.81 -16.16 8.96
C GLN F 285 -4.91 -15.26 9.55
N CYS F 286 -5.03 -15.33 10.88
CA CYS F 286 -5.89 -14.41 11.63
C CYS F 286 -5.22 -14.02 12.94
N ASP F 287 -3.92 -13.75 12.90
CA ASP F 287 -3.14 -13.46 14.09
C ASP F 287 -3.14 -11.98 14.46
N ILE F 288 -3.78 -11.11 13.68
CA ILE F 288 -3.88 -9.70 14.07
C ILE F 288 -5.06 -9.52 15.02
N TRP F 289 -5.05 -8.41 15.75
CA TRP F 289 -5.97 -8.19 16.86
C TRP F 289 -7.28 -7.55 16.40
N TYR F 290 -8.34 -7.82 17.18
CA TYR F 290 -9.69 -7.31 16.94
C TYR F 290 -10.27 -7.86 15.64
N MET F 291 -10.28 -9.19 15.53
CA MET F 291 -10.97 -9.88 14.46
C MET F 291 -12.04 -10.76 15.10
N ARG F 292 -13.30 -10.39 14.92
CA ARG F 292 -14.41 -10.99 15.66
C ARG F 292 -15.16 -11.99 14.80
N PHE F 293 -15.59 -13.08 15.42
CA PHE F 293 -16.36 -14.11 14.74
C PHE F 293 -17.84 -13.99 15.10
N SER F 294 -18.67 -14.65 14.31
CA SER F 294 -20.11 -14.47 14.39
C SER F 294 -20.83 -15.79 14.21
N MET F 295 -22.09 -15.81 14.64
CA MET F 295 -22.99 -16.94 14.41
C MET F 295 -24.33 -16.41 13.93
N ASP F 296 -25.16 -17.32 13.41
CA ASP F 296 -26.51 -16.96 13.03
C ASP F 296 -27.43 -17.01 14.25
N PHE F 297 -28.68 -16.59 14.07
CA PHE F 297 -29.61 -16.58 15.19
C PHE F 297 -29.82 -17.97 15.76
N TRP F 298 -30.00 -18.96 14.88
CA TRP F 298 -30.22 -20.33 15.32
C TRP F 298 -28.95 -21.02 15.78
N GLN F 299 -27.81 -20.32 15.73
CA GLN F 299 -26.53 -20.85 16.21
C GLN F 299 -26.19 -22.17 15.55
N LYS F 300 -26.52 -22.28 14.26
CA LYS F 300 -26.17 -23.46 13.48
C LYS F 300 -24.91 -23.27 12.64
N MET F 301 -24.51 -22.02 12.39
CA MET F 301 -23.32 -21.74 11.60
C MET F 301 -22.38 -20.83 12.38
N LEU F 302 -21.10 -20.92 12.05
CA LEU F 302 -20.06 -20.11 12.65
C LEU F 302 -19.19 -19.52 11.55
N ALA F 303 -19.02 -18.20 11.56
CA ALA F 303 -18.30 -17.51 10.50
C ALA F 303 -17.19 -16.63 11.08
N LEU F 304 -16.04 -16.61 10.40
CA LEU F 304 -14.92 -15.76 10.76
C LEU F 304 -14.12 -15.43 9.50
N GLY F 305 -13.80 -14.15 9.33
CA GLY F 305 -12.97 -13.71 8.22
C GLY F 305 -11.55 -13.52 8.71
N ASN F 306 -10.60 -13.59 7.78
CA ASN F 306 -9.19 -13.51 8.15
C ASN F 306 -8.54 -12.28 7.53
N GLN F 307 -7.24 -12.10 7.79
CA GLN F 307 -6.57 -10.86 7.43
C GLN F 307 -6.18 -10.78 5.96
N VAL F 308 -6.45 -11.81 5.16
CA VAL F 308 -6.10 -11.76 3.75
C VAL F 308 -7.34 -11.92 2.86
N GLY F 309 -8.54 -11.72 3.42
CA GLY F 309 -9.75 -11.66 2.64
C GLY F 309 -10.55 -12.94 2.53
N LYS F 310 -10.11 -14.02 3.18
CA LYS F 310 -10.84 -15.27 3.14
C LYS F 310 -11.82 -15.35 4.31
N LEU F 311 -12.92 -16.09 4.09
CA LEU F 311 -14.01 -16.17 5.06
C LEU F 311 -14.34 -17.64 5.31
N TYR F 312 -14.22 -18.07 6.56
CA TYR F 312 -14.45 -19.46 6.95
C TYR F 312 -15.84 -19.60 7.57
N VAL F 313 -16.58 -20.62 7.13
CA VAL F 313 -17.90 -20.89 7.68
C VAL F 313 -17.96 -22.35 8.12
N TRP F 314 -18.39 -22.58 9.37
CA TRP F 314 -18.45 -23.90 9.96
C TRP F 314 -19.88 -24.35 10.19
N ASP F 315 -20.10 -25.66 10.14
CA ASP F 315 -21.38 -26.26 10.50
C ASP F 315 -21.29 -26.71 11.96
N LEU F 316 -21.97 -25.99 12.85
CA LEU F 316 -21.88 -26.28 14.28
C LEU F 316 -22.75 -27.46 14.70
N GLU F 317 -23.53 -28.03 13.80
CA GLU F 317 -24.49 -29.07 14.16
C GLU F 317 -24.03 -30.47 13.81
N VAL F 318 -22.86 -30.63 13.19
CA VAL F 318 -22.40 -31.96 12.80
C VAL F 318 -21.86 -32.69 14.01
N GLU F 319 -21.51 -33.97 13.83
CA GLU F 319 -21.15 -34.83 14.94
C GLU F 319 -19.99 -34.25 15.75
N ASP F 320 -18.87 -33.98 15.07
CA ASP F 320 -17.65 -33.47 15.69
C ASP F 320 -17.29 -32.16 14.99
N PRO F 321 -17.92 -31.05 15.41
CA PRO F 321 -17.66 -29.77 14.71
C PRO F 321 -16.20 -29.34 14.75
N HIS F 322 -15.51 -29.61 15.87
CA HIS F 322 -14.13 -29.20 16.02
C HIS F 322 -13.21 -29.96 15.06
N LYS F 323 -13.59 -31.17 14.67
CA LYS F 323 -12.80 -32.00 13.78
C LYS F 323 -13.33 -31.97 12.34
N ALA F 324 -14.33 -31.15 12.05
CA ALA F 324 -14.98 -31.14 10.75
C ALA F 324 -14.43 -30.02 9.87
N LYS F 325 -14.41 -30.29 8.56
CA LYS F 325 -13.94 -29.34 7.57
C LYS F 325 -14.90 -28.15 7.47
N CYS F 326 -14.36 -27.00 7.08
CA CYS F 326 -15.13 -25.79 6.92
C CYS F 326 -15.21 -25.38 5.45
N THR F 327 -16.21 -24.54 5.15
CA THR F 327 -16.36 -23.96 3.83
C THR F 327 -15.60 -22.64 3.78
N THR F 328 -14.74 -22.50 2.77
CA THR F 328 -13.91 -21.32 2.61
C THR F 328 -14.46 -20.45 1.49
N LEU F 329 -14.87 -19.22 1.83
CA LEU F 329 -15.41 -18.29 0.86
C LEU F 329 -14.31 -17.31 0.46
N THR F 330 -13.88 -17.39 -0.79
CA THR F 330 -12.79 -16.54 -1.27
C THR F 330 -13.13 -15.97 -2.63
N HIS F 331 -12.74 -14.71 -2.84
CA HIS F 331 -12.91 -14.01 -4.10
C HIS F 331 -11.59 -13.37 -4.49
N HIS F 332 -11.31 -13.35 -5.80
CA HIS F 332 -10.02 -12.85 -6.28
C HIS F 332 -9.79 -11.41 -5.90
N LYS F 333 -10.84 -10.59 -5.92
CA LYS F 333 -10.74 -9.17 -5.61
C LYS F 333 -10.86 -8.85 -4.13
N CYS F 334 -10.98 -9.87 -3.27
CA CYS F 334 -11.14 -9.68 -1.81
C CYS F 334 -9.88 -10.14 -1.08
N GLY F 335 -9.02 -9.19 -0.73
CA GLY F 335 -7.78 -9.53 -0.04
C GLY F 335 -7.52 -8.68 1.18
N ALA F 336 -8.51 -7.90 1.60
CA ALA F 336 -8.39 -7.07 2.78
C ALA F 336 -8.90 -7.81 4.01
N ALA F 337 -8.44 -7.37 5.18
CA ALA F 337 -8.78 -8.06 6.41
C ALA F 337 -10.27 -7.89 6.73
N ILE F 338 -10.95 -9.01 6.94
CA ILE F 338 -12.39 -9.00 7.25
C ILE F 338 -12.54 -8.79 8.76
N ARG F 339 -13.13 -7.67 9.16
CA ARG F 339 -13.17 -7.29 10.56
C ARG F 339 -14.35 -7.90 11.30
N GLN F 340 -15.47 -8.11 10.62
CA GLN F 340 -16.66 -8.69 11.25
C GLN F 340 -17.60 -9.19 10.17
N THR F 341 -18.30 -10.28 10.48
CA THR F 341 -19.33 -10.82 9.60
C THR F 341 -20.68 -10.78 10.30
N SER F 342 -21.74 -10.97 9.51
CA SER F 342 -23.09 -10.94 10.06
C SER F 342 -24.03 -11.73 9.15
N PHE F 343 -24.72 -12.71 9.72
CA PHE F 343 -25.79 -13.40 9.02
C PHE F 343 -27.09 -12.62 9.14
N SER F 344 -27.91 -12.71 8.10
CA SER F 344 -29.31 -12.31 8.27
C SER F 344 -29.98 -13.27 9.26
N ARG F 345 -31.19 -12.90 9.70
CA ARG F 345 -31.85 -13.71 10.71
C ARG F 345 -32.13 -15.11 10.18
N ASP F 346 -32.61 -15.22 8.94
CA ASP F 346 -32.88 -16.51 8.32
C ASP F 346 -31.62 -17.18 7.76
N SER F 347 -30.44 -16.61 8.02
CA SER F 347 -29.16 -17.15 7.56
C SER F 347 -29.07 -17.23 6.04
N SER F 348 -29.86 -16.44 5.32
CA SER F 348 -29.80 -16.48 3.86
C SER F 348 -28.63 -15.67 3.32
N ILE F 349 -28.25 -14.60 4.01
CA ILE F 349 -27.22 -13.68 3.54
C ILE F 349 -26.16 -13.55 4.62
N LEU F 350 -24.89 -13.49 4.19
CA LEU F 350 -23.75 -13.28 5.07
C LEU F 350 -22.95 -12.11 4.53
N ILE F 351 -22.79 -11.06 5.36
CA ILE F 351 -22.10 -9.85 4.96
C ILE F 351 -20.75 -9.79 5.67
N ALA F 352 -19.74 -9.30 4.96
CA ALA F 352 -18.40 -9.13 5.52
C ALA F 352 -17.89 -7.74 5.17
N VAL F 353 -17.31 -7.06 6.16
CA VAL F 353 -16.72 -5.74 5.98
C VAL F 353 -15.21 -5.84 6.23
N CYS F 354 -14.44 -4.99 5.54
CA CYS F 354 -12.99 -5.13 5.46
C CYS F 354 -12.30 -3.80 5.77
N ASP F 355 -10.99 -3.89 6.02
CA ASP F 355 -10.17 -2.72 6.34
C ASP F 355 -10.07 -1.71 5.20
N ASP F 356 -10.51 -2.06 3.99
CA ASP F 356 -10.48 -1.14 2.86
C ASP F 356 -11.87 -0.58 2.55
N ALA F 357 -12.74 -0.54 3.55
CA ALA F 357 -14.09 0.01 3.43
C ALA F 357 -14.98 -0.77 2.47
N SER F 358 -14.65 -2.02 2.19
CA SER F 358 -15.41 -2.83 1.25
C SER F 358 -16.44 -3.69 1.97
N ILE F 359 -17.50 -4.05 1.25
CA ILE F 359 -18.59 -4.85 1.77
C ILE F 359 -18.85 -6.01 0.80
N TRP F 360 -18.87 -7.23 1.33
CA TRP F 360 -19.01 -8.43 0.50
C TRP F 360 -20.26 -9.19 0.90
N ARG F 361 -21.12 -9.46 -0.07
CA ARG F 361 -22.39 -10.14 0.17
C ARG F 361 -22.29 -11.58 -0.32
N TRP F 362 -22.57 -12.53 0.57
CA TRP F 362 -22.55 -13.94 0.25
C TRP F 362 -23.95 -14.51 0.49
N ASP F 363 -24.51 -15.14 -0.54
CA ASP F 363 -25.87 -15.66 -0.50
C ASP F 363 -25.82 -17.19 -0.42
N ARG F 364 -26.54 -17.75 0.56
CA ARG F 364 -26.55 -19.19 0.75
C ARG F 364 -27.27 -19.90 -0.39
N LEU F 365 -26.79 -21.08 -0.75
CA LEU F 365 -27.40 -21.88 -1.81
C LEU F 365 -28.25 -23.00 -1.21
#